data_6ZA6
#
_entry.id   6ZA6
#
_cell.length_a   88.04
_cell.length_b   116.9
_cell.length_c   94.09
_cell.angle_alpha   90
_cell.angle_beta   91.6
_cell.angle_gamma   90
#
_symmetry.space_group_name_H-M   'P 1 21 1'
#
loop_
_entity.id
_entity.type
_entity.pdbx_description
1 polymer 'Salicylate synthase'
2 non-polymer GLYCEROL
3 non-polymer 'PHOSPHATE ION'
4 non-polymer 'CHLORIDE ION'
5 non-polymer 'BARIUM ION'
6 water water
#
_entity_poly.entity_id   1
_entity_poly.type   'polypeptide(L)'
_entity_poly.pdbx_seq_one_letter_code
;GHMSELSVATGAVSTASSSIPMPAGVNPADLAAELAAVVTESVDEDYLLYECDGQWVLAAGVQAMVELDSDELRVIRDGV
TRRQQWSGRPGAALGEAVDRLLLETDQAFGWVAFEFGVHRYGLQQRLAPHTPLARVFSPRTRIMVSEKEIRLFDAGIRHR
EAIDRLLATGVREVPQSRSVDVSDDPSGFRRRVAVAVDEIAAGRYHKVILSRCVEVPFAIDFPLTYRLGRRHNTPVRSFL
LQLGGIRALGYSPELVTAVRADGVVITEPLAGTRALGRGPAIDRLARDDLESNSKEIVEHAISVRSSLEEITDIAEPGSA
AVIDFMTVRERGSVQHLGSTIRARLDPSSDRMAALEALFPAVTASGIPKAAGVEAIFRLDECPRGLYSGAVVMLSADGGL
DAALTLRAAYQVGGRTWLRAGAGIIEESEPEREFEETCEKLSTLTPYLVARQ
;
_entity_poly.pdbx_strand_id   A,B,C,D
#
loop_
_chem_comp.id
_chem_comp.type
_chem_comp.name
_chem_comp.formula
BA non-polymer 'BARIUM ION' 'Ba 2'
CL non-polymer 'CHLORIDE ION' 'Cl -1'
GOL non-polymer GLYCEROL 'C3 H8 O3'
PO4 non-polymer 'PHOSPHATE ION' 'O4 P -3'
#
# COMPACT_ATOMS: atom_id res chain seq x y z
N SER A 17 0.40 -16.69 -43.84
CA SER A 17 1.72 -16.11 -43.65
C SER A 17 2.35 -16.58 -42.35
N SER A 18 3.71 -16.79 -42.35
CA SER A 18 4.54 -17.28 -41.22
C SER A 18 3.81 -18.36 -40.44
N SER A 19 3.55 -19.46 -41.12
CA SER A 19 2.73 -20.51 -40.56
C SER A 19 3.39 -21.89 -40.67
N ILE A 20 2.95 -22.79 -39.81
CA ILE A 20 3.34 -24.19 -39.75
C ILE A 20 2.05 -25.00 -39.74
N PRO A 21 1.88 -26.01 -40.60
CA PRO A 21 0.66 -26.82 -40.53
C PRO A 21 0.60 -27.58 -39.22
N MET A 22 -0.60 -27.70 -38.66
CA MET A 22 -0.80 -28.42 -37.40
C MET A 22 -0.53 -29.90 -37.62
N PRO A 23 0.36 -30.53 -36.83
CA PRO A 23 0.63 -31.97 -37.03
C PRO A 23 -0.62 -32.80 -36.78
N ALA A 24 -0.83 -33.84 -37.59
CA ALA A 24 -1.97 -34.72 -37.45
C ALA A 24 -1.97 -35.42 -36.09
N GLY A 25 -3.14 -35.61 -35.52
CA GLY A 25 -3.27 -36.25 -34.21
C GLY A 25 -2.94 -35.37 -33.04
N VAL A 26 -2.61 -34.10 -33.28
CA VAL A 26 -2.30 -33.17 -32.19
C VAL A 26 -3.46 -32.18 -32.01
N ASN A 27 -3.90 -32.02 -30.77
CA ASN A 27 -4.99 -31.13 -30.43
C ASN A 27 -4.44 -29.72 -30.04
N PRO A 28 -5.06 -28.65 -30.58
CA PRO A 28 -4.52 -27.31 -30.37
C PRO A 28 -4.35 -26.89 -28.91
N ALA A 29 -5.31 -27.25 -28.05
CA ALA A 29 -5.20 -26.88 -26.62
C ALA A 29 -3.91 -27.47 -26.00
N ASP A 30 -3.59 -28.73 -26.33
CA ASP A 30 -2.40 -29.42 -25.84
C ASP A 30 -1.13 -28.76 -26.37
N LEU A 31 -1.04 -28.53 -27.69
CA LEU A 31 0.15 -27.93 -28.28
C LEU A 31 0.38 -26.49 -27.76
N ALA A 32 -0.69 -25.65 -27.66
CA ALA A 32 -0.57 -24.28 -27.15
C ALA A 32 -0.07 -24.29 -25.70
N ALA A 33 -0.63 -25.18 -24.87
CA ALA A 33 -0.21 -25.23 -23.46
C ALA A 33 1.23 -25.73 -23.35
N GLU A 34 1.62 -26.69 -24.22
CA GLU A 34 3.00 -27.17 -24.24
C GLU A 34 3.96 -26.04 -24.63
N LEU A 35 3.60 -25.25 -25.66
CA LEU A 35 4.38 -24.10 -26.11
C LEU A 35 4.52 -23.07 -24.98
N ALA A 36 3.43 -22.85 -24.26
CA ALA A 36 3.43 -21.90 -23.15
C ALA A 36 4.36 -22.38 -22.05
N ALA A 37 4.33 -23.67 -21.73
CA ALA A 37 5.15 -24.22 -20.68
C ALA A 37 6.64 -24.26 -21.04
N VAL A 38 7.01 -24.76 -22.22
CA VAL A 38 8.41 -24.98 -22.55
C VAL A 38 9.10 -23.77 -23.19
N VAL A 39 8.47 -23.12 -24.16
CA VAL A 39 9.11 -22.00 -24.86
C VAL A 39 9.36 -20.83 -23.89
N THR A 40 8.32 -20.39 -23.20
CA THR A 40 8.43 -19.26 -22.26
C THR A 40 9.43 -19.55 -21.13
N GLU A 41 9.38 -20.75 -20.52
CA GLU A 41 10.33 -21.10 -19.44
C GLU A 41 11.77 -21.04 -19.91
N SER A 42 12.07 -21.50 -21.15
CA SER A 42 13.44 -21.49 -21.68
C SER A 42 14.01 -20.05 -21.77
N VAL A 43 13.16 -19.04 -21.92
CA VAL A 43 13.63 -17.64 -21.97
C VAL A 43 13.25 -16.84 -20.67
N ASP A 44 12.66 -17.51 -19.68
CA ASP A 44 12.25 -16.97 -18.39
C ASP A 44 11.32 -15.75 -18.56
N GLU A 45 10.27 -15.86 -19.39
CA GLU A 45 9.37 -14.73 -19.65
C GLU A 45 7.96 -14.98 -19.19
N ASP A 46 7.25 -13.89 -18.98
CA ASP A 46 5.84 -13.95 -18.63
C ASP A 46 5.01 -14.23 -19.89
N TYR A 47 3.76 -14.68 -19.70
CA TYR A 47 2.90 -14.98 -20.81
C TYR A 47 1.41 -15.05 -20.40
N LEU A 48 0.57 -15.03 -21.41
CA LEU A 48 -0.86 -15.19 -21.27
C LEU A 48 -1.35 -15.93 -22.52
N LEU A 49 -1.92 -17.09 -22.30
CA LEU A 49 -2.52 -17.94 -23.33
C LEU A 49 -4.03 -17.75 -23.26
N TYR A 50 -4.64 -17.33 -24.35
CA TYR A 50 -6.09 -17.08 -24.38
C TYR A 50 -6.75 -17.86 -25.52
N GLU A 51 -7.76 -18.65 -25.19
CA GLU A 51 -8.53 -19.42 -26.18
C GLU A 51 -9.81 -18.65 -26.54
N CYS A 52 -9.93 -18.29 -27.81
CA CYS A 52 -11.06 -17.54 -28.33
C CYS A 52 -11.46 -18.07 -29.71
N ASP A 53 -12.65 -18.67 -29.80
CA ASP A 53 -13.26 -19.21 -31.03
C ASP A 53 -12.31 -20.05 -31.90
N GLY A 54 -11.75 -21.10 -31.31
CA GLY A 54 -10.88 -22.02 -32.03
C GLY A 54 -9.45 -21.56 -32.19
N GLN A 55 -9.09 -20.38 -31.66
CA GLN A 55 -7.71 -19.88 -31.72
C GLN A 55 -7.12 -19.82 -30.32
N TRP A 56 -6.00 -20.52 -30.11
CA TRP A 56 -5.29 -20.48 -28.84
C TRP A 56 -4.14 -19.49 -29.04
N VAL A 57 -4.32 -18.28 -28.54
CA VAL A 57 -3.37 -17.21 -28.75
C VAL A 57 -2.40 -17.12 -27.59
N LEU A 58 -1.14 -17.47 -27.84
CA LEU A 58 -0.08 -17.38 -26.83
C LEU A 58 0.59 -16.00 -26.97
N ALA A 59 0.38 -15.15 -26.00
CA ALA A 59 1.01 -13.83 -25.93
C ALA A 59 2.24 -13.99 -25.06
N ALA A 60 3.41 -14.08 -25.68
CA ALA A 60 4.66 -14.38 -24.97
C ALA A 60 5.58 -13.16 -24.84
N GLY A 61 6.02 -12.94 -23.61
CA GLY A 61 6.95 -11.86 -23.27
C GLY A 61 6.22 -10.53 -23.06
N VAL A 62 6.78 -9.66 -22.23
CA VAL A 62 6.14 -8.37 -21.95
C VAL A 62 6.93 -7.23 -22.63
N GLN A 63 6.38 -6.68 -23.71
CA GLN A 63 7.00 -5.55 -24.42
C GLN A 63 6.70 -4.25 -23.65
N ALA A 64 5.47 -4.10 -23.18
CA ALA A 64 5.04 -2.96 -22.36
C ALA A 64 3.89 -3.39 -21.48
N MET A 65 3.87 -2.94 -20.23
CA MET A 65 2.84 -3.31 -19.27
C MET A 65 2.10 -2.08 -18.78
N VAL A 66 0.77 -2.13 -18.81
CA VAL A 66 -0.11 -1.13 -18.24
C VAL A 66 -0.64 -1.69 -16.90
N GLU A 67 -0.36 -1.00 -15.81
CA GLU A 67 -0.84 -1.37 -14.50
C GLU A 67 -1.81 -0.31 -14.00
N LEU A 68 -3.09 -0.61 -13.98
CA LEU A 68 -4.07 0.31 -13.44
C LEU A 68 -4.37 -0.10 -12.01
N ASP A 69 -4.06 0.78 -11.07
CA ASP A 69 -4.38 0.61 -9.65
C ASP A 69 -5.45 1.65 -9.26
N SER A 70 -6.05 1.48 -8.07
CA SER A 70 -7.07 2.39 -7.59
C SER A 70 -6.56 3.83 -7.49
N ASP A 71 -5.26 4.01 -7.18
CA ASP A 71 -4.69 5.35 -6.97
C ASP A 71 -3.64 5.77 -7.99
N GLU A 72 -3.36 4.96 -9.01
CA GLU A 72 -2.32 5.29 -9.97
C GLU A 72 -2.39 4.42 -11.21
N LEU A 73 -1.93 4.96 -12.32
CA LEU A 73 -1.79 4.24 -13.58
C LEU A 73 -0.29 4.22 -13.93
N ARG A 74 0.27 3.05 -14.21
CA ARG A 74 1.68 2.94 -14.57
C ARG A 74 1.85 2.30 -15.91
N VAL A 75 2.78 2.82 -16.70
CA VAL A 75 3.15 2.19 -17.98
C VAL A 75 4.65 1.86 -17.86
N ILE A 76 4.97 0.57 -17.93
CA ILE A 76 6.34 0.08 -17.78
C ILE A 76 6.82 -0.48 -19.10
N ARG A 77 7.87 0.13 -19.66
CA ARG A 77 8.44 -0.29 -20.94
C ARG A 77 9.96 -0.17 -20.90
N ASP A 78 10.68 -1.23 -21.29
CA ASP A 78 12.14 -1.24 -21.35
C ASP A 78 12.80 -0.78 -20.03
N GLY A 79 12.29 -1.28 -18.92
CA GLY A 79 12.79 -0.95 -17.59
C GLY A 79 12.38 0.39 -17.02
N VAL A 80 11.72 1.26 -17.82
CA VAL A 80 11.33 2.58 -17.33
C VAL A 80 9.84 2.61 -16.95
N THR A 81 9.58 3.07 -15.72
CA THR A 81 8.23 3.17 -15.22
C THR A 81 7.73 4.61 -15.32
N ARG A 82 6.62 4.82 -16.02
CA ARG A 82 5.98 6.12 -16.13
C ARG A 82 4.72 6.07 -15.24
N ARG A 83 4.65 6.94 -14.25
CA ARG A 83 3.54 6.97 -13.32
C ARG A 83 2.57 8.11 -13.65
N GLN A 84 1.28 7.83 -13.55
CA GLN A 84 0.22 8.78 -13.86
C GLN A 84 -0.88 8.79 -12.81
N GLN A 85 -1.29 9.99 -12.43
CA GLN A 85 -2.48 10.26 -11.65
C GLN A 85 -3.66 10.04 -12.61
N TRP A 86 -4.77 9.44 -12.15
CA TRP A 86 -5.95 9.36 -12.98
C TRP A 86 -7.20 9.71 -12.16
N SER A 87 -8.18 10.33 -12.82
CA SER A 87 -9.46 10.66 -12.18
C SER A 87 -10.63 10.26 -13.10
N GLY A 88 -11.80 10.11 -12.50
CA GLY A 88 -13.00 9.73 -13.24
C GLY A 88 -13.11 8.24 -13.45
N ARG A 89 -13.51 7.83 -14.66
CA ARG A 89 -13.76 6.43 -14.96
C ARG A 89 -12.47 5.62 -15.17
N PRO A 90 -12.35 4.46 -14.49
CA PRO A 90 -11.18 3.60 -14.69
C PRO A 90 -11.03 3.12 -16.15
N GLY A 91 -12.15 2.93 -16.84
CA GLY A 91 -12.21 2.51 -18.23
C GLY A 91 -11.60 3.53 -19.15
N ALA A 92 -11.78 4.81 -18.85
CA ALA A 92 -11.18 5.89 -19.65
C ALA A 92 -9.66 5.89 -19.47
N ALA A 93 -9.18 5.74 -18.22
CA ALA A 93 -7.75 5.71 -17.95
C ALA A 93 -7.10 4.47 -18.59
N LEU A 94 -7.71 3.28 -18.42
CA LEU A 94 -7.18 2.05 -19.00
C LEU A 94 -7.21 2.12 -20.54
N GLY A 95 -8.32 2.60 -21.08
CA GLY A 95 -8.55 2.71 -22.51
C GLY A 95 -7.54 3.62 -23.20
N GLU A 96 -7.24 4.76 -22.60
CA GLU A 96 -6.26 5.68 -23.17
C GLU A 96 -4.86 5.03 -23.22
N ALA A 97 -4.46 4.32 -22.14
CA ALA A 97 -3.15 3.67 -22.10
C ALA A 97 -3.09 2.46 -23.06
N VAL A 98 -4.14 1.65 -23.11
CA VAL A 98 -4.17 0.47 -23.97
C VAL A 98 -4.21 0.90 -25.44
N ASP A 99 -4.93 1.99 -25.77
CA ASP A 99 -4.97 2.47 -27.17
C ASP A 99 -3.54 2.85 -27.63
N ARG A 100 -2.72 3.44 -26.72
CA ARG A 100 -1.33 3.79 -27.02
C ARG A 100 -0.51 2.53 -27.28
N LEU A 101 -0.71 1.45 -26.48
CA LEU A 101 -0.02 0.16 -26.68
C LEU A 101 -0.28 -0.37 -28.08
N LEU A 102 -1.56 -0.29 -28.51
CA LEU A 102 -2.04 -0.82 -29.79
C LEU A 102 -1.63 0.01 -31.02
N LEU A 103 -0.98 1.16 -30.82
CA LEU A 103 -0.37 1.88 -31.93
C LEU A 103 0.90 1.12 -32.40
N GLU A 104 1.58 0.41 -31.49
CA GLU A 104 2.82 -0.31 -31.78
C GLU A 104 2.60 -1.79 -32.09
N THR A 105 1.63 -2.44 -31.41
CA THR A 105 1.36 -3.87 -31.63
C THR A 105 -0.11 -4.11 -31.99
N ASP A 106 -0.41 -5.23 -32.63
CA ASP A 106 -1.77 -5.51 -33.06
C ASP A 106 -2.69 -5.96 -31.93
N GLN A 107 -2.15 -6.56 -30.85
CA GLN A 107 -3.00 -7.05 -29.77
C GLN A 107 -2.38 -6.83 -28.40
N ALA A 108 -3.24 -6.69 -27.39
CA ALA A 108 -2.90 -6.53 -25.98
C ALA A 108 -3.72 -7.53 -25.17
N PHE A 109 -3.15 -8.04 -24.09
CA PHE A 109 -3.78 -9.07 -23.27
C PHE A 109 -3.64 -8.77 -21.80
N GLY A 110 -4.50 -9.37 -20.98
CA GLY A 110 -4.38 -9.22 -19.55
C GLY A 110 -5.59 -9.61 -18.75
N TRP A 111 -5.74 -8.99 -17.59
CA TRP A 111 -6.82 -9.25 -16.68
C TRP A 111 -7.33 -7.96 -16.08
N VAL A 112 -8.60 -7.97 -15.76
CA VAL A 112 -9.33 -6.90 -15.12
C VAL A 112 -9.89 -7.46 -13.81
N ALA A 113 -9.56 -6.83 -12.69
CA ALA A 113 -10.03 -7.28 -11.39
C ALA A 113 -11.53 -7.00 -11.20
N PHE A 114 -12.15 -7.72 -10.25
CA PHE A 114 -13.54 -7.44 -9.86
C PHE A 114 -13.68 -5.95 -9.43
N GLU A 115 -12.64 -5.42 -8.72
CA GLU A 115 -12.57 -4.07 -8.17
C GLU A 115 -12.66 -2.96 -9.26
N PHE A 116 -12.38 -3.31 -10.53
CA PHE A 116 -12.53 -2.35 -11.64
C PHE A 116 -13.99 -1.89 -11.79
N GLY A 117 -14.95 -2.75 -11.44
CA GLY A 117 -16.37 -2.46 -11.57
C GLY A 117 -17.04 -1.73 -10.42
N VAL A 118 -16.31 -1.35 -9.34
CA VAL A 118 -16.96 -0.67 -8.20
C VAL A 118 -17.16 0.86 -8.41
N HIS A 119 -16.36 1.47 -9.32
CA HIS A 119 -16.38 2.91 -9.56
C HIS A 119 -17.70 3.37 -10.15
N ARG A 120 -18.27 2.59 -11.07
CA ARG A 120 -19.54 2.98 -11.68
C ARG A 120 -20.68 3.03 -10.62
N TYR A 121 -20.54 2.34 -9.48
CA TYR A 121 -21.53 2.38 -8.42
C TYR A 121 -21.07 3.32 -7.25
N GLY A 122 -20.08 4.18 -7.48
CA GLY A 122 -19.58 5.13 -6.49
C GLY A 122 -19.01 4.53 -5.22
N LEU A 123 -18.51 3.29 -5.28
CA LEU A 123 -17.97 2.59 -4.11
C LEU A 123 -16.43 2.53 -4.04
N GLN A 124 -15.72 3.27 -4.91
CA GLN A 124 -14.25 3.24 -4.98
C GLN A 124 -13.54 3.72 -3.71
N GLN A 125 -14.17 4.56 -2.86
CA GLN A 125 -13.53 4.99 -1.61
C GLN A 125 -13.36 3.81 -0.63
N ARG A 126 -14.15 2.73 -0.81
CA ARG A 126 -14.05 1.52 0.00
C ARG A 126 -12.81 0.68 -0.37
N LEU A 127 -12.12 1.00 -1.49
CA LEU A 127 -10.92 0.27 -1.91
C LEU A 127 -9.72 0.76 -1.14
N ALA A 128 -8.85 -0.15 -0.72
CA ALA A 128 -7.61 0.21 -0.03
C ALA A 128 -6.62 0.87 -1.03
N PRO A 129 -5.62 1.62 -0.55
CA PRO A 129 -4.61 2.16 -1.49
C PRO A 129 -3.89 1.03 -2.24
N HIS A 130 -3.45 1.30 -3.46
CA HIS A 130 -2.71 0.35 -4.30
C HIS A 130 -3.54 -0.90 -4.65
N THR A 131 -4.89 -0.79 -4.69
CA THR A 131 -5.70 -1.95 -5.07
C THR A 131 -5.59 -2.17 -6.58
N PRO A 132 -5.15 -3.35 -7.04
CA PRO A 132 -5.07 -3.59 -8.49
C PRO A 132 -6.45 -3.57 -9.17
N LEU A 133 -6.54 -2.89 -10.30
CA LEU A 133 -7.77 -2.84 -11.10
C LEU A 133 -7.62 -3.59 -12.42
N ALA A 134 -6.45 -3.50 -13.04
CA ALA A 134 -6.19 -4.16 -14.34
C ALA A 134 -4.68 -4.23 -14.60
N ARG A 135 -4.29 -5.24 -15.38
CA ARG A 135 -2.94 -5.48 -15.85
C ARG A 135 -3.07 -5.85 -17.31
N VAL A 136 -2.64 -4.97 -18.21
CA VAL A 136 -2.78 -5.24 -19.66
C VAL A 136 -1.42 -5.00 -20.31
N PHE A 137 -0.93 -5.96 -21.10
CA PHE A 137 0.38 -5.84 -21.71
C PHE A 137 0.37 -6.10 -23.19
N SER A 138 1.34 -5.53 -23.89
N SER A 138 1.34 -5.53 -23.89
CA SER A 138 1.55 -5.83 -25.30
CA SER A 138 1.54 -5.82 -25.30
C SER A 138 2.64 -6.88 -25.34
C SER A 138 2.64 -6.89 -25.34
N PRO A 139 2.38 -8.03 -26.01
CA PRO A 139 3.39 -9.09 -26.04
C PRO A 139 4.53 -8.79 -27.01
N ARG A 140 5.68 -9.41 -26.76
CA ARG A 140 6.79 -9.31 -27.71
C ARG A 140 6.50 -10.21 -28.93
N THR A 141 5.90 -11.38 -28.67
CA THR A 141 5.63 -12.38 -29.70
C THR A 141 4.24 -12.99 -29.47
N ARG A 142 3.61 -13.38 -30.57
CA ARG A 142 2.33 -14.08 -30.48
C ARG A 142 2.40 -15.35 -31.29
N ILE A 143 1.97 -16.46 -30.70
CA ILE A 143 1.88 -17.75 -31.38
C ILE A 143 0.41 -18.18 -31.36
N MET A 144 -0.25 -18.28 -32.51
CA MET A 144 -1.66 -18.67 -32.57
C MET A 144 -1.80 -20.10 -33.04
N VAL A 145 -2.38 -20.95 -32.20
CA VAL A 145 -2.56 -22.35 -32.49
C VAL A 145 -4.02 -22.65 -32.73
N SER A 146 -4.32 -23.26 -33.87
CA SER A 146 -5.67 -23.67 -34.20
C SER A 146 -5.66 -25.14 -34.69
N GLU A 147 -6.84 -25.71 -34.95
CA GLU A 147 -6.93 -27.07 -35.48
C GLU A 147 -6.22 -27.19 -36.83
N LYS A 148 -6.10 -26.07 -37.60
CA LYS A 148 -5.49 -26.12 -38.92
C LYS A 148 -3.99 -25.79 -38.92
N GLU A 149 -3.53 -24.83 -38.10
CA GLU A 149 -2.14 -24.38 -38.18
C GLU A 149 -1.65 -23.59 -36.96
N ILE A 150 -0.33 -23.32 -36.95
CA ILE A 150 0.38 -22.51 -35.97
C ILE A 150 0.86 -21.27 -36.69
N ARG A 151 0.45 -20.09 -36.25
CA ARG A 151 0.86 -18.85 -36.90
C ARG A 151 1.80 -18.11 -35.97
N LEU A 152 2.93 -17.64 -36.51
CA LEU A 152 3.92 -16.92 -35.71
C LEU A 152 3.91 -15.46 -36.05
N PHE A 153 3.90 -14.62 -35.01
CA PHE A 153 3.92 -13.17 -35.16
C PHE A 153 5.07 -12.60 -34.33
N ASP A 154 6.00 -11.90 -35.00
CA ASP A 154 7.15 -11.24 -34.36
C ASP A 154 7.97 -12.21 -33.52
N ALA A 155 8.16 -13.45 -34.01
CA ALA A 155 8.94 -14.43 -33.27
C ALA A 155 10.43 -14.31 -33.68
N GLY A 156 11.27 -13.97 -32.70
CA GLY A 156 12.72 -13.87 -32.88
C GLY A 156 13.36 -15.24 -33.05
N ILE A 157 14.65 -15.29 -33.47
CA ILE A 157 15.36 -16.55 -33.74
C ILE A 157 15.29 -17.50 -32.53
N ARG A 158 15.49 -16.97 -31.32
CA ARG A 158 15.48 -17.79 -30.12
C ARG A 158 14.13 -18.47 -29.90
N HIS A 159 13.02 -17.73 -30.06
CA HIS A 159 11.68 -18.29 -29.90
C HIS A 159 11.36 -19.29 -31.04
N ARG A 160 11.80 -18.99 -32.27
CA ARG A 160 11.55 -19.90 -33.40
C ARG A 160 12.26 -21.24 -33.20
N GLU A 161 13.49 -21.21 -32.62
CA GLU A 161 14.27 -22.41 -32.30
C GLU A 161 13.57 -23.20 -31.22
N ALA A 162 12.99 -22.51 -30.22
CA ALA A 162 12.27 -23.18 -29.13
C ALA A 162 10.99 -23.87 -29.65
N ILE A 163 10.27 -23.24 -30.57
CA ILE A 163 9.08 -23.84 -31.19
C ILE A 163 9.47 -25.08 -32.00
N ASP A 164 10.55 -24.98 -32.77
CA ASP A 164 11.07 -26.08 -33.59
C ASP A 164 11.38 -27.32 -32.70
N ARG A 165 12.03 -27.10 -31.54
CA ARG A 165 12.38 -28.20 -30.63
C ARG A 165 11.12 -28.87 -30.07
N LEU A 166 10.12 -28.08 -29.73
CA LEU A 166 8.88 -28.60 -29.19
C LEU A 166 8.15 -29.46 -30.23
N LEU A 167 8.07 -28.96 -31.48
CA LEU A 167 7.43 -29.71 -32.56
C LEU A 167 8.18 -31.00 -32.91
N ALA A 168 9.49 -31.07 -32.63
CA ALA A 168 10.29 -32.26 -32.86
C ALA A 168 10.02 -33.35 -31.80
N THR A 169 9.56 -32.98 -30.60
CA THR A 169 9.32 -33.95 -29.54
C THR A 169 7.83 -34.30 -29.36
N GLY A 170 6.94 -33.37 -29.67
CA GLY A 170 5.51 -33.61 -29.46
C GLY A 170 5.08 -33.31 -28.03
N VAL A 171 3.76 -33.47 -27.72
CA VAL A 171 3.26 -33.10 -26.39
C VAL A 171 3.55 -34.17 -25.32
N ARG A 172 3.82 -33.72 -24.08
CA ARG A 172 4.09 -34.60 -22.95
C ARG A 172 2.84 -35.37 -22.52
N GLU A 173 3.04 -36.56 -21.95
CA GLU A 173 1.96 -37.33 -21.36
C GLU A 173 1.49 -36.59 -20.09
N VAL A 174 0.18 -36.41 -19.89
CA VAL A 174 -0.31 -35.73 -18.68
C VAL A 174 -0.32 -36.75 -17.53
N PRO A 175 0.38 -36.44 -16.43
CA PRO A 175 0.38 -37.36 -15.29
C PRO A 175 -0.99 -37.51 -14.61
N GLN A 176 -1.13 -38.52 -13.73
CA GLN A 176 -2.35 -38.69 -12.96
C GLN A 176 -2.55 -37.50 -12.03
N SER A 177 -3.79 -37.06 -11.85
CA SER A 177 -4.11 -35.92 -11.00
C SER A 177 -4.07 -36.30 -9.50
N ARG A 178 -4.03 -35.27 -8.63
CA ARG A 178 -4.01 -35.45 -7.19
C ARG A 178 -5.23 -34.76 -6.60
N SER A 179 -5.97 -35.48 -5.75
CA SER A 179 -7.23 -35.02 -5.21
C SER A 179 -7.10 -33.93 -4.14
N VAL A 180 -8.17 -33.12 -3.99
CA VAL A 180 -8.27 -32.08 -2.96
C VAL A 180 -9.63 -32.19 -2.24
N ASP A 181 -9.63 -31.86 -0.96
CA ASP A 181 -10.83 -31.88 -0.14
C ASP A 181 -11.46 -30.48 -0.13
N VAL A 182 -12.71 -30.35 -0.60
CA VAL A 182 -13.40 -29.05 -0.60
C VAL A 182 -14.53 -28.97 0.45
N SER A 183 -14.68 -30.00 1.31
CA SER A 183 -15.77 -30.10 2.27
C SER A 183 -15.64 -29.15 3.47
N ASP A 184 -14.43 -28.69 3.78
CA ASP A 184 -14.23 -27.79 4.92
C ASP A 184 -14.74 -26.36 4.61
N ASP A 185 -15.16 -25.60 5.64
CA ASP A 185 -15.65 -24.24 5.47
C ASP A 185 -14.91 -23.26 6.42
N PRO A 186 -13.57 -23.05 6.24
CA PRO A 186 -12.84 -22.17 7.16
C PRO A 186 -13.20 -20.69 7.08
N SER A 187 -13.75 -20.22 5.95
CA SER A 187 -14.16 -18.83 5.83
C SER A 187 -15.61 -18.57 6.26
N GLY A 188 -16.30 -19.58 6.80
CA GLY A 188 -17.67 -19.43 7.27
C GLY A 188 -18.66 -19.04 6.20
N PHE A 189 -18.51 -19.58 4.97
CA PHE A 189 -19.42 -19.35 3.85
C PHE A 189 -20.88 -19.60 4.24
N ARG A 190 -21.19 -20.71 4.99
CA ARG A 190 -22.57 -20.99 5.36
C ARG A 190 -23.18 -19.86 6.21
N ARG A 191 -22.41 -19.33 7.17
CA ARG A 191 -22.82 -18.21 8.02
C ARG A 191 -23.01 -16.92 7.18
N ARG A 192 -22.08 -16.63 6.26
CA ARG A 192 -22.13 -15.43 5.41
C ARG A 192 -23.37 -15.49 4.49
N VAL A 193 -23.73 -16.68 4.00
CA VAL A 193 -24.95 -16.86 3.20
C VAL A 193 -26.19 -16.55 4.08
N ALA A 194 -26.24 -17.08 5.31
CA ALA A 194 -27.35 -16.82 6.22
C ALA A 194 -27.52 -15.31 6.51
N VAL A 195 -26.40 -14.57 6.67
CA VAL A 195 -26.44 -13.12 6.87
C VAL A 195 -27.06 -12.44 5.64
N ALA A 196 -26.59 -12.81 4.44
CA ALA A 196 -27.08 -12.28 3.18
C ALA A 196 -28.59 -12.56 3.02
N VAL A 197 -29.05 -13.78 3.34
CA VAL A 197 -30.47 -14.18 3.27
C VAL A 197 -31.33 -13.27 4.19
N ASP A 198 -30.82 -12.96 5.39
CA ASP A 198 -31.52 -12.08 6.32
C ASP A 198 -31.62 -10.66 5.77
N GLU A 199 -30.55 -10.17 5.11
CA GLU A 199 -30.54 -8.83 4.50
C GLU A 199 -31.55 -8.77 3.33
N ILE A 200 -31.59 -9.82 2.51
CA ILE A 200 -32.53 -9.90 1.40
C ILE A 200 -33.96 -9.93 1.94
N ALA A 201 -34.23 -10.73 2.99
CA ALA A 201 -35.55 -10.80 3.61
C ALA A 201 -35.98 -9.43 4.15
N ALA A 202 -35.02 -8.62 4.62
CA ALA A 202 -35.30 -7.27 5.10
C ALA A 202 -35.44 -6.23 3.95
N GLY A 203 -35.29 -6.65 2.71
CA GLY A 203 -35.45 -5.81 1.53
C GLY A 203 -34.25 -5.00 1.11
N ARG A 204 -33.06 -5.34 1.60
CA ARG A 204 -31.84 -4.58 1.28
C ARG A 204 -31.50 -4.69 -0.21
N TYR A 205 -31.62 -5.88 -0.75
CA TYR A 205 -31.34 -6.22 -2.16
C TYR A 205 -32.04 -7.55 -2.50
N HIS A 206 -32.04 -7.94 -3.77
CA HIS A 206 -32.74 -9.13 -4.22
C HIS A 206 -31.81 -10.35 -4.32
N LYS A 207 -30.54 -10.13 -4.71
CA LYS A 207 -29.59 -11.21 -4.89
C LYS A 207 -28.14 -10.72 -4.68
N VAL A 208 -27.28 -11.58 -4.15
CA VAL A 208 -25.85 -11.28 -4.00
C VAL A 208 -25.06 -12.56 -4.26
N ILE A 209 -23.91 -12.44 -4.92
CA ILE A 209 -23.07 -13.61 -5.16
C ILE A 209 -21.97 -13.61 -4.10
N LEU A 210 -21.95 -14.64 -3.26
CA LEU A 210 -20.88 -14.79 -2.28
C LEU A 210 -20.04 -15.98 -2.69
N SER A 211 -18.79 -16.03 -2.25
CA SER A 211 -17.86 -17.07 -2.65
C SER A 211 -16.98 -17.57 -1.50
N ARG A 212 -16.20 -18.62 -1.74
CA ARG A 212 -15.28 -19.16 -0.76
C ARG A 212 -14.03 -19.67 -1.48
N CYS A 213 -12.88 -19.47 -0.85
CA CYS A 213 -11.61 -19.98 -1.37
C CYS A 213 -11.39 -21.39 -0.84
N VAL A 214 -10.74 -22.23 -1.64
CA VAL A 214 -10.33 -23.56 -1.22
C VAL A 214 -8.85 -23.68 -1.47
N GLU A 215 -8.05 -23.91 -0.41
CA GLU A 215 -6.63 -24.06 -0.58
C GLU A 215 -6.28 -25.35 -1.29
N VAL A 216 -5.26 -25.31 -2.12
CA VAL A 216 -4.71 -26.51 -2.73
C VAL A 216 -3.40 -26.75 -1.96
N PRO A 217 -3.32 -27.77 -1.08
CA PRO A 217 -2.15 -27.90 -0.21
C PRO A 217 -0.84 -28.35 -0.88
N PHE A 218 -0.82 -28.44 -2.20
CA PHE A 218 0.38 -28.81 -2.94
C PHE A 218 0.54 -27.88 -4.16
N ALA A 219 1.78 -27.71 -4.63
CA ALA A 219 2.02 -26.90 -5.81
C ALA A 219 1.55 -27.66 -7.05
N ILE A 220 0.90 -26.97 -7.99
CA ILE A 220 0.42 -27.64 -9.19
C ILE A 220 1.20 -27.16 -10.41
N ASP A 221 1.22 -28.01 -11.43
CA ASP A 221 1.78 -27.66 -12.70
C ASP A 221 0.65 -27.00 -13.51
N PHE A 222 0.68 -25.67 -13.66
CA PHE A 222 -0.39 -24.94 -14.35
C PHE A 222 -0.59 -25.41 -15.82
N PRO A 223 0.43 -25.49 -16.71
CA PRO A 223 0.15 -25.95 -18.09
C PRO A 223 -0.41 -27.37 -18.18
N LEU A 224 0.07 -28.31 -17.33
CA LEU A 224 -0.42 -29.70 -17.38
C LEU A 224 -1.84 -29.79 -16.80
N THR A 225 -2.13 -29.04 -15.73
CA THR A 225 -3.48 -28.98 -15.16
C THR A 225 -4.45 -28.37 -16.18
N TYR A 226 -3.99 -27.29 -16.89
CA TYR A 226 -4.77 -26.63 -17.93
C TYR A 226 -5.20 -27.65 -19.00
N ARG A 227 -4.25 -28.43 -19.50
CA ARG A 227 -4.51 -29.45 -20.50
C ARG A 227 -5.52 -30.50 -20.01
N LEU A 228 -5.31 -31.02 -18.82
CA LEU A 228 -6.16 -32.06 -18.26
C LEU A 228 -7.61 -31.57 -18.05
N GLY A 229 -7.78 -30.40 -17.45
CA GLY A 229 -9.10 -29.82 -17.22
C GLY A 229 -9.79 -29.42 -18.51
N ARG A 230 -9.02 -28.92 -19.50
CA ARG A 230 -9.58 -28.47 -20.77
C ARG A 230 -10.25 -29.62 -21.53
N ARG A 231 -9.71 -30.87 -21.42
CA ARG A 231 -10.23 -32.11 -22.01
C ARG A 231 -11.61 -32.49 -21.44
N HIS A 232 -11.96 -31.99 -20.24
CA HIS A 232 -13.22 -32.33 -19.59
C HIS A 232 -14.15 -31.13 -19.37
N ASN A 233 -13.97 -30.06 -20.14
CA ASN A 233 -14.77 -28.87 -19.99
C ASN A 233 -15.14 -28.29 -21.36
N THR A 234 -16.20 -27.49 -21.40
CA THR A 234 -16.66 -26.84 -22.63
C THR A 234 -16.91 -25.38 -22.28
N PRO A 235 -15.83 -24.63 -22.04
CA PRO A 235 -16.01 -23.22 -21.67
C PRO A 235 -16.19 -22.34 -22.89
N VAL A 236 -16.67 -21.11 -22.68
CA VAL A 236 -16.85 -20.17 -23.79
C VAL A 236 -15.45 -19.60 -24.20
N ARG A 237 -14.54 -19.49 -23.23
CA ARG A 237 -13.15 -19.04 -23.35
C ARG A 237 -12.34 -19.79 -22.31
N SER A 238 -11.02 -19.83 -22.49
CA SER A 238 -10.14 -20.43 -21.49
C SER A 238 -8.84 -19.67 -21.50
N PHE A 239 -8.08 -19.79 -20.41
CA PHE A 239 -6.82 -19.09 -20.30
C PHE A 239 -5.84 -19.85 -19.41
N LEU A 240 -4.56 -19.49 -19.54
CA LEU A 240 -3.41 -19.99 -18.80
C LEU A 240 -2.41 -18.86 -18.81
N LEU A 241 -1.96 -18.42 -17.64
CA LEU A 241 -1.04 -17.28 -17.60
C LEU A 241 -0.02 -17.37 -16.47
N GLN A 242 1.08 -16.65 -16.65
CA GLN A 242 2.15 -16.39 -15.67
C GLN A 242 2.50 -14.93 -15.91
N LEU A 243 2.04 -14.05 -15.04
CA LEU A 243 2.19 -12.61 -15.24
C LEU A 243 2.38 -11.88 -13.92
N GLY A 244 3.51 -11.19 -13.80
CA GLY A 244 3.87 -10.41 -12.61
C GLY A 244 3.72 -11.15 -11.29
N GLY A 245 4.19 -12.38 -11.24
CA GLY A 245 4.14 -13.16 -10.00
C GLY A 245 2.83 -13.92 -9.79
N ILE A 246 1.89 -13.82 -10.72
CA ILE A 246 0.65 -14.56 -10.63
C ILE A 246 0.62 -15.68 -11.64
N ARG A 247 0.32 -16.91 -11.21
CA ARG A 247 0.01 -17.99 -12.15
C ARG A 247 -1.49 -18.20 -12.05
N ALA A 248 -2.17 -18.43 -13.17
CA ALA A 248 -3.61 -18.66 -13.16
C ALA A 248 -4.04 -19.44 -14.40
N LEU A 249 -5.14 -20.17 -14.27
CA LEU A 249 -5.77 -20.89 -15.39
C LEU A 249 -7.26 -20.92 -15.13
N GLY A 250 -8.06 -21.07 -16.17
CA GLY A 250 -9.51 -21.11 -16.00
C GLY A 250 -10.27 -21.49 -17.24
N TYR A 251 -11.48 -22.00 -17.01
CA TYR A 251 -12.40 -22.39 -18.06
C TYR A 251 -13.59 -21.47 -17.90
N SER A 252 -13.47 -20.27 -18.46
N SER A 252 -13.47 -20.27 -18.46
CA SER A 252 -14.51 -19.25 -18.32
CA SER A 252 -14.51 -19.24 -18.32
C SER A 252 -15.87 -19.72 -18.83
C SER A 252 -15.87 -19.71 -18.83
N PRO A 253 -16.88 -19.72 -17.95
CA PRO A 253 -18.21 -20.16 -18.38
C PRO A 253 -19.00 -19.06 -19.10
N GLU A 254 -18.60 -17.79 -18.94
CA GLU A 254 -19.39 -16.68 -19.45
C GLU A 254 -18.58 -15.61 -20.13
N LEU A 255 -19.10 -15.09 -21.25
CA LEU A 255 -18.53 -13.97 -21.97
C LEU A 255 -19.17 -12.67 -21.48
N VAL A 256 -18.39 -11.86 -20.74
CA VAL A 256 -18.84 -10.58 -20.20
C VAL A 256 -19.14 -9.61 -21.34
N THR A 257 -18.19 -9.47 -22.25
CA THR A 257 -18.27 -8.52 -23.36
C THR A 257 -17.37 -8.92 -24.47
N ALA A 258 -17.86 -8.83 -25.70
CA ALA A 258 -17.06 -8.98 -26.88
C ALA A 258 -17.45 -7.85 -27.83
N VAL A 259 -16.48 -7.11 -28.32
CA VAL A 259 -16.69 -6.02 -29.27
C VAL A 259 -15.89 -6.38 -30.50
N ARG A 260 -16.55 -6.44 -31.66
CA ARG A 260 -15.88 -6.77 -32.91
C ARG A 260 -15.45 -5.50 -33.64
N ALA A 261 -14.52 -5.62 -34.60
CA ALA A 261 -14.06 -4.47 -35.38
C ALA A 261 -15.21 -3.80 -36.15
N ASP A 262 -16.20 -4.59 -36.60
CA ASP A 262 -17.35 -4.03 -37.33
C ASP A 262 -18.40 -3.35 -36.42
N GLY A 263 -18.13 -3.23 -35.13
CA GLY A 263 -19.03 -2.57 -34.20
C GLY A 263 -20.01 -3.47 -33.47
N VAL A 264 -20.11 -4.75 -33.83
CA VAL A 264 -21.03 -5.66 -33.16
C VAL A 264 -20.56 -5.93 -31.70
N VAL A 265 -21.45 -5.77 -30.72
CA VAL A 265 -21.21 -6.00 -29.31
C VAL A 265 -22.01 -7.21 -28.86
N ILE A 266 -21.39 -8.12 -28.11
CA ILE A 266 -22.02 -9.33 -27.59
C ILE A 266 -21.80 -9.45 -26.06
N THR A 267 -22.83 -9.89 -25.35
CA THR A 267 -22.75 -10.22 -23.94
C THR A 267 -23.56 -11.51 -23.79
N GLU A 268 -23.11 -12.44 -22.92
CA GLU A 268 -23.79 -13.74 -22.82
C GLU A 268 -23.99 -14.15 -21.36
N PRO A 269 -24.96 -13.50 -20.68
CA PRO A 269 -25.16 -13.78 -19.26
C PRO A 269 -25.71 -15.17 -18.97
N LEU A 270 -25.27 -15.73 -17.84
CA LEU A 270 -25.69 -17.01 -17.32
C LEU A 270 -26.41 -16.80 -15.95
N ALA A 271 -27.32 -17.71 -15.61
CA ALA A 271 -28.05 -17.69 -14.33
C ALA A 271 -28.57 -19.08 -14.02
N GLY A 272 -28.49 -19.46 -12.76
CA GLY A 272 -28.96 -20.78 -12.35
C GLY A 272 -27.90 -21.84 -12.55
N THR A 273 -27.91 -22.86 -11.68
CA THR A 273 -26.91 -23.90 -11.73
C THR A 273 -27.48 -25.23 -11.29
N ARG A 274 -27.27 -26.24 -12.10
CA ARG A 274 -27.56 -27.62 -11.73
C ARG A 274 -26.26 -28.43 -12.01
N ALA A 275 -26.08 -29.57 -11.35
CA ALA A 275 -24.90 -30.42 -11.59
C ALA A 275 -24.95 -31.00 -12.99
N LEU A 276 -23.76 -31.30 -13.53
CA LEU A 276 -23.55 -31.92 -14.83
C LEU A 276 -22.36 -32.90 -14.75
N GLY A 277 -22.30 -33.88 -15.65
CA GLY A 277 -21.25 -34.89 -15.67
C GLY A 277 -21.50 -36.06 -14.74
N ARG A 278 -22.75 -36.31 -14.37
CA ARG A 278 -23.11 -37.40 -13.45
C ARG A 278 -23.84 -38.57 -14.13
N GLY A 279 -23.77 -38.66 -15.45
CA GLY A 279 -24.43 -39.70 -16.20
C GLY A 279 -25.56 -39.14 -17.04
N PRO A 280 -25.83 -39.77 -18.18
CA PRO A 280 -26.87 -39.25 -19.10
C PRO A 280 -28.25 -39.02 -18.47
N ALA A 281 -28.83 -40.04 -17.80
CA ALA A 281 -30.16 -39.91 -17.23
C ALA A 281 -30.21 -38.91 -16.07
N ILE A 282 -29.21 -38.93 -15.18
CA ILE A 282 -29.16 -38.00 -14.06
C ILE A 282 -29.01 -36.54 -14.55
N ASP A 283 -28.17 -36.33 -15.58
CA ASP A 283 -27.97 -34.99 -16.16
C ASP A 283 -29.23 -34.49 -16.83
N ARG A 284 -29.98 -35.39 -17.50
CA ARG A 284 -31.22 -35.04 -18.17
C ARG A 284 -32.29 -34.62 -17.14
N LEU A 285 -32.37 -35.31 -15.99
CA LEU A 285 -33.31 -34.91 -14.94
C LEU A 285 -32.95 -33.50 -14.41
N ALA A 286 -31.64 -33.24 -14.22
CA ALA A 286 -31.15 -31.95 -13.73
C ALA A 286 -31.40 -30.84 -14.77
N ARG A 287 -31.23 -31.17 -16.06
CA ARG A 287 -31.46 -30.25 -17.19
C ARG A 287 -32.93 -29.86 -17.25
N ASP A 288 -33.83 -30.86 -17.13
CA ASP A 288 -35.28 -30.63 -17.16
C ASP A 288 -35.70 -29.80 -15.97
N ASP A 289 -35.08 -30.02 -14.79
CA ASP A 289 -35.39 -29.22 -13.61
C ASP A 289 -34.97 -27.76 -13.86
N LEU A 290 -33.73 -27.56 -14.32
CA LEU A 290 -33.17 -26.22 -14.57
C LEU A 290 -34.03 -25.40 -15.56
N GLU A 291 -34.41 -26.04 -16.67
CA GLU A 291 -35.21 -25.46 -17.74
C GLU A 291 -36.61 -25.01 -17.29
N SER A 292 -37.22 -25.73 -16.36
CA SER A 292 -38.59 -25.47 -15.91
C SER A 292 -38.67 -24.95 -14.46
N ASN A 293 -37.54 -24.62 -13.83
CA ASN A 293 -37.54 -24.15 -12.46
C ASN A 293 -37.88 -22.68 -12.40
N SER A 294 -38.96 -22.35 -11.68
CA SER A 294 -39.44 -20.98 -11.56
C SER A 294 -38.39 -20.03 -11.03
N LYS A 295 -37.67 -20.38 -9.94
CA LYS A 295 -36.66 -19.49 -9.38
C LYS A 295 -35.54 -19.20 -10.40
N GLU A 296 -35.07 -20.23 -11.11
CA GLU A 296 -33.99 -20.08 -12.09
C GLU A 296 -34.46 -19.25 -13.29
N ILE A 297 -35.72 -19.47 -13.74
CA ILE A 297 -36.31 -18.72 -14.86
C ILE A 297 -36.39 -17.23 -14.48
N VAL A 298 -36.92 -16.92 -13.29
CA VAL A 298 -37.03 -15.54 -12.82
C VAL A 298 -35.66 -14.86 -12.78
N GLU A 299 -34.65 -15.50 -12.16
CA GLU A 299 -33.33 -14.89 -12.06
C GLU A 299 -32.71 -14.67 -13.43
N HIS A 300 -32.90 -15.62 -14.35
CA HIS A 300 -32.33 -15.48 -15.68
C HIS A 300 -33.00 -14.32 -16.47
N ALA A 301 -34.35 -14.19 -16.41
CA ALA A 301 -35.07 -13.12 -17.10
C ALA A 301 -34.67 -11.76 -16.54
N ILE A 302 -34.56 -11.67 -15.21
CA ILE A 302 -34.12 -10.42 -14.56
C ILE A 302 -32.68 -10.09 -14.99
N SER A 303 -31.81 -11.09 -15.15
CA SER A 303 -30.44 -10.82 -15.58
C SER A 303 -30.38 -10.35 -17.06
N VAL A 304 -31.23 -10.95 -17.93
CA VAL A 304 -31.30 -10.53 -19.33
C VAL A 304 -31.80 -9.07 -19.42
N ARG A 305 -32.81 -8.74 -18.62
CA ARG A 305 -33.36 -7.38 -18.57
C ARG A 305 -32.25 -6.39 -18.12
N SER A 306 -31.46 -6.76 -17.12
CA SER A 306 -30.37 -5.91 -16.65
C SER A 306 -29.32 -5.71 -17.75
N SER A 307 -28.89 -6.80 -18.43
CA SER A 307 -27.91 -6.73 -19.52
C SER A 307 -28.40 -5.81 -20.64
N LEU A 308 -29.68 -5.92 -21.02
CA LEU A 308 -30.27 -5.08 -22.08
C LEU A 308 -30.28 -3.61 -21.66
N GLU A 309 -30.61 -3.32 -20.40
CA GLU A 309 -30.58 -1.94 -19.89
C GLU A 309 -29.15 -1.35 -19.99
N GLU A 310 -28.15 -2.16 -19.60
CA GLU A 310 -26.77 -1.74 -19.60
C GLU A 310 -26.26 -1.51 -20.99
N ILE A 311 -26.53 -2.45 -21.91
CA ILE A 311 -26.04 -2.36 -23.27
C ILE A 311 -26.70 -1.14 -23.99
N THR A 312 -27.93 -0.75 -23.61
CA THR A 312 -28.59 0.38 -24.24
C THR A 312 -27.79 1.67 -24.00
N ASP A 313 -27.07 1.77 -22.85
CA ASP A 313 -26.23 2.93 -22.56
C ASP A 313 -25.10 3.12 -23.59
N ILE A 314 -24.66 2.05 -24.28
CA ILE A 314 -23.57 2.15 -25.24
C ILE A 314 -23.98 1.76 -26.68
N ALA A 315 -25.23 1.34 -26.91
CA ALA A 315 -25.65 0.85 -28.22
C ALA A 315 -26.32 1.92 -29.10
N GLU A 316 -26.26 1.71 -30.43
CA GLU A 316 -27.02 2.49 -31.40
C GLU A 316 -28.50 2.27 -31.10
N PRO A 317 -29.31 3.34 -31.03
CA PRO A 317 -30.74 3.15 -30.68
C PRO A 317 -31.44 2.03 -31.47
N GLY A 318 -32.12 1.15 -30.74
CA GLY A 318 -32.86 0.02 -31.32
C GLY A 318 -32.03 -1.14 -31.86
N SER A 319 -30.72 -1.17 -31.56
CA SER A 319 -29.86 -2.25 -32.08
C SER A 319 -29.74 -3.45 -31.11
N ALA A 320 -30.13 -3.29 -29.84
CA ALA A 320 -30.00 -4.37 -28.87
C ALA A 320 -31.05 -5.47 -29.10
N ALA A 321 -30.59 -6.73 -29.13
CA ALA A 321 -31.44 -7.90 -29.38
C ALA A 321 -30.95 -9.15 -28.67
N VAL A 322 -31.88 -10.00 -28.22
CA VAL A 322 -31.55 -11.27 -27.59
C VAL A 322 -31.64 -12.30 -28.69
N ILE A 323 -30.50 -12.77 -29.19
CA ILE A 323 -30.48 -13.71 -30.32
C ILE A 323 -30.60 -15.19 -29.89
N ASP A 324 -30.48 -15.46 -28.61
CA ASP A 324 -30.63 -16.81 -28.05
C ASP A 324 -31.15 -16.60 -26.65
N PHE A 325 -32.38 -17.06 -26.32
CA PHE A 325 -32.95 -16.74 -25.01
C PHE A 325 -33.17 -17.96 -24.10
N MET A 326 -32.62 -17.88 -22.88
CA MET A 326 -32.82 -18.81 -21.76
C MET A 326 -32.65 -20.30 -22.16
N THR A 327 -31.54 -20.63 -22.85
CA THR A 327 -31.26 -22.01 -23.24
C THR A 327 -30.15 -22.59 -22.35
N VAL A 328 -30.17 -23.91 -22.11
CA VAL A 328 -29.17 -24.55 -21.25
C VAL A 328 -27.76 -24.51 -21.87
N ARG A 329 -26.79 -24.05 -21.09
CA ARG A 329 -25.40 -23.96 -21.48
C ARG A 329 -24.62 -24.93 -20.60
N GLU A 330 -24.01 -25.94 -21.21
CA GLU A 330 -23.27 -26.96 -20.46
C GLU A 330 -21.82 -26.51 -20.23
N ARG A 331 -21.39 -26.57 -18.98
CA ARG A 331 -20.05 -26.15 -18.57
C ARG A 331 -19.33 -27.20 -17.66
N GLY A 332 -19.12 -28.41 -18.21
CA GLY A 332 -18.38 -29.48 -17.53
C GLY A 332 -19.05 -30.12 -16.33
N SER A 333 -18.74 -29.61 -15.12
CA SER A 333 -19.31 -30.08 -13.86
C SER A 333 -20.67 -29.46 -13.54
N VAL A 334 -21.07 -28.39 -14.27
CA VAL A 334 -22.35 -27.70 -14.02
C VAL A 334 -23.02 -27.29 -15.35
N GLN A 335 -24.31 -26.99 -15.29
CA GLN A 335 -25.08 -26.48 -16.42
C GLN A 335 -25.87 -25.28 -15.92
N HIS A 336 -26.00 -24.25 -16.76
CA HIS A 336 -26.66 -23.00 -16.41
C HIS A 336 -27.66 -22.53 -17.50
N LEU A 337 -28.60 -21.63 -17.14
CA LEU A 337 -29.44 -21.00 -18.15
C LEU A 337 -28.61 -19.84 -18.75
N GLY A 338 -28.61 -19.69 -20.06
CA GLY A 338 -27.85 -18.64 -20.71
C GLY A 338 -28.58 -17.97 -21.86
N SER A 339 -28.30 -16.68 -22.07
CA SER A 339 -28.84 -15.91 -23.19
C SER A 339 -27.72 -15.18 -23.90
N THR A 340 -27.82 -15.05 -25.24
CA THR A 340 -26.83 -14.33 -26.04
C THR A 340 -27.45 -13.02 -26.53
N ILE A 341 -26.88 -11.91 -26.09
CA ILE A 341 -27.37 -10.58 -26.44
C ILE A 341 -26.38 -9.90 -27.37
N ARG A 342 -26.90 -9.33 -28.46
CA ARG A 342 -26.12 -8.62 -29.45
C ARG A 342 -26.61 -7.15 -29.62
N ALA A 343 -25.71 -6.23 -29.96
CA ALA A 343 -26.03 -4.82 -30.15
C ALA A 343 -24.98 -4.18 -31.10
N ARG A 344 -25.18 -2.91 -31.52
CA ARG A 344 -24.19 -2.23 -32.31
C ARG A 344 -23.60 -1.13 -31.45
N LEU A 345 -22.27 -1.06 -31.36
CA LEU A 345 -21.61 -0.02 -30.59
C LEU A 345 -21.91 1.36 -31.19
N ASP A 346 -22.46 2.26 -30.39
CA ASP A 346 -22.77 3.60 -30.87
C ASP A 346 -21.48 4.34 -31.23
N PRO A 347 -21.48 5.15 -32.31
CA PRO A 347 -20.25 5.89 -32.69
C PRO A 347 -19.73 6.81 -31.56
N SER A 348 -20.62 7.27 -30.66
CA SER A 348 -20.21 8.12 -29.53
C SER A 348 -19.60 7.29 -28.35
N SER A 349 -19.70 5.96 -28.40
CA SER A 349 -19.19 5.07 -27.38
C SER A 349 -17.87 4.40 -27.84
N ASP A 350 -17.28 3.55 -26.99
CA ASP A 350 -16.05 2.84 -27.30
C ASP A 350 -16.00 1.48 -26.56
N ARG A 351 -15.07 0.61 -26.92
CA ARG A 351 -14.99 -0.72 -26.32
C ARG A 351 -14.82 -0.70 -24.79
N MET A 352 -14.10 0.29 -24.19
CA MET A 352 -13.94 0.32 -22.72
C MET A 352 -15.23 0.74 -22.05
N ALA A 353 -15.97 1.65 -22.68
CA ALA A 353 -17.27 2.06 -22.19
C ALA A 353 -18.22 0.84 -22.29
N ALA A 354 -18.09 -0.03 -23.30
CA ALA A 354 -18.94 -1.25 -23.42
C ALA A 354 -18.61 -2.23 -22.29
N LEU A 355 -17.30 -2.36 -21.95
CA LEU A 355 -16.86 -3.22 -20.86
C LEU A 355 -17.35 -2.65 -19.53
N GLU A 356 -17.20 -1.33 -19.34
CA GLU A 356 -17.67 -0.66 -18.12
C GLU A 356 -19.19 -0.78 -17.94
N ALA A 357 -19.95 -0.66 -19.05
CA ALA A 357 -21.40 -0.79 -19.03
C ALA A 357 -21.81 -2.22 -18.63
N LEU A 358 -21.04 -3.26 -18.98
CA LEU A 358 -21.40 -4.67 -18.70
C LEU A 358 -20.62 -5.33 -17.56
N PHE A 359 -19.77 -4.56 -16.87
CA PHE A 359 -18.93 -5.04 -15.79
C PHE A 359 -19.29 -4.32 -14.51
N PRO A 360 -19.31 -5.01 -13.36
CA PRO A 360 -19.13 -6.46 -13.21
C PRO A 360 -20.34 -7.24 -13.71
N ALA A 361 -20.17 -8.54 -14.05
CA ALA A 361 -21.33 -9.33 -14.48
C ALA A 361 -22.32 -9.49 -13.32
N VAL A 362 -23.60 -9.76 -13.63
CA VAL A 362 -24.59 -10.05 -12.58
C VAL A 362 -24.16 -11.31 -11.82
N THR A 363 -23.58 -12.31 -12.52
CA THR A 363 -23.02 -13.54 -11.94
C THR A 363 -21.84 -13.25 -10.95
N ALA A 364 -21.21 -12.10 -11.07
CA ALA A 364 -20.13 -11.71 -10.17
C ALA A 364 -20.61 -10.82 -9.02
N SER A 365 -21.81 -10.21 -9.16
CA SER A 365 -22.21 -9.18 -8.20
C SER A 365 -23.59 -9.47 -7.57
N GLY A 366 -24.68 -9.03 -8.19
CA GLY A 366 -26.01 -9.26 -7.67
C GLY A 366 -27.02 -8.33 -8.28
N ILE A 367 -28.17 -8.19 -7.62
CA ILE A 367 -29.29 -7.37 -8.07
C ILE A 367 -29.94 -6.67 -6.87
N PRO A 368 -30.10 -5.34 -6.89
CA PRO A 368 -29.51 -4.38 -7.83
C PRO A 368 -27.98 -4.49 -7.73
N LYS A 369 -27.25 -4.28 -8.84
CA LYS A 369 -25.80 -4.45 -8.86
C LYS A 369 -25.08 -3.56 -7.86
N ALA A 370 -25.51 -2.30 -7.66
CA ALA A 370 -24.85 -1.43 -6.67
C ALA A 370 -24.91 -2.03 -5.26
N ALA A 371 -26.10 -2.54 -4.87
CA ALA A 371 -26.34 -3.14 -3.56
C ALA A 371 -25.61 -4.47 -3.41
N GLY A 372 -25.52 -5.25 -4.50
CA GLY A 372 -24.81 -6.53 -4.48
C GLY A 372 -23.31 -6.32 -4.32
N VAL A 373 -22.75 -5.31 -5.02
CA VAL A 373 -21.33 -5.02 -4.93
C VAL A 373 -21.02 -4.53 -3.49
N GLU A 374 -21.85 -3.68 -2.93
CA GLU A 374 -21.62 -3.17 -1.56
C GLU A 374 -21.69 -4.32 -0.55
N ALA A 375 -22.65 -5.25 -0.72
CA ALA A 375 -22.76 -6.41 0.15
C ALA A 375 -21.50 -7.30 0.04
N ILE A 376 -20.90 -7.44 -1.17
CA ILE A 376 -19.69 -8.25 -1.39
C ILE A 376 -18.51 -7.69 -0.57
N PHE A 377 -18.40 -6.38 -0.46
CA PHE A 377 -17.37 -5.75 0.38
C PHE A 377 -17.50 -6.16 1.85
N ARG A 378 -18.72 -6.40 2.32
CA ARG A 378 -18.96 -6.73 3.71
C ARG A 378 -19.00 -8.23 4.00
N LEU A 379 -19.47 -9.03 3.04
CA LEU A 379 -19.72 -10.45 3.27
C LEU A 379 -18.84 -11.41 2.47
N ASP A 380 -17.90 -10.90 1.69
CA ASP A 380 -16.97 -11.74 0.93
C ASP A 380 -15.51 -11.32 1.23
N GLU A 381 -14.56 -12.22 0.98
CA GLU A 381 -13.14 -11.90 1.16
C GLU A 381 -12.72 -10.94 0.04
N CYS A 382 -12.40 -9.69 0.38
CA CYS A 382 -12.03 -8.65 -0.57
C CYS A 382 -10.60 -8.12 -0.29
N PRO A 383 -9.87 -7.65 -1.32
CA PRO A 383 -10.28 -7.63 -2.74
C PRO A 383 -10.32 -9.00 -3.37
N ARG A 384 -11.28 -9.21 -4.28
CA ARG A 384 -11.42 -10.44 -5.02
C ARG A 384 -10.30 -10.59 -6.05
N GLY A 385 -9.84 -9.47 -6.62
CA GLY A 385 -8.80 -9.52 -7.63
C GLY A 385 -9.26 -10.20 -8.92
N LEU A 386 -8.49 -11.21 -9.39
CA LEU A 386 -8.83 -11.91 -10.62
C LEU A 386 -10.22 -12.55 -10.54
N TYR A 387 -10.53 -13.23 -9.42
CA TYR A 387 -11.82 -13.93 -9.28
C TYR A 387 -13.01 -12.99 -9.52
N SER A 388 -13.90 -13.41 -10.44
CA SER A 388 -15.12 -12.73 -10.91
C SER A 388 -14.82 -11.41 -11.66
N GLY A 389 -13.54 -11.18 -12.00
CA GLY A 389 -13.13 -10.13 -12.90
C GLY A 389 -13.17 -10.74 -14.29
N ALA A 390 -12.31 -10.27 -15.18
CA ALA A 390 -12.25 -10.82 -16.54
C ALA A 390 -10.81 -10.98 -17.02
N VAL A 391 -10.60 -11.91 -17.95
CA VAL A 391 -9.35 -12.08 -18.68
C VAL A 391 -9.68 -11.49 -20.07
N VAL A 392 -8.84 -10.58 -20.54
CA VAL A 392 -9.15 -9.83 -21.76
C VAL A 392 -8.09 -9.96 -22.88
N MET A 393 -8.58 -9.78 -24.10
CA MET A 393 -7.80 -9.71 -25.32
C MET A 393 -8.33 -8.51 -26.12
N LEU A 394 -7.47 -7.55 -26.40
CA LEU A 394 -7.84 -6.34 -27.12
C LEU A 394 -7.06 -6.24 -28.43
N SER A 395 -7.66 -5.65 -29.47
CA SER A 395 -7.02 -5.56 -30.78
C SER A 395 -6.98 -4.13 -31.32
N ALA A 396 -5.92 -3.82 -32.09
CA ALA A 396 -5.73 -2.49 -32.67
C ALA A 396 -6.91 -2.05 -33.55
N ASP A 397 -7.64 -3.00 -34.18
CA ASP A 397 -8.78 -2.66 -35.02
C ASP A 397 -10.08 -2.35 -34.23
N GLY A 398 -10.00 -2.23 -32.91
CA GLY A 398 -11.15 -1.93 -32.07
C GLY A 398 -11.72 -3.12 -31.31
N GLY A 399 -11.21 -4.32 -31.58
CA GLY A 399 -11.70 -5.52 -30.92
C GLY A 399 -11.47 -5.57 -29.42
N LEU A 400 -12.38 -6.23 -28.71
CA LEU A 400 -12.29 -6.50 -27.27
C LEU A 400 -12.94 -7.84 -27.01
N ASP A 401 -12.32 -8.68 -26.20
CA ASP A 401 -12.91 -9.95 -25.83
C ASP A 401 -12.65 -10.15 -24.34
N ALA A 402 -13.71 -10.24 -23.54
CA ALA A 402 -13.57 -10.32 -22.09
C ALA A 402 -14.35 -11.47 -21.49
N ALA A 403 -13.60 -12.49 -21.03
CA ALA A 403 -14.10 -13.72 -20.43
C ALA A 403 -14.23 -13.58 -18.91
N LEU A 404 -15.39 -13.92 -18.36
CA LEU A 404 -15.64 -13.86 -16.90
C LEU A 404 -14.76 -14.88 -16.18
N THR A 405 -13.95 -14.42 -15.25
CA THR A 405 -13.00 -15.27 -14.55
C THR A 405 -13.63 -16.00 -13.37
N LEU A 406 -14.22 -17.11 -13.68
CA LEU A 406 -14.77 -18.07 -12.76
C LEU A 406 -14.21 -19.43 -13.21
N ARG A 407 -14.33 -20.46 -12.37
CA ARG A 407 -13.84 -21.81 -12.70
C ARG A 407 -12.32 -21.75 -12.94
N ALA A 408 -11.62 -21.04 -12.07
CA ALA A 408 -10.19 -20.77 -12.21
C ALA A 408 -9.38 -21.17 -10.97
N ALA A 409 -8.07 -21.43 -11.18
CA ALA A 409 -7.10 -21.71 -10.13
C ALA A 409 -6.04 -20.62 -10.14
N TYR A 410 -5.47 -20.29 -8.97
CA TYR A 410 -4.50 -19.21 -8.80
C TYR A 410 -3.31 -19.66 -7.96
N GLN A 411 -2.15 -19.04 -8.21
CA GLN A 411 -0.93 -19.23 -7.43
C GLN A 411 -0.22 -17.91 -7.29
N VAL A 412 -0.14 -17.40 -6.07
CA VAL A 412 0.51 -16.14 -5.76
C VAL A 412 1.30 -16.33 -4.46
N GLY A 413 2.57 -15.99 -4.48
CA GLY A 413 3.48 -16.08 -3.33
C GLY A 413 3.40 -17.34 -2.47
N GLY A 414 3.56 -18.50 -3.07
CA GLY A 414 3.56 -19.76 -2.32
C GLY A 414 2.19 -20.34 -2.01
N ARG A 415 1.12 -19.59 -2.28
CA ARG A 415 -0.24 -20.04 -2.02
C ARG A 415 -0.96 -20.42 -3.32
N THR A 416 -1.54 -21.63 -3.37
CA THR A 416 -2.32 -22.12 -4.52
C THR A 416 -3.76 -22.30 -4.07
N TRP A 417 -4.74 -21.76 -4.82
CA TRP A 417 -6.12 -21.90 -4.39
C TRP A 417 -7.12 -21.85 -5.54
N LEU A 418 -8.31 -22.36 -5.24
CA LEU A 418 -9.49 -22.34 -6.07
C LEU A 418 -10.51 -21.38 -5.43
N ARG A 419 -11.52 -20.93 -6.19
CA ARG A 419 -12.55 -20.04 -5.63
C ARG A 419 -13.84 -20.20 -6.41
N ALA A 420 -14.94 -20.43 -5.69
CA ALA A 420 -16.25 -20.60 -6.33
C ALA A 420 -17.34 -19.97 -5.48
N GLY A 421 -18.38 -19.50 -6.15
CA GLY A 421 -19.47 -18.83 -5.47
C GLY A 421 -20.86 -19.25 -5.88
N ALA A 422 -21.87 -18.61 -5.28
CA ALA A 422 -23.26 -18.93 -5.56
C ALA A 422 -24.14 -17.69 -5.43
N GLY A 423 -25.20 -17.63 -6.22
CA GLY A 423 -26.17 -16.55 -6.20
C GLY A 423 -27.16 -16.78 -5.08
N ILE A 424 -27.15 -15.91 -4.10
CA ILE A 424 -28.01 -16.03 -2.93
C ILE A 424 -29.25 -15.15 -3.10
N ILE A 425 -30.43 -15.77 -2.99
CA ILE A 425 -31.72 -15.07 -3.07
C ILE A 425 -32.50 -15.34 -1.74
N GLU A 426 -33.69 -14.73 -1.56
CA GLU A 426 -34.44 -14.87 -0.31
C GLU A 426 -34.66 -16.32 0.12
N GLU A 427 -34.95 -17.21 -0.83
CA GLU A 427 -35.25 -18.60 -0.51
C GLU A 427 -34.00 -19.50 -0.40
N SER A 428 -32.79 -18.94 -0.50
CA SER A 428 -31.56 -19.73 -0.44
C SER A 428 -31.33 -20.37 0.92
N GLU A 429 -30.75 -21.56 0.90
CA GLU A 429 -30.39 -22.32 2.09
C GLU A 429 -28.89 -22.50 2.10
N PRO A 430 -28.22 -22.14 3.22
CA PRO A 430 -26.75 -22.23 3.26
C PRO A 430 -26.17 -23.58 2.81
N GLU A 431 -26.80 -24.70 3.21
CA GLU A 431 -26.31 -26.02 2.83
C GLU A 431 -26.34 -26.23 1.29
N ARG A 432 -27.47 -25.91 0.64
CA ARG A 432 -27.57 -26.05 -0.82
C ARG A 432 -26.58 -25.09 -1.52
N GLU A 433 -26.42 -23.85 -1.01
CA GLU A 433 -25.49 -22.90 -1.61
C GLU A 433 -24.04 -23.40 -1.51
N PHE A 434 -23.68 -24.02 -0.37
CA PHE A 434 -22.35 -24.59 -0.18
C PHE A 434 -22.15 -25.75 -1.16
N GLU A 435 -23.19 -26.61 -1.34
CA GLU A 435 -23.12 -27.71 -2.29
C GLU A 435 -22.96 -27.18 -3.72
N GLU A 436 -23.60 -26.06 -4.05
CA GLU A 436 -23.46 -25.44 -5.37
C GLU A 436 -22.00 -25.05 -5.66
N THR A 437 -21.30 -24.47 -4.64
CA THR A 437 -19.88 -24.14 -4.80
C THR A 437 -19.07 -25.43 -5.06
N CYS A 438 -19.41 -26.58 -4.40
CA CYS A 438 -18.72 -27.86 -4.61
C CYS A 438 -18.90 -28.34 -6.06
N GLU A 439 -20.13 -28.22 -6.60
CA GLU A 439 -20.42 -28.58 -7.99
C GLU A 439 -19.54 -27.75 -8.95
N LYS A 440 -19.41 -26.45 -8.68
CA LYS A 440 -18.61 -25.53 -9.49
C LYS A 440 -17.11 -25.81 -9.36
N LEU A 441 -16.66 -26.16 -8.15
CA LEU A 441 -15.27 -26.51 -7.89
C LEU A 441 -14.88 -27.77 -8.65
N SER A 442 -15.84 -28.71 -8.88
CA SER A 442 -15.63 -29.95 -9.63
C SER A 442 -15.23 -29.73 -11.09
N THR A 443 -15.30 -28.48 -11.59
CA THR A 443 -14.79 -28.15 -12.91
C THR A 443 -13.23 -28.35 -12.93
N LEU A 444 -12.58 -28.15 -11.76
CA LEU A 444 -11.12 -28.22 -11.59
C LEU A 444 -10.62 -29.31 -10.65
N THR A 445 -11.31 -29.56 -9.52
CA THR A 445 -10.81 -30.49 -8.49
C THR A 445 -10.43 -31.91 -9.00
N PRO A 446 -11.07 -32.55 -10.00
CA PRO A 446 -10.56 -33.87 -10.45
C PRO A 446 -9.34 -33.78 -11.39
N TYR A 447 -8.89 -32.56 -11.74
CA TYR A 447 -7.86 -32.42 -12.79
C TYR A 447 -6.59 -31.68 -12.35
N LEU A 448 -6.30 -31.62 -11.05
CA LEU A 448 -5.11 -30.93 -10.56
C LEU A 448 -3.84 -31.81 -10.68
N VAL A 449 -2.91 -31.41 -11.54
CA VAL A 449 -1.66 -32.13 -11.75
C VAL A 449 -0.60 -31.53 -10.83
N ALA A 450 -0.06 -32.32 -9.89
CA ALA A 450 0.95 -31.83 -8.95
C ALA A 450 2.25 -31.48 -9.67
N ARG A 451 2.95 -30.44 -9.19
CA ARG A 451 4.21 -30.03 -9.80
C ARG A 451 5.33 -31.04 -9.46
N GLY B 1 -3.53 20.62 31.51
CA GLY B 1 -2.20 20.32 30.99
C GLY B 1 -2.19 19.14 30.03
N HIS B 2 -1.59 19.30 28.84
CA HIS B 2 -1.60 18.22 27.86
C HIS B 2 -0.22 17.84 27.36
N MET B 3 0.78 18.76 27.46
CA MET B 3 2.10 18.43 26.95
C MET B 3 3.03 17.93 28.05
N SER B 4 3.74 16.83 27.77
CA SER B 4 4.69 16.20 28.69
C SER B 4 5.82 15.56 27.88
N GLU B 5 7.04 16.10 27.95
CA GLU B 5 8.16 15.55 27.20
C GLU B 5 9.27 15.03 28.10
N LEU B 6 9.94 13.94 27.71
CA LEU B 6 11.03 13.37 28.48
C LEU B 6 12.36 13.55 27.74
N SER B 7 13.41 14.01 28.44
CA SER B 7 14.74 14.12 27.87
C SER B 7 15.59 12.98 28.46
N VAL B 8 16.11 12.06 27.63
CA VAL B 8 16.85 10.90 28.15
C VAL B 8 18.24 11.26 28.70
N ALA B 9 18.87 12.33 28.19
CA ALA B 9 20.21 12.72 28.64
C ALA B 9 20.24 13.10 30.13
N THR B 10 19.17 13.74 30.61
CA THR B 10 19.09 14.22 31.99
C THR B 10 17.99 13.53 32.83
N GLY B 11 17.02 12.90 32.16
CA GLY B 11 15.85 12.34 32.80
C GLY B 11 14.76 13.40 33.05
N ALA B 12 14.97 14.65 32.61
CA ALA B 12 14.03 15.75 32.87
C ALA B 12 12.71 15.59 32.10
N VAL B 13 11.60 15.83 32.81
CA VAL B 13 10.26 15.81 32.21
C VAL B 13 9.72 17.24 32.21
N SER B 14 9.46 17.79 31.02
CA SER B 14 8.93 19.14 30.85
C SER B 14 7.42 19.11 30.56
N THR B 15 6.62 19.78 31.40
CA THR B 15 5.17 19.82 31.21
C THR B 15 4.63 21.24 31.07
N ALA B 16 3.55 21.39 30.28
CA ALA B 16 2.88 22.66 30.04
C ALA B 16 1.49 22.45 29.38
N SER B 17 0.59 23.44 29.55
CA SER B 17 -0.71 23.40 28.88
C SER B 17 -0.58 23.69 27.41
N SER B 18 -1.48 23.14 26.61
CA SER B 18 -1.48 23.40 25.17
C SER B 18 -2.42 24.57 24.80
N SER B 19 -3.17 25.19 25.76
CA SER B 19 -4.02 26.34 25.44
C SER B 19 -3.91 27.40 26.53
N ILE B 20 -3.80 28.66 26.10
CA ILE B 20 -3.54 29.82 26.93
C ILE B 20 -4.62 30.86 26.70
N PRO B 21 -5.25 31.41 27.76
CA PRO B 21 -6.20 32.51 27.54
C PRO B 21 -5.47 33.72 26.96
N MET B 22 -6.06 34.38 25.94
CA MET B 22 -5.38 35.52 25.33
C MET B 22 -5.52 36.73 26.22
N PRO B 23 -4.40 37.35 26.68
CA PRO B 23 -4.54 38.57 27.49
C PRO B 23 -5.15 39.71 26.68
N ALA B 24 -5.92 40.58 27.34
CA ALA B 24 -6.61 41.67 26.67
C ALA B 24 -5.74 42.66 25.84
N GLY B 25 -4.62 43.18 26.36
CA GLY B 25 -3.83 44.16 25.61
C GLY B 25 -3.00 43.60 24.46
N VAL B 26 -3.19 42.33 24.13
CA VAL B 26 -2.41 41.66 23.09
C VAL B 26 -3.23 41.55 21.81
N ASN B 27 -2.67 42.02 20.71
CA ASN B 27 -3.37 41.97 19.42
C ASN B 27 -2.98 40.67 18.69
N PRO B 28 -4.00 39.87 18.28
CA PRO B 28 -3.70 38.55 17.68
C PRO B 28 -2.81 38.61 16.47
N ALA B 29 -3.00 39.60 15.57
CA ALA B 29 -2.18 39.71 14.35
C ALA B 29 -0.69 39.88 14.71
N ASP B 30 -0.39 40.71 15.73
CA ASP B 30 0.97 40.95 16.16
C ASP B 30 1.59 39.71 16.80
N LEU B 31 0.88 39.06 17.74
CA LEU B 31 1.39 37.87 18.40
C LEU B 31 1.62 36.73 17.36
N ALA B 32 0.65 36.52 16.46
CA ALA B 32 0.76 35.47 15.46
C ALA B 32 1.94 35.71 14.50
N ALA B 33 2.15 36.97 14.04
CA ALA B 33 3.25 37.29 13.15
C ALA B 33 4.62 37.17 13.87
N GLU B 34 4.69 37.58 15.15
CA GLU B 34 5.92 37.42 15.92
C GLU B 34 6.23 35.91 16.10
N LEU B 35 5.20 35.09 16.28
CA LEU B 35 5.32 33.66 16.46
C LEU B 35 5.85 33.03 15.16
N ALA B 36 5.28 33.45 14.03
CA ALA B 36 5.63 32.97 12.70
C ALA B 36 7.12 33.17 12.44
N ALA B 37 7.64 34.33 12.82
CA ALA B 37 9.05 34.63 12.65
C ALA B 37 9.95 33.72 13.53
N VAL B 38 9.71 33.64 14.86
CA VAL B 38 10.58 32.94 15.82
C VAL B 38 10.47 31.38 15.86
N VAL B 39 9.26 30.82 16.05
CA VAL B 39 9.10 29.38 16.26
C VAL B 39 9.50 28.53 15.05
N THR B 40 9.46 29.10 13.85
CA THR B 40 9.75 28.33 12.64
C THR B 40 11.23 28.34 12.34
N GLU B 41 11.82 29.52 12.43
CA GLU B 41 13.23 29.73 12.13
C GLU B 41 14.13 28.88 13.03
N SER B 42 13.79 28.80 14.33
N SER B 42 13.80 28.81 14.33
CA SER B 42 14.57 28.05 15.31
CA SER B 42 14.59 28.05 15.29
C SER B 42 14.65 26.56 14.96
C SER B 42 14.65 26.57 14.95
N VAL B 43 13.60 26.00 14.33
CA VAL B 43 13.61 24.58 13.96
C VAL B 43 13.67 24.34 12.45
N ASP B 44 14.14 25.35 11.68
CA ASP B 44 14.34 25.22 10.25
C ASP B 44 13.03 24.84 9.52
N GLU B 45 11.96 25.60 9.76
CA GLU B 45 10.67 25.32 9.12
C GLU B 45 10.13 26.44 8.25
N ASP B 46 9.54 26.05 7.12
CA ASP B 46 8.71 26.88 6.31
C ASP B 46 7.38 27.08 7.08
N TYR B 47 6.55 28.02 6.65
CA TYR B 47 5.26 28.25 7.32
C TYR B 47 4.29 29.03 6.45
N LEU B 48 3.03 29.05 6.89
CA LEU B 48 1.97 29.82 6.28
C LEU B 48 1.02 30.24 7.42
N LEU B 49 0.90 31.53 7.61
CA LEU B 49 0.02 32.16 8.57
C LEU B 49 -1.23 32.62 7.80
N TYR B 50 -2.41 32.15 8.19
CA TYR B 50 -3.67 32.53 7.51
C TYR B 50 -4.68 33.14 8.50
N GLU B 51 -5.21 34.31 8.21
CA GLU B 51 -6.23 34.96 9.02
C GLU B 51 -7.62 34.73 8.37
N CYS B 52 -8.51 34.11 9.13
CA CYS B 52 -9.87 33.80 8.66
C CYS B 52 -10.87 34.04 9.81
N ASP B 53 -11.76 35.04 9.66
CA ASP B 53 -12.84 35.41 10.58
C ASP B 53 -12.41 35.51 12.08
N GLY B 54 -11.43 36.36 12.36
CA GLY B 54 -10.91 36.58 13.71
C GLY B 54 -9.96 35.50 14.23
N GLN B 55 -9.69 34.50 13.40
CA GLN B 55 -8.85 33.39 13.79
C GLN B 55 -7.56 33.36 12.95
N TRP B 56 -6.42 33.56 13.60
CA TRP B 56 -5.12 33.46 12.95
C TRP B 56 -4.62 32.03 13.14
N VAL B 57 -4.27 31.35 12.06
CA VAL B 57 -3.76 30.00 12.16
C VAL B 57 -2.36 29.97 11.55
N LEU B 58 -1.39 29.69 12.40
CA LEU B 58 -0.01 29.51 12.00
C LEU B 58 0.22 28.03 11.68
N ALA B 59 0.37 27.72 10.40
CA ALA B 59 0.68 26.37 9.94
C ALA B 59 2.20 26.30 9.82
N ALA B 60 2.86 25.72 10.81
CA ALA B 60 4.32 25.68 10.88
C ALA B 60 4.89 24.33 10.50
N GLY B 61 5.84 24.36 9.58
CA GLY B 61 6.59 23.20 9.13
C GLY B 61 5.89 22.35 8.10
N VAL B 62 6.63 21.75 7.17
CA VAL B 62 6.01 20.94 6.12
C VAL B 62 6.09 19.44 6.45
N GLN B 63 4.96 18.85 6.87
CA GLN B 63 4.89 17.42 7.16
C GLN B 63 4.78 16.62 5.85
N ALA B 64 3.99 17.15 4.93
CA ALA B 64 3.82 16.58 3.59
C ALA B 64 3.43 17.71 2.67
N MET B 65 3.89 17.65 1.44
CA MET B 65 3.66 18.69 0.47
C MET B 65 3.15 18.12 -0.82
N VAL B 66 2.17 18.80 -1.39
CA VAL B 66 1.62 18.52 -2.71
C VAL B 66 2.06 19.67 -3.64
N GLU B 67 2.79 19.33 -4.68
CA GLU B 67 3.23 20.31 -5.67
C GLU B 67 2.58 19.97 -7.01
N LEU B 68 1.63 20.79 -7.42
CA LEU B 68 1.01 20.60 -8.72
C LEU B 68 1.67 21.58 -9.68
N ASP B 69 2.32 21.05 -10.72
CA ASP B 69 2.90 21.83 -11.80
C ASP B 69 2.11 21.55 -13.09
N SER B 70 2.32 22.36 -14.13
CA SER B 70 1.63 22.20 -15.40
C SER B 70 1.89 20.80 -16.00
N ASP B 71 3.09 20.24 -15.78
CA ASP B 71 3.46 18.96 -16.40
C ASP B 71 3.71 17.82 -15.43
N GLU B 72 3.46 18.01 -14.14
CA GLU B 72 3.73 16.98 -13.15
C GLU B 72 3.05 17.26 -11.83
N LEU B 73 2.70 16.20 -11.11
CA LEU B 73 2.18 16.28 -9.76
C LEU B 73 3.18 15.56 -8.84
N ARG B 74 3.61 16.20 -7.77
CA ARG B 74 4.54 15.60 -6.83
C ARG B 74 3.97 15.60 -5.42
N VAL B 75 4.16 14.49 -4.71
CA VAL B 75 3.78 14.38 -3.30
C VAL B 75 5.05 14.04 -2.54
N ILE B 76 5.45 14.92 -1.63
CA ILE B 76 6.68 14.77 -0.86
C ILE B 76 6.36 14.56 0.60
N ARG B 77 6.78 13.42 1.15
CA ARG B 77 6.58 13.10 2.57
C ARG B 77 7.76 12.32 3.12
N ASP B 78 8.31 12.76 4.27
CA ASP B 78 9.43 12.07 4.95
C ASP B 78 10.62 11.82 4.01
N GLY B 79 10.98 12.84 3.24
CA GLY B 79 12.10 12.76 2.32
C GLY B 79 11.88 12.01 1.03
N VAL B 80 10.70 11.34 0.86
CA VAL B 80 10.42 10.59 -0.36
C VAL B 80 9.50 11.40 -1.29
N THR B 81 9.95 11.59 -2.53
CA THR B 81 9.20 12.31 -3.53
C THR B 81 8.55 11.33 -4.49
N ARG B 82 7.22 11.38 -4.62
CA ARG B 82 6.48 10.57 -5.57
C ARG B 82 6.07 11.47 -6.74
N ARG B 83 6.52 11.15 -7.95
CA ARG B 83 6.25 11.95 -9.12
C ARG B 83 5.24 11.27 -10.04
N GLN B 84 4.24 12.03 -10.52
CA GLN B 84 3.28 11.50 -11.48
C GLN B 84 2.91 12.49 -12.58
N GLN B 85 2.63 11.97 -13.75
CA GLN B 85 2.03 12.73 -14.83
C GLN B 85 0.53 12.84 -14.50
N TRP B 86 -0.13 13.89 -14.91
CA TRP B 86 -1.56 14.06 -14.67
C TRP B 86 -2.24 14.60 -15.93
N SER B 87 -3.52 14.29 -16.11
CA SER B 87 -4.29 14.74 -17.27
C SER B 87 -5.66 15.28 -16.83
N GLY B 88 -6.29 16.06 -17.68
CA GLY B 88 -7.62 16.59 -17.41
C GLY B 88 -7.61 17.79 -16.52
N ARG B 89 -8.56 17.84 -15.56
CA ARG B 89 -8.72 19.00 -14.71
C ARG B 89 -7.68 19.08 -13.60
N PRO B 90 -6.99 20.24 -13.47
CA PRO B 90 -6.01 20.39 -12.38
C PRO B 90 -6.66 20.26 -10.99
N GLY B 91 -7.92 20.64 -10.86
CA GLY B 91 -8.68 20.55 -9.63
C GLY B 91 -8.89 19.12 -9.19
N ALA B 92 -9.08 18.21 -10.15
CA ALA B 92 -9.23 16.80 -9.82
C ALA B 92 -7.89 16.22 -9.33
N ALA B 93 -6.78 16.58 -10.01
CA ALA B 93 -5.43 16.09 -9.62
C ALA B 93 -5.06 16.65 -8.22
N LEU B 94 -5.25 17.94 -7.99
CA LEU B 94 -4.94 18.56 -6.71
C LEU B 94 -5.83 18.02 -5.60
N GLY B 95 -7.13 17.93 -5.89
CA GLY B 95 -8.16 17.45 -4.97
C GLY B 95 -7.89 16.06 -4.46
N GLU B 96 -7.54 15.15 -5.38
CA GLU B 96 -7.24 13.77 -5.00
C GLU B 96 -6.03 13.71 -4.04
N ALA B 97 -4.97 14.46 -4.33
CA ALA B 97 -3.77 14.47 -3.50
C ALA B 97 -4.03 15.16 -2.13
N VAL B 98 -4.75 16.29 -2.11
CA VAL B 98 -5.06 17.02 -0.88
C VAL B 98 -6.00 16.19 0.00
N ASP B 99 -6.98 15.48 -0.60
CA ASP B 99 -7.89 14.64 0.19
C ASP B 99 -7.09 13.56 0.95
N ARG B 100 -6.03 13.00 0.31
CA ARG B 100 -5.15 12.02 0.96
C ARG B 100 -4.43 12.63 2.15
N LEU B 101 -3.93 13.89 2.00
CA LEU B 101 -3.27 14.63 3.10
C LEU B 101 -4.19 14.76 4.30
N LEU B 102 -5.46 15.11 4.02
CA LEU B 102 -6.47 15.37 5.02
C LEU B 102 -6.99 14.11 5.73
N LEU B 103 -6.59 12.90 5.30
CA LEU B 103 -6.88 11.68 6.02
C LEU B 103 -6.00 11.62 7.29
N GLU B 104 -4.79 12.24 7.26
CA GLU B 104 -3.83 12.21 8.36
C GLU B 104 -3.90 13.45 9.25
N THR B 105 -4.19 14.63 8.69
CA THR B 105 -4.28 15.89 9.45
C THR B 105 -5.65 16.59 9.21
N ASP B 106 -6.07 17.44 10.13
CA ASP B 106 -7.36 18.12 10.03
C ASP B 106 -7.37 19.24 8.97
N GLN B 107 -6.21 19.88 8.72
CA GLN B 107 -6.14 21.02 7.81
C GLN B 107 -4.90 21.01 6.95
N ALA B 108 -5.03 21.60 5.75
CA ALA B 108 -3.97 21.77 4.77
C ALA B 108 -4.01 23.24 4.29
N PHE B 109 -2.84 23.79 3.99
CA PHE B 109 -2.69 25.18 3.64
C PHE B 109 -1.80 25.35 2.41
N GLY B 110 -1.94 26.48 1.72
CA GLY B 110 -1.07 26.75 0.59
C GLY B 110 -1.52 27.87 -0.32
N TRP B 111 -1.06 27.79 -1.55
CA TRP B 111 -1.37 28.78 -2.56
C TRP B 111 -1.67 28.08 -3.88
N VAL B 112 -2.52 28.73 -4.65
CA VAL B 112 -2.92 28.34 -5.99
C VAL B 112 -2.55 29.49 -6.94
N ALA B 113 -1.81 29.19 -7.99
CA ALA B 113 -1.38 30.21 -8.96
C ALA B 113 -2.56 30.65 -9.85
N PHE B 114 -2.44 31.84 -10.48
CA PHE B 114 -3.40 32.29 -11.49
C PHE B 114 -3.55 31.23 -12.61
N GLU B 115 -2.40 30.62 -12.99
CA GLU B 115 -2.24 29.61 -14.04
C GLU B 115 -3.12 28.35 -13.79
N PHE B 116 -3.50 28.08 -12.55
CA PHE B 116 -4.41 26.97 -12.24
C PHE B 116 -5.78 27.13 -12.95
N GLY B 117 -6.23 28.36 -13.17
CA GLY B 117 -7.53 28.63 -13.80
C GLY B 117 -7.61 28.65 -15.31
N VAL B 118 -6.48 28.40 -16.02
CA VAL B 118 -6.46 28.51 -17.49
C VAL B 118 -6.93 27.22 -18.19
N HIS B 119 -6.85 26.08 -17.52
CA HIS B 119 -7.20 24.76 -18.10
C HIS B 119 -8.66 24.68 -18.45
N ARG B 120 -9.53 25.26 -17.61
CA ARG B 120 -10.98 25.33 -17.82
C ARG B 120 -11.30 26.00 -19.18
N TYR B 121 -10.42 26.88 -19.65
CA TYR B 121 -10.62 27.59 -20.93
C TYR B 121 -9.70 27.06 -22.06
N GLY B 122 -9.14 25.86 -21.88
CA GLY B 122 -8.30 25.20 -22.88
C GLY B 122 -7.04 25.96 -23.27
N LEU B 123 -6.51 26.80 -22.36
CA LEU B 123 -5.32 27.61 -22.67
C LEU B 123 -4.01 27.08 -22.06
N GLN B 124 -4.01 25.87 -21.47
CA GLN B 124 -2.85 25.29 -20.76
C GLN B 124 -1.63 25.00 -21.64
N GLN B 125 -1.78 24.86 -22.96
CA GLN B 125 -0.63 24.63 -23.86
C GLN B 125 0.29 25.87 -23.93
N ARG B 126 -0.20 27.04 -23.51
CA ARG B 126 0.60 28.26 -23.46
C ARG B 126 1.58 28.28 -22.28
N LEU B 127 1.42 27.36 -21.31
CA LEU B 127 2.29 27.34 -20.14
C LEU B 127 3.61 26.66 -20.44
N ALA B 128 4.67 27.26 -19.95
CA ALA B 128 6.00 26.69 -20.09
C ALA B 128 6.09 25.41 -19.25
N PRO B 129 7.07 24.52 -19.54
CA PRO B 129 7.25 23.36 -18.66
C PRO B 129 7.59 23.79 -17.22
N HIS B 130 7.17 22.99 -16.26
CA HIS B 130 7.40 23.21 -14.83
C HIS B 130 6.71 24.50 -14.31
N THR B 131 5.60 24.95 -14.93
CA THR B 131 4.90 26.14 -14.41
C THR B 131 4.14 25.75 -13.15
N PRO B 132 4.41 26.40 -12.01
CA PRO B 132 3.67 26.04 -10.78
C PRO B 132 2.17 26.37 -10.87
N LEU B 133 1.35 25.44 -10.40
CA LEU B 133 -0.11 25.62 -10.38
C LEU B 133 -0.63 25.73 -8.95
N ALA B 134 -0.05 24.94 -8.03
CA ALA B 134 -0.45 24.94 -6.62
C ALA B 134 0.62 24.30 -5.75
N ARG B 135 0.67 24.73 -4.50
CA ARG B 135 1.53 24.22 -3.44
C ARG B 135 0.64 24.08 -2.22
N VAL B 136 0.33 22.85 -1.78
CA VAL B 136 -0.54 22.67 -0.62
C VAL B 136 0.14 21.68 0.32
N PHE B 137 0.24 22.04 1.60
CA PHE B 137 0.95 21.20 2.56
C PHE B 137 0.17 20.96 3.83
N SER B 138 0.48 19.85 4.50
CA SER B 138 -0.06 19.54 5.81
C SER B 138 1.02 19.98 6.82
N PRO B 139 0.65 20.81 7.79
CA PRO B 139 1.67 21.36 8.72
C PRO B 139 2.10 20.39 9.81
N ARG B 140 3.33 20.54 10.31
CA ARG B 140 3.83 19.74 11.43
C ARG B 140 3.17 20.20 12.71
N THR B 141 2.95 21.50 12.86
CA THR B 141 2.35 22.10 14.04
C THR B 141 1.39 23.21 13.64
N ARG B 142 0.32 23.41 14.42
CA ARG B 142 -0.56 24.54 14.19
C ARG B 142 -0.71 25.32 15.47
N ILE B 143 -0.61 26.63 15.35
CA ILE B 143 -0.85 27.53 16.48
C ILE B 143 -2.00 28.45 16.08
N MET B 144 -3.10 28.36 16.80
CA MET B 144 -4.28 29.17 16.56
C MET B 144 -4.30 30.36 17.54
N VAL B 145 -4.31 31.59 17.03
CA VAL B 145 -4.32 32.82 17.83
C VAL B 145 -5.59 33.60 17.56
N SER B 146 -6.28 33.97 18.62
CA SER B 146 -7.49 34.78 18.53
C SER B 146 -7.60 35.67 19.77
N GLU B 147 -8.57 36.60 19.78
CA GLU B 147 -8.80 37.43 20.96
C GLU B 147 -9.23 36.57 22.17
N LYS B 148 -9.81 35.37 21.94
CA LYS B 148 -10.25 34.51 23.03
C LYS B 148 -9.07 33.70 23.62
N GLU B 149 -8.27 33.02 22.76
CA GLU B 149 -7.18 32.20 23.27
C GLU B 149 -6.09 31.88 22.21
N ILE B 150 -5.01 31.23 22.70
CA ILE B 150 -3.93 30.68 21.90
C ILE B 150 -4.01 29.17 22.08
N ARG B 151 -4.20 28.39 21.01
CA ARG B 151 -4.33 26.94 21.16
C ARG B 151 -3.32 26.23 20.24
N LEU B 152 -2.62 25.24 20.80
CA LEU B 152 -1.57 24.47 20.11
C LEU B 152 -2.06 23.11 19.67
N PHE B 153 -1.71 22.73 18.43
CA PHE B 153 -2.03 21.42 17.86
C PHE B 153 -0.73 20.80 17.33
N ASP B 154 -0.47 19.53 17.71
CA ASP B 154 0.73 18.77 17.38
C ASP B 154 1.99 19.57 17.69
N ALA B 155 1.97 20.30 18.81
CA ALA B 155 3.07 21.17 19.19
C ALA B 155 3.94 20.49 20.31
N GLY B 156 5.09 21.09 20.58
CA GLY B 156 5.96 20.68 21.66
C GLY B 156 6.09 21.80 22.69
N ILE B 157 6.88 21.53 23.71
CA ILE B 157 7.18 22.47 24.78
C ILE B 157 7.85 23.73 24.21
N ARG B 158 8.70 23.57 23.20
CA ARG B 158 9.39 24.70 22.57
C ARG B 158 8.41 25.74 22.00
N HIS B 159 7.24 25.29 21.50
CA HIS B 159 6.23 26.23 20.96
C HIS B 159 5.62 27.03 22.12
N ARG B 160 5.29 26.32 23.20
CA ARG B 160 4.72 26.94 24.39
C ARG B 160 5.70 27.97 24.98
N GLU B 161 7.00 27.61 25.04
CA GLU B 161 8.04 28.49 25.59
C GLU B 161 8.15 29.77 24.75
N ALA B 162 8.05 29.65 23.42
CA ALA B 162 8.13 30.84 22.56
C ALA B 162 6.92 31.76 22.78
N ILE B 163 5.72 31.18 22.92
CA ILE B 163 4.51 31.96 23.19
C ILE B 163 4.64 32.69 24.54
N ASP B 164 5.09 31.94 25.56
CA ASP B 164 5.29 32.43 26.92
C ASP B 164 6.22 33.65 26.93
N ARG B 165 7.35 33.57 26.24
CA ARG B 165 8.31 34.67 26.20
C ARG B 165 7.68 35.91 25.59
N LEU B 166 6.92 35.76 24.50
CA LEU B 166 6.28 36.88 23.82
C LEU B 166 5.22 37.53 24.68
N LEU B 167 4.47 36.73 25.44
CA LEU B 167 3.45 37.29 26.31
C LEU B 167 4.07 38.03 27.49
N ALA B 168 5.23 37.57 27.99
CA ALA B 168 5.88 38.14 29.17
C ALA B 168 6.57 39.48 28.86
N THR B 169 7.14 39.60 27.68
CA THR B 169 7.88 40.81 27.30
C THR B 169 7.08 41.74 26.36
N GLY B 170 6.12 41.18 25.65
CA GLY B 170 5.40 41.93 24.64
C GLY B 170 6.08 41.76 23.28
N VAL B 171 5.35 42.04 22.22
CA VAL B 171 5.87 41.93 20.85
C VAL B 171 6.90 43.04 20.57
N ARG B 172 7.79 42.84 19.57
CA ARG B 172 8.78 43.84 19.19
C ARG B 172 8.14 45.13 18.68
N GLU B 173 8.80 46.27 18.90
CA GLU B 173 8.33 47.53 18.35
C GLU B 173 8.58 47.49 16.84
N VAL B 174 7.60 47.91 16.03
CA VAL B 174 7.77 47.89 14.58
C VAL B 174 8.61 49.12 14.18
N PRO B 175 9.74 48.90 13.49
CA PRO B 175 10.56 50.04 13.07
C PRO B 175 9.86 50.95 12.06
N GLN B 176 10.45 52.14 11.82
CA GLN B 176 9.92 53.06 10.82
C GLN B 176 10.02 52.42 9.43
N SER B 177 9.01 52.65 8.61
CA SER B 177 8.97 52.09 7.27
C SER B 177 9.88 52.89 6.30
N ARG B 178 10.17 52.30 5.14
CA ARG B 178 11.00 52.90 4.12
C ARG B 178 10.17 53.06 2.85
N SER B 179 10.18 54.27 2.28
CA SER B 179 9.35 54.61 1.13
C SER B 179 9.78 53.97 -0.18
N VAL B 180 8.84 53.86 -1.10
N VAL B 180 8.82 53.80 -1.12
CA VAL B 180 9.09 53.32 -2.43
CA VAL B 180 9.01 53.22 -2.45
C VAL B 180 8.30 54.18 -3.43
C VAL B 180 8.26 54.09 -3.47
N ASP B 181 8.89 54.43 -4.60
CA ASP B 181 8.27 55.24 -5.63
C ASP B 181 7.54 54.34 -6.62
N VAL B 182 6.21 54.51 -6.78
CA VAL B 182 5.42 53.71 -7.73
C VAL B 182 4.96 54.55 -8.96
N SER B 183 5.42 55.80 -9.10
CA SER B 183 4.98 56.68 -10.17
C SER B 183 5.53 56.33 -11.55
N ASP B 184 6.67 55.59 -11.62
CA ASP B 184 7.23 55.25 -12.93
C ASP B 184 6.45 54.09 -13.58
N ASP B 185 6.47 54.00 -14.92
CA ASP B 185 5.75 52.94 -15.63
C ASP B 185 6.71 52.20 -16.60
N PRO B 186 7.74 51.48 -16.09
CA PRO B 186 8.70 50.84 -16.99
C PRO B 186 8.12 49.69 -17.83
N SER B 187 7.05 49.02 -17.37
CA SER B 187 6.42 47.94 -18.14
C SER B 187 5.35 48.44 -19.15
N GLY B 188 5.18 49.75 -19.29
CA GLY B 188 4.22 50.33 -20.22
C GLY B 188 2.76 49.97 -19.95
N PHE B 189 2.34 49.95 -18.68
CA PHE B 189 0.94 49.70 -18.27
C PHE B 189 -0.04 50.59 -19.05
N ARG B 190 0.25 51.91 -19.16
CA ARG B 190 -0.63 52.83 -19.89
C ARG B 190 -0.80 52.40 -21.35
N ARG B 191 0.31 52.04 -22.01
CA ARG B 191 0.26 51.58 -23.41
C ARG B 191 -0.56 50.28 -23.54
N ARG B 192 -0.32 49.32 -22.64
CA ARG B 192 -1.00 48.03 -22.66
C ARG B 192 -2.52 48.20 -22.39
N VAL B 193 -2.90 49.14 -21.50
CA VAL B 193 -4.32 49.45 -21.26
C VAL B 193 -4.97 49.97 -22.57
N ALA B 194 -4.28 50.87 -23.31
CA ALA B 194 -4.80 51.41 -24.57
C ALA B 194 -5.02 50.28 -25.59
N VAL B 195 -4.11 49.28 -25.64
CA VAL B 195 -4.26 48.12 -26.51
C VAL B 195 -5.55 47.36 -26.14
N ALA B 196 -5.74 47.09 -24.83
CA ALA B 196 -6.92 46.39 -24.32
C ALA B 196 -8.21 47.16 -24.65
N VAL B 197 -8.22 48.50 -24.49
CA VAL B 197 -9.37 49.36 -24.81
C VAL B 197 -9.74 49.23 -26.32
N ASP B 198 -8.75 49.20 -27.22
CA ASP B 198 -9.02 49.02 -28.64
C ASP B 198 -9.55 47.62 -28.94
N GLU B 199 -9.07 46.59 -28.22
CA GLU B 199 -9.56 45.22 -28.42
C GLU B 199 -11.02 45.13 -27.98
N ILE B 200 -11.37 45.79 -26.85
CA ILE B 200 -12.74 45.83 -26.35
C ILE B 200 -13.63 46.58 -27.35
N ALA B 201 -13.15 47.73 -27.86
CA ALA B 201 -13.89 48.50 -28.86
C ALA B 201 -14.14 47.68 -30.13
N ALA B 202 -13.18 46.81 -30.50
CA ALA B 202 -13.32 45.91 -31.65
C ALA B 202 -14.22 44.67 -31.37
N GLY B 203 -14.69 44.51 -30.13
CA GLY B 203 -15.59 43.43 -29.72
C GLY B 203 -14.93 42.13 -29.32
N ARG B 204 -13.61 42.14 -29.03
CA ARG B 204 -12.90 40.91 -28.65
C ARG B 204 -13.37 40.37 -27.28
N TYR B 205 -13.73 41.29 -26.36
CA TYR B 205 -14.20 40.98 -25.02
C TYR B 205 -14.77 42.27 -24.37
N HIS B 206 -15.39 42.15 -23.20
CA HIS B 206 -16.03 43.27 -22.51
C HIS B 206 -15.15 43.90 -21.45
N LYS B 207 -14.33 43.08 -20.77
CA LYS B 207 -13.48 43.56 -19.71
C LYS B 207 -12.25 42.68 -19.53
N VAL B 208 -11.12 43.28 -19.15
CA VAL B 208 -9.90 42.53 -18.85
C VAL B 208 -9.14 43.26 -17.75
N ILE B 209 -8.51 42.50 -16.87
CA ILE B 209 -7.73 43.06 -15.80
C ILE B 209 -6.25 42.97 -16.20
N LEU B 210 -5.60 44.13 -16.33
CA LEU B 210 -4.16 44.17 -16.59
C LEU B 210 -3.48 44.69 -15.33
N SER B 211 -2.19 44.38 -15.17
CA SER B 211 -1.47 44.73 -13.97
C SER B 211 -0.03 45.22 -14.27
N ARG B 212 0.66 45.69 -13.23
CA ARG B 212 2.04 46.09 -13.34
C ARG B 212 2.77 45.74 -12.03
N CYS B 213 4.00 45.30 -12.17
CA CYS B 213 4.89 45.03 -11.04
C CYS B 213 5.60 46.31 -10.64
N VAL B 214 5.88 46.46 -9.35
CA VAL B 214 6.68 47.56 -8.84
C VAL B 214 7.78 46.93 -8.03
N GLU B 215 9.04 47.10 -8.45
CA GLU B 215 10.18 46.50 -7.75
C GLU B 215 10.45 47.26 -6.46
N VAL B 216 10.71 46.54 -5.37
CA VAL B 216 11.07 47.15 -4.10
C VAL B 216 12.59 47.06 -4.06
N PRO B 217 13.32 48.19 -4.19
CA PRO B 217 14.79 48.12 -4.34
C PRO B 217 15.57 47.71 -3.10
N PHE B 218 14.89 47.31 -2.02
CA PHE B 218 15.56 46.88 -0.80
C PHE B 218 14.86 45.63 -0.24
N ALA B 219 15.58 44.81 0.52
CA ALA B 219 14.98 43.62 1.13
C ALA B 219 14.08 44.05 2.29
N ILE B 220 12.91 43.43 2.43
CA ILE B 220 12.01 43.79 3.52
C ILE B 220 11.88 42.65 4.55
N ASP B 221 11.51 43.01 5.76
CA ASP B 221 11.22 42.07 6.81
C ASP B 221 9.73 41.72 6.66
N PHE B 222 9.43 40.54 6.16
CA PHE B 222 8.02 40.15 5.90
C PHE B 222 7.16 40.14 7.18
N PRO B 223 7.53 39.49 8.33
CA PRO B 223 6.64 39.54 9.52
C PRO B 223 6.40 40.96 10.03
N LEU B 224 7.43 41.83 10.04
CA LEU B 224 7.28 43.21 10.55
C LEU B 224 6.43 44.05 9.58
N THR B 225 6.63 43.88 8.27
CA THR B 225 5.83 44.57 7.25
C THR B 225 4.35 44.13 7.36
N TYR B 226 4.14 42.80 7.55
CA TYR B 226 2.82 42.21 7.74
C TYR B 226 2.09 42.92 8.90
N ARG B 227 2.74 42.99 10.05
CA ARG B 227 2.19 43.63 11.25
C ARG B 227 1.83 45.10 10.99
N LEU B 228 2.76 45.85 10.39
CA LEU B 228 2.57 47.29 10.15
C LEU B 228 1.40 47.53 9.19
N GLY B 229 1.35 46.83 8.07
CA GLY B 229 0.27 46.97 7.12
C GLY B 229 -1.06 46.49 7.65
N ARG B 230 -1.06 45.43 8.50
CA ARG B 230 -2.32 44.88 9.03
C ARG B 230 -3.07 45.89 9.90
N ARG B 231 -2.31 46.70 10.65
CA ARG B 231 -2.79 47.77 11.53
C ARG B 231 -3.53 48.89 10.73
N HIS B 232 -3.27 49.00 9.42
CA HIS B 232 -3.88 50.05 8.60
C HIS B 232 -4.77 49.50 7.47
N ASN B 233 -5.24 48.26 7.62
CA ASN B 233 -6.05 47.63 6.59
C ASN B 233 -7.19 46.83 7.20
N THR B 234 -8.24 46.56 6.41
CA THR B 234 -9.40 45.78 6.84
C THR B 234 -9.73 44.77 5.74
N PRO B 235 -8.83 43.79 5.55
CA PRO B 235 -9.07 42.81 4.48
C PRO B 235 -10.06 41.73 4.89
N VAL B 236 -10.57 40.97 3.91
CA VAL B 236 -11.49 39.87 4.21
C VAL B 236 -10.69 38.67 4.79
N ARG B 237 -9.44 38.49 4.35
CA ARG B 237 -8.46 37.50 4.79
C ARG B 237 -7.09 38.14 4.71
N SER B 238 -6.11 37.56 5.40
CA SER B 238 -4.73 38.03 5.29
C SER B 238 -3.81 36.81 5.44
N PHE B 239 -2.56 36.97 4.99
CA PHE B 239 -1.62 35.89 5.05
C PHE B 239 -0.19 36.43 5.15
N LEU B 240 0.71 35.55 5.59
CA LEU B 240 2.16 35.74 5.73
C LEU B 240 2.76 34.38 5.60
N LEU B 241 3.66 34.18 4.64
CA LEU B 241 4.22 32.86 4.41
C LEU B 241 5.71 32.91 3.99
N GLN B 242 6.38 31.77 4.20
CA GLN B 242 7.72 31.44 3.75
C GLN B 242 7.62 29.98 3.35
N LEU B 243 7.54 29.72 2.05
CA LEU B 243 7.30 28.37 1.56
C LEU B 243 8.05 28.12 0.25
N GLY B 244 8.90 27.10 0.26
CA GLY B 244 9.68 26.70 -0.91
C GLY B 244 10.44 27.81 -1.62
N GLY B 245 11.11 28.65 -0.85
CA GLY B 245 11.88 29.76 -1.40
C GLY B 245 11.10 31.03 -1.69
N ILE B 246 9.79 31.03 -1.42
CA ILE B 246 8.96 32.21 -1.63
C ILE B 246 8.57 32.82 -0.30
N ARG B 247 8.81 34.12 -0.13
CA ARG B 247 8.22 34.85 0.99
C ARG B 247 7.08 35.67 0.39
N ALA B 248 5.95 35.77 1.09
CA ALA B 248 4.82 36.56 0.63
C ALA B 248 3.94 36.99 1.80
N LEU B 249 3.26 38.09 1.67
CA LEU B 249 2.26 38.59 2.61
C LEU B 249 1.20 39.33 1.81
N GLY B 250 0.00 39.45 2.37
CA GLY B 250 -1.07 40.14 1.68
C GLY B 250 -2.28 40.39 2.53
N TYR B 251 -3.04 41.41 2.13
CA TYR B 251 -4.31 41.79 2.77
C TYR B 251 -5.35 41.55 1.70
N SER B 252 -5.78 40.30 1.56
N SER B 252 -5.78 40.29 1.55
CA SER B 252 -6.72 39.90 0.52
CA SER B 252 -6.71 39.89 0.51
C SER B 252 -8.03 40.68 0.60
C SER B 252 -8.02 40.69 0.60
N PRO B 253 -8.37 41.41 -0.47
CA PRO B 253 -9.61 42.20 -0.45
C PRO B 253 -10.85 41.37 -0.78
N GLU B 254 -10.66 40.18 -1.40
CA GLU B 254 -11.78 39.42 -1.90
C GLU B 254 -11.69 37.94 -1.60
N LEU B 255 -12.83 37.36 -1.22
CA LEU B 255 -12.98 35.94 -1.01
C LEU B 255 -13.44 35.35 -2.35
N VAL B 256 -12.52 34.69 -3.09
CA VAL B 256 -12.85 34.14 -4.40
C VAL B 256 -13.78 32.91 -4.24
N THR B 257 -13.52 32.08 -3.22
CA THR B 257 -14.37 30.90 -2.97
C THR B 257 -14.27 30.46 -1.53
N ALA B 258 -15.41 30.17 -0.92
CA ALA B 258 -15.45 29.52 0.36
C ALA B 258 -16.49 28.42 0.25
N VAL B 259 -16.14 27.20 0.65
CA VAL B 259 -17.03 26.06 0.69
C VAL B 259 -17.08 25.59 2.13
N ARG B 260 -18.26 25.56 2.72
CA ARG B 260 -18.41 25.15 4.11
C ARG B 260 -18.71 23.66 4.20
N ALA B 261 -18.51 23.06 5.39
CA ALA B 261 -18.80 21.64 5.61
C ALA B 261 -20.29 21.34 5.34
N ASP B 262 -21.20 22.30 5.61
CA ASP B 262 -22.63 22.09 5.38
C ASP B 262 -23.07 22.25 3.90
N GLY B 263 -22.11 22.44 2.99
CA GLY B 263 -22.42 22.60 1.57
C GLY B 263 -22.60 24.01 1.07
N VAL B 264 -22.67 25.01 1.95
CA VAL B 264 -22.82 26.40 1.51
C VAL B 264 -21.55 26.88 0.77
N VAL B 265 -21.74 27.47 -0.42
CA VAL B 265 -20.66 28.02 -1.25
C VAL B 265 -20.83 29.53 -1.33
N ILE B 266 -19.73 30.28 -1.18
CA ILE B 266 -19.70 31.72 -1.23
C ILE B 266 -18.62 32.23 -2.17
N THR B 267 -18.94 33.29 -2.91
CA THR B 267 -18.00 34.05 -3.71
C THR B 267 -18.39 35.52 -3.46
N GLU B 268 -17.40 36.41 -3.34
CA GLU B 268 -17.69 37.80 -2.99
C GLU B 268 -16.90 38.76 -3.88
N PRO B 269 -17.34 38.93 -5.15
CA PRO B 269 -16.58 39.77 -6.09
C PRO B 269 -16.60 41.25 -5.72
N LEU B 270 -15.43 41.89 -5.79
CA LEU B 270 -15.25 43.32 -5.60
C LEU B 270 -14.72 43.91 -6.90
N ALA B 271 -15.43 44.90 -7.44
CA ALA B 271 -15.07 45.59 -8.68
C ALA B 271 -15.74 46.96 -8.67
N GLY B 272 -15.04 47.96 -9.16
CA GLY B 272 -15.50 49.35 -9.05
C GLY B 272 -14.72 49.88 -7.87
N THR B 273 -13.89 50.91 -8.07
CA THR B 273 -12.94 51.32 -7.04
C THR B 273 -12.70 52.82 -6.97
N ARG B 274 -12.49 53.31 -5.75
CA ARG B 274 -12.08 54.67 -5.43
C ARG B 274 -11.07 54.63 -4.27
N ALA B 275 -10.29 55.70 -4.11
CA ALA B 275 -9.33 55.78 -3.02
C ALA B 275 -10.05 55.87 -1.65
N LEU B 276 -9.33 55.47 -0.60
CA LEU B 276 -9.71 55.48 0.82
C LEU B 276 -8.46 55.79 1.67
N GLY B 277 -8.66 56.25 2.89
CA GLY B 277 -7.56 56.59 3.79
C GLY B 277 -6.97 57.96 3.57
N ARG B 278 -7.72 58.85 2.92
CA ARG B 278 -7.25 60.20 2.64
C ARG B 278 -7.93 61.29 3.48
N GLY B 279 -8.58 60.91 4.58
CA GLY B 279 -9.30 61.86 5.41
C GLY B 279 -10.79 61.61 5.31
N PRO B 280 -11.55 61.89 6.39
CA PRO B 280 -13.00 61.60 6.38
C PRO B 280 -13.80 62.27 5.25
N ALA B 281 -13.66 63.59 5.03
CA ALA B 281 -14.41 64.30 4.00
C ALA B 281 -14.02 63.85 2.58
N ILE B 282 -12.72 63.66 2.32
CA ILE B 282 -12.27 63.23 1.00
C ILE B 282 -12.77 61.80 0.71
N ASP B 283 -12.73 60.91 1.72
CA ASP B 283 -13.20 59.54 1.56
C ASP B 283 -14.71 59.49 1.32
N ARG B 284 -15.46 60.39 1.97
CA ARG B 284 -16.92 60.45 1.81
C ARG B 284 -17.28 60.93 0.40
N LEU B 285 -16.55 61.93 -0.14
CA LEU B 285 -16.76 62.37 -1.52
C LEU B 285 -16.49 61.23 -2.49
N ALA B 286 -15.42 60.46 -2.24
CA ALA B 286 -15.02 59.33 -3.07
C ALA B 286 -16.06 58.20 -2.99
N ARG B 287 -16.60 57.96 -1.79
CA ARG B 287 -17.63 56.94 -1.55
C ARG B 287 -18.92 57.30 -2.33
N ASP B 288 -19.35 58.58 -2.24
CA ASP B 288 -20.54 59.05 -2.95
C ASP B 288 -20.34 58.97 -4.47
N ASP B 289 -19.12 59.28 -4.93
CA ASP B 289 -18.78 59.19 -6.34
C ASP B 289 -18.85 57.73 -6.80
N LEU B 290 -18.23 56.83 -6.04
CA LEU B 290 -18.21 55.39 -6.34
C LEU B 290 -19.63 54.80 -6.49
N GLU B 291 -20.53 55.09 -5.54
CA GLU B 291 -21.90 54.55 -5.53
C GLU B 291 -22.79 55.11 -6.65
N SER B 292 -22.44 56.25 -7.23
CA SER B 292 -23.25 56.83 -8.30
C SER B 292 -22.51 56.92 -9.65
N ASN B 293 -21.30 56.36 -9.76
CA ASN B 293 -20.50 56.49 -10.96
C ASN B 293 -20.86 55.41 -11.96
N SER B 294 -21.29 55.82 -13.15
CA SER B 294 -21.70 54.89 -14.20
C SER B 294 -20.62 53.87 -14.58
N LYS B 295 -19.36 54.31 -14.81
CA LYS B 295 -18.29 53.38 -15.17
C LYS B 295 -18.05 52.33 -14.09
N GLU B 296 -18.02 52.75 -12.81
CA GLU B 296 -17.81 51.83 -11.71
C GLU B 296 -18.99 50.87 -11.52
N ILE B 297 -20.23 51.35 -11.71
CA ILE B 297 -21.45 50.54 -11.61
C ILE B 297 -21.40 49.46 -12.72
N VAL B 298 -21.03 49.83 -13.96
CA VAL B 298 -20.91 48.85 -15.05
C VAL B 298 -19.85 47.78 -14.72
N GLU B 299 -18.63 48.18 -14.28
CA GLU B 299 -17.57 47.22 -13.92
C GLU B 299 -18.07 46.27 -12.81
N HIS B 300 -18.90 46.78 -11.88
CA HIS B 300 -19.42 45.92 -10.82
C HIS B 300 -20.54 44.99 -11.35
N ALA B 301 -21.57 45.54 -11.97
CA ALA B 301 -22.74 44.81 -12.45
C ALA B 301 -22.36 43.63 -13.38
N ILE B 302 -21.49 43.88 -14.39
CA ILE B 302 -21.09 42.81 -15.31
C ILE B 302 -20.30 41.70 -14.57
N SER B 303 -19.52 42.06 -13.52
CA SER B 303 -18.82 41.08 -12.72
C SER B 303 -19.80 40.23 -11.91
N VAL B 304 -20.84 40.85 -11.31
CA VAL B 304 -21.85 40.10 -10.55
C VAL B 304 -22.57 39.11 -11.48
N ARG B 305 -22.93 39.56 -12.69
CA ARG B 305 -23.60 38.70 -13.67
C ARG B 305 -22.72 37.47 -14.00
N SER B 306 -21.42 37.70 -14.23
CA SER B 306 -20.47 36.63 -14.52
C SER B 306 -20.31 35.68 -13.34
N SER B 307 -20.14 36.22 -12.12
CA SER B 307 -19.99 35.41 -10.92
C SER B 307 -21.19 34.54 -10.65
N LEU B 308 -22.41 35.06 -10.88
CA LEU B 308 -23.64 34.31 -10.66
C LEU B 308 -23.68 33.16 -11.67
N GLU B 309 -23.32 33.42 -12.94
CA GLU B 309 -23.26 32.38 -13.96
C GLU B 309 -22.28 31.26 -13.55
N GLU B 310 -21.10 31.64 -13.02
CA GLU B 310 -20.09 30.67 -12.61
C GLU B 310 -20.53 29.80 -11.44
N ILE B 311 -21.06 30.42 -10.35
CA ILE B 311 -21.47 29.62 -9.20
C ILE B 311 -22.64 28.67 -9.57
N THR B 312 -23.48 29.04 -10.57
CA THR B 312 -24.61 28.21 -11.00
C THR B 312 -24.10 26.88 -11.63
N ASP B 313 -22.90 26.88 -12.25
CA ASP B 313 -22.32 25.66 -12.83
C ASP B 313 -22.07 24.56 -11.79
N ILE B 314 -21.90 24.92 -10.50
CA ILE B 314 -21.62 23.93 -9.47
C ILE B 314 -22.70 23.90 -8.35
N ALA B 315 -23.76 24.72 -8.45
CA ALA B 315 -24.77 24.82 -7.42
C ALA B 315 -26.01 23.95 -7.66
N GLU B 316 -26.72 23.61 -6.56
CA GLU B 316 -28.03 22.97 -6.62
C GLU B 316 -28.97 23.93 -7.34
N PRO B 317 -29.75 23.45 -8.32
CA PRO B 317 -30.61 24.38 -9.09
C PRO B 317 -31.48 25.28 -8.20
N GLY B 318 -31.49 26.57 -8.51
CA GLY B 318 -32.25 27.55 -7.74
C GLY B 318 -31.68 27.98 -6.40
N SER B 319 -30.46 27.53 -6.04
CA SER B 319 -29.88 27.88 -4.75
C SER B 319 -29.00 29.15 -4.80
N ALA B 320 -28.59 29.59 -5.99
CA ALA B 320 -27.70 30.74 -6.12
C ALA B 320 -28.48 32.04 -5.87
N ALA B 321 -27.88 32.92 -5.06
CA ALA B 321 -28.49 34.18 -4.72
C ALA B 321 -27.43 35.24 -4.38
N VAL B 322 -27.74 36.50 -4.71
CA VAL B 322 -26.89 37.62 -4.35
C VAL B 322 -27.47 38.14 -3.03
N ILE B 323 -26.83 37.81 -1.90
CA ILE B 323 -27.38 38.17 -0.58
C ILE B 323 -26.97 39.57 -0.12
N ASP B 324 -26.07 40.22 -0.84
CA ASP B 324 -25.64 41.58 -0.56
C ASP B 324 -25.23 42.15 -1.90
N PHE B 325 -25.93 43.18 -2.42
CA PHE B 325 -25.66 43.65 -3.78
C PHE B 325 -25.06 45.06 -3.86
N MET B 326 -23.89 45.18 -4.54
CA MET B 326 -23.22 46.45 -4.87
C MET B 326 -23.16 47.42 -3.66
N THR B 327 -22.60 46.96 -2.55
CA THR B 327 -22.42 47.82 -1.38
C THR B 327 -20.91 48.13 -1.22
N VAL B 328 -20.59 49.31 -0.65
CA VAL B 328 -19.20 49.71 -0.51
C VAL B 328 -18.46 48.84 0.54
N ARG B 329 -17.33 48.27 0.14
CA ARG B 329 -16.45 47.44 0.96
C ARG B 329 -15.13 48.20 1.11
N GLU B 330 -14.80 48.56 2.34
CA GLU B 330 -13.61 49.35 2.63
C GLU B 330 -12.38 48.45 2.79
N ARG B 331 -11.33 48.76 2.03
CA ARG B 331 -10.08 47.98 2.00
C ARG B 331 -8.82 48.88 2.10
N GLY B 332 -8.70 49.60 3.21
CA GLY B 332 -7.53 50.41 3.53
C GLY B 332 -7.27 51.61 2.64
N SER B 333 -6.48 51.42 1.58
CA SER B 333 -6.13 52.50 0.64
C SER B 333 -7.17 52.70 -0.49
N VAL B 334 -8.13 51.77 -0.59
CA VAL B 334 -9.18 51.75 -1.60
C VAL B 334 -10.51 51.26 -1.00
N GLN B 335 -11.59 51.63 -1.65
CA GLN B 335 -12.94 51.19 -1.34
C GLN B 335 -13.55 50.70 -2.64
N HIS B 336 -14.30 49.60 -2.55
CA HIS B 336 -14.87 48.97 -3.73
C HIS B 336 -16.34 48.66 -3.63
N LEU B 337 -16.99 48.51 -4.79
CA LEU B 337 -18.35 48.01 -4.81
C LEU B 337 -18.22 46.49 -4.73
N GLY B 338 -18.95 45.90 -3.80
CA GLY B 338 -18.86 44.47 -3.56
C GLY B 338 -20.21 43.79 -3.47
N SER B 339 -20.27 42.56 -3.94
CA SER B 339 -21.49 41.77 -3.81
C SER B 339 -21.15 40.39 -3.19
N THR B 340 -22.05 39.87 -2.37
CA THR B 340 -21.87 38.57 -1.75
C THR B 340 -22.82 37.59 -2.37
N ILE B 341 -22.30 36.57 -3.05
CA ILE B 341 -23.08 35.54 -3.73
C ILE B 341 -22.95 34.22 -2.98
N ARG B 342 -24.08 33.61 -2.69
CA ARG B 342 -24.16 32.37 -1.95
C ARG B 342 -24.95 31.32 -2.72
N ALA B 343 -24.59 30.05 -2.58
CA ALA B 343 -25.30 28.96 -3.24
C ALA B 343 -25.09 27.64 -2.42
N ARG B 344 -25.72 26.53 -2.82
CA ARG B 344 -25.51 25.24 -2.18
C ARG B 344 -24.72 24.37 -3.15
N LEU B 345 -23.64 23.74 -2.70
CA LEU B 345 -22.82 22.88 -3.55
C LEU B 345 -23.64 21.68 -3.99
N ASP B 346 -23.77 21.48 -5.30
CA ASP B 346 -24.53 20.35 -5.82
C ASP B 346 -23.86 19.03 -5.41
N PRO B 347 -24.64 17.99 -5.07
CA PRO B 347 -24.02 16.70 -4.70
C PRO B 347 -23.12 16.10 -5.79
N SER B 348 -23.36 16.45 -7.07
CA SER B 348 -22.51 15.97 -8.18
C SER B 348 -21.20 16.79 -8.32
N SER B 349 -21.07 17.89 -7.59
CA SER B 349 -19.90 18.75 -7.61
C SER B 349 -19.02 18.52 -6.34
N ASP B 350 -17.89 19.23 -6.23
CA ASP B 350 -17.00 19.13 -5.07
C ASP B 350 -16.25 20.47 -4.86
N ARG B 351 -15.56 20.63 -3.72
CA ARG B 351 -14.91 21.90 -3.40
C ARG B 351 -13.88 22.34 -4.47
N MET B 352 -13.14 21.40 -5.12
CA MET B 352 -12.16 21.80 -6.14
C MET B 352 -12.86 22.23 -7.43
N ALA B 353 -13.96 21.57 -7.78
CA ALA B 353 -14.75 21.96 -8.94
C ALA B 353 -15.35 23.35 -8.71
N ALA B 354 -15.75 23.66 -7.48
CA ALA B 354 -16.30 24.97 -7.14
C ALA B 354 -15.19 26.03 -7.33
N LEU B 355 -13.97 25.74 -6.85
CA LEU B 355 -12.82 26.64 -7.03
C LEU B 355 -12.52 26.85 -8.52
N GLU B 356 -12.49 25.77 -9.31
CA GLU B 356 -12.25 25.84 -10.75
C GLU B 356 -13.33 26.67 -11.46
N ALA B 357 -14.62 26.51 -11.08
CA ALA B 357 -15.74 27.26 -11.67
C ALA B 357 -15.56 28.77 -11.50
N LEU B 358 -15.01 29.19 -10.35
CA LEU B 358 -14.81 30.59 -10.02
C LEU B 358 -13.38 31.11 -10.28
N PHE B 359 -12.53 30.30 -10.92
CA PHE B 359 -11.12 30.62 -11.18
C PHE B 359 -10.75 30.82 -12.68
N PRO B 360 -9.79 31.73 -12.94
CA PRO B 360 -9.33 32.77 -12.03
C PRO B 360 -10.50 33.69 -11.65
N ALA B 361 -10.41 34.45 -10.55
CA ALA B 361 -11.48 35.35 -10.15
C ALA B 361 -11.90 36.27 -11.31
N VAL B 362 -13.21 36.33 -11.60
CA VAL B 362 -13.69 37.18 -12.68
C VAL B 362 -13.22 38.65 -12.49
N THR B 363 -13.16 39.13 -11.23
CA THR B 363 -12.73 40.50 -10.94
C THR B 363 -11.20 40.70 -11.14
N ALA B 364 -10.44 39.62 -11.39
CA ALA B 364 -9.00 39.73 -11.61
C ALA B 364 -8.59 39.10 -12.98
N SER B 365 -9.56 38.78 -13.87
CA SER B 365 -9.24 38.18 -15.15
C SER B 365 -10.01 38.92 -16.25
N GLY B 366 -11.27 38.57 -16.50
CA GLY B 366 -12.03 39.27 -17.54
C GLY B 366 -13.37 38.68 -17.87
N ILE B 367 -14.07 39.35 -18.79
CA ILE B 367 -15.41 38.96 -19.23
C ILE B 367 -15.50 39.09 -20.74
N PRO B 368 -15.89 38.04 -21.48
CA PRO B 368 -16.07 36.63 -21.03
C PRO B 368 -14.73 36.09 -20.51
N LYS B 369 -14.76 35.14 -19.58
CA LYS B 369 -13.53 34.70 -18.94
C LYS B 369 -12.53 34.06 -19.91
N ALA B 370 -12.95 33.27 -20.90
CA ALA B 370 -11.97 32.67 -21.83
C ALA B 370 -11.16 33.74 -22.57
N ALA B 371 -11.85 34.76 -23.14
CA ALA B 371 -11.22 35.85 -23.89
C ALA B 371 -10.40 36.76 -22.97
N GLY B 372 -10.89 37.02 -21.75
CA GLY B 372 -10.14 37.82 -20.80
C GLY B 372 -8.82 37.16 -20.41
N VAL B 373 -8.85 35.85 -20.07
CA VAL B 373 -7.64 35.11 -19.70
C VAL B 373 -6.68 35.05 -20.91
N GLU B 374 -7.23 34.82 -22.13
CA GLU B 374 -6.45 34.78 -23.36
C GLU B 374 -5.67 36.12 -23.54
N ALA B 375 -6.35 37.27 -23.29
CA ALA B 375 -5.79 38.60 -23.40
C ALA B 375 -4.66 38.84 -22.39
N ILE B 376 -4.80 38.30 -21.17
CA ILE B 376 -3.79 38.42 -20.11
C ILE B 376 -2.47 37.77 -20.56
N PHE B 377 -2.53 36.66 -21.30
CA PHE B 377 -1.33 36.00 -21.84
C PHE B 377 -0.57 36.91 -22.80
N ARG B 378 -1.29 37.74 -23.55
CA ARG B 378 -0.67 38.62 -24.53
C ARG B 378 -0.29 40.01 -23.99
N LEU B 379 -1.08 40.55 -23.06
CA LEU B 379 -0.92 41.94 -22.62
C LEU B 379 -0.42 42.12 -21.21
N ASP B 380 -0.23 41.04 -20.44
CA ASP B 380 0.27 41.14 -19.07
C ASP B 380 1.56 40.31 -18.93
N GLU B 381 2.40 40.62 -17.92
CA GLU B 381 3.59 39.83 -17.66
C GLU B 381 3.16 38.43 -17.09
N CYS B 382 3.40 37.37 -17.86
CA CYS B 382 3.00 36.02 -17.47
C CYS B 382 4.24 35.09 -17.36
N PRO B 383 4.18 34.02 -16.53
CA PRO B 383 3.08 33.65 -15.64
C PRO B 383 2.92 34.63 -14.47
N ARG B 384 1.69 34.84 -14.05
CA ARG B 384 1.39 35.69 -12.92
C ARG B 384 1.80 35.01 -11.59
N GLY B 385 1.70 33.68 -11.52
CA GLY B 385 2.03 32.96 -10.29
C GLY B 385 1.08 33.23 -9.14
N LEU B 386 1.63 33.61 -7.96
CA LEU B 386 0.78 33.91 -6.81
C LEU B 386 -0.20 35.05 -7.11
N TYR B 387 0.25 36.14 -7.77
CA TYR B 387 -0.61 37.29 -8.02
C TYR B 387 -1.89 36.89 -8.80
N SER B 388 -3.04 37.30 -8.25
CA SER B 388 -4.41 37.05 -8.71
C SER B 388 -4.79 35.53 -8.66
N GLY B 389 -3.96 34.72 -8.00
CA GLY B 389 -4.29 33.37 -7.66
C GLY B 389 -4.98 33.44 -6.30
N ALA B 390 -4.82 32.38 -5.48
CA ALA B 390 -5.42 32.38 -4.17
C ALA B 390 -4.50 31.76 -3.11
N VAL B 391 -4.67 32.18 -1.87
CA VAL B 391 -4.05 31.55 -0.71
C VAL B 391 -5.20 30.74 -0.09
N VAL B 392 -4.96 29.45 0.17
CA VAL B 392 -6.04 28.55 0.58
C VAL B 392 -5.80 27.83 1.92
N MET B 393 -6.92 27.49 2.54
CA MET B 393 -7.01 26.70 3.76
C MET B 393 -8.11 25.64 3.51
N LEU B 394 -7.74 24.36 3.55
CA LEU B 394 -8.63 23.24 3.29
C LEU B 394 -8.77 22.39 4.54
N SER B 395 -9.97 21.90 4.80
CA SER B 395 -10.24 21.14 6.01
C SER B 395 -10.78 19.75 5.71
N ALA B 396 -10.43 18.78 6.58
CA ALA B 396 -10.85 17.38 6.46
C ALA B 396 -12.39 17.23 6.36
N ASP B 397 -13.17 18.12 6.96
CA ASP B 397 -14.64 18.05 6.91
C ASP B 397 -15.25 18.57 5.58
N GLY B 398 -14.42 18.87 4.58
CA GLY B 398 -14.90 19.37 3.30
C GLY B 398 -14.74 20.86 3.06
N GLY B 399 -14.30 21.58 4.08
CA GLY B 399 -14.12 23.01 3.98
C GLY B 399 -13.03 23.43 3.01
N LEU B 400 -13.24 24.60 2.39
CA LEU B 400 -12.28 25.27 1.53
C LEU B 400 -12.46 26.77 1.74
N ASP B 401 -11.35 27.49 1.94
CA ASP B 401 -11.39 28.92 2.07
C ASP B 401 -10.27 29.48 1.20
N ALA B 402 -10.64 30.28 0.19
CA ALA B 402 -9.69 30.76 -0.80
C ALA B 402 -9.75 32.26 -0.95
N ALA B 403 -8.71 32.92 -0.46
CA ALA B 403 -8.52 34.37 -0.48
C ALA B 403 -7.83 34.81 -1.77
N LEU B 404 -8.42 35.75 -2.48
CA LEU B 404 -7.85 36.26 -3.74
C LEU B 404 -6.56 37.01 -3.44
N THR B 405 -5.48 36.58 -4.07
CA THR B 405 -4.16 37.13 -3.79
C THR B 405 -3.91 38.41 -4.57
N LEU B 406 -4.35 39.49 -3.97
CA LEU B 406 -4.14 40.86 -4.41
C LEU B 406 -3.68 41.62 -3.16
N ARG B 407 -3.13 42.83 -3.33
CA ARG B 407 -2.65 43.67 -2.22
C ARG B 407 -1.56 42.91 -1.44
N ALA B 408 -0.65 42.28 -2.19
CA ALA B 408 0.37 41.42 -1.64
C ALA B 408 1.80 41.83 -2.10
N ALA B 409 2.78 41.43 -1.30
CA ALA B 409 4.20 41.63 -1.59
C ALA B 409 4.85 40.25 -1.70
N TYR B 410 5.88 40.14 -2.55
CA TYR B 410 6.55 38.89 -2.83
C TYR B 410 8.07 39.04 -2.79
N GLN B 411 8.76 37.96 -2.42
CA GLN B 411 10.22 37.86 -2.45
C GLN B 411 10.62 36.49 -2.91
N VAL B 412 11.24 36.42 -4.08
CA VAL B 412 11.73 35.18 -4.68
C VAL B 412 13.10 35.46 -5.28
N GLY B 413 14.08 34.64 -4.90
CA GLY B 413 15.45 34.71 -5.40
C GLY B 413 16.10 36.07 -5.53
N GLY B 414 16.14 36.84 -4.45
CA GLY B 414 16.77 38.15 -4.46
C GLY B 414 15.91 39.29 -4.95
N ARG B 415 14.75 38.99 -5.52
CA ARG B 415 13.84 40.01 -6.04
C ARG B 415 12.62 40.21 -5.11
N THR B 416 12.36 41.46 -4.71
CA THR B 416 11.20 41.83 -3.90
C THR B 416 10.31 42.72 -4.72
N TRP B 417 8.99 42.44 -4.78
CA TRP B 417 8.12 43.28 -5.60
C TRP B 417 6.66 43.28 -5.11
N LEU B 418 5.96 44.31 -5.55
CA LEU B 418 4.52 44.52 -5.38
C LEU B 418 3.87 44.34 -6.77
N ARG B 419 2.54 44.13 -6.81
CA ARG B 419 1.83 43.98 -8.07
C ARG B 419 0.39 44.37 -7.89
N ALA B 420 -0.10 45.28 -8.75
CA ALA B 420 -1.49 45.74 -8.69
C ALA B 420 -2.04 45.93 -10.10
N GLY B 421 -3.34 45.74 -10.22
CA GLY B 421 -4.02 45.81 -11.50
C GLY B 421 -5.30 46.64 -11.49
N ALA B 422 -5.92 46.71 -12.66
CA ALA B 422 -7.15 47.47 -12.82
C ALA B 422 -8.04 46.83 -13.86
N GLY B 423 -9.36 46.93 -13.64
CA GLY B 423 -10.35 46.43 -14.58
C GLY B 423 -10.50 47.42 -15.72
N ILE B 424 -10.36 46.93 -16.94
CA ILE B 424 -10.42 47.76 -18.13
C ILE B 424 -11.70 47.46 -18.92
N ILE B 425 -12.51 48.47 -19.18
CA ILE B 425 -13.72 48.35 -19.99
C ILE B 425 -13.60 49.35 -21.20
N GLU B 426 -14.59 49.38 -22.12
CA GLU B 426 -14.50 50.23 -23.31
C GLU B 426 -14.22 51.71 -22.99
N GLU B 427 -14.83 52.23 -21.91
CA GLU B 427 -14.69 53.63 -21.52
C GLU B 427 -13.47 53.95 -20.65
N SER B 428 -12.58 52.96 -20.42
CA SER B 428 -11.40 53.17 -19.58
C SER B 428 -10.38 54.11 -20.21
N GLU B 429 -9.70 54.88 -19.37
CA GLU B 429 -8.66 55.81 -19.77
C GLU B 429 -7.34 55.37 -19.13
N PRO B 430 -6.28 55.17 -19.93
CA PRO B 430 -5.00 54.69 -19.37
C PRO B 430 -4.50 55.46 -18.13
N GLU B 431 -4.63 56.80 -18.14
CA GLU B 431 -4.16 57.59 -17.00
C GLU B 431 -4.92 57.26 -15.72
N ARG B 432 -6.26 57.19 -15.79
CA ARG B 432 -7.07 56.87 -14.61
C ARG B 432 -6.79 55.43 -14.14
N GLU B 433 -6.59 54.50 -15.08
CA GLU B 433 -6.32 53.11 -14.70
C GLU B 433 -4.95 53.01 -14.00
N PHE B 434 -3.96 53.77 -14.47
CA PHE B 434 -2.64 53.80 -13.83
C PHE B 434 -2.79 54.36 -12.41
N GLU B 435 -3.57 55.43 -12.27
CA GLU B 435 -3.80 56.04 -10.95
C GLU B 435 -4.49 55.05 -10.00
N GLU B 436 -5.44 54.26 -10.52
CA GLU B 436 -6.12 53.24 -9.72
C GLU B 436 -5.10 52.21 -9.18
N THR B 437 -4.10 51.77 -10.00
CA THR B 437 -3.07 50.85 -9.51
C THR B 437 -2.25 51.51 -8.38
N CYS B 438 -2.01 52.84 -8.44
CA CYS B 438 -1.29 53.58 -7.37
C CYS B 438 -2.08 53.54 -6.08
N GLU B 439 -3.42 53.71 -6.18
CA GLU B 439 -4.29 53.68 -5.01
C GLU B 439 -4.24 52.31 -4.38
N LYS B 440 -4.28 51.24 -5.20
CA LYS B 440 -4.21 49.87 -4.73
C LYS B 440 -2.84 49.55 -4.10
N LEU B 441 -1.77 50.05 -4.70
CA LEU B 441 -0.42 49.86 -4.18
C LEU B 441 -0.23 50.51 -2.81
N SER B 442 -0.99 51.62 -2.54
CA SER B 442 -0.94 52.33 -1.26
C SER B 442 -1.44 51.48 -0.07
N THR B 443 -1.99 50.28 -0.33
CA THR B 443 -2.34 49.34 0.74
C THR B 443 -1.03 48.87 1.44
N LEU B 444 0.10 48.81 0.68
CA LEU B 444 1.39 48.34 1.15
C LEU B 444 2.52 49.37 1.16
N THR B 445 2.61 50.25 0.13
CA THR B 445 3.75 51.16 -0.02
C THR B 445 4.08 52.01 1.23
N PRO B 446 3.13 52.47 2.09
CA PRO B 446 3.57 53.23 3.29
C PRO B 446 4.04 52.34 4.45
N TYR B 447 3.96 51.00 4.30
CA TYR B 447 4.22 50.10 5.42
C TYR B 447 5.35 49.09 5.20
N LEU B 448 6.28 49.38 4.28
CA LEU B 448 7.39 48.44 4.03
C LEU B 448 8.52 48.61 5.08
N VAL B 449 8.74 47.58 5.90
CA VAL B 449 9.80 47.61 6.91
C VAL B 449 11.04 46.96 6.31
N ALA B 450 12.14 47.71 6.17
CA ALA B 450 13.37 47.19 5.60
C ALA B 450 14.01 46.11 6.49
N ARG B 451 14.73 45.15 5.89
CA ARG B 451 15.43 44.12 6.65
C ARG B 451 16.66 44.70 7.34
N SER C 18 -12.30 -19.18 55.32
CA SER C 18 -11.71 -18.18 56.22
C SER C 18 -12.32 -16.79 56.01
N SER C 19 -12.66 -16.09 57.12
CA SER C 19 -13.23 -14.75 57.02
C SER C 19 -12.66 -13.81 58.10
N ILE C 20 -12.64 -12.52 57.78
CA ILE C 20 -12.21 -11.42 58.63
C ILE C 20 -13.31 -10.40 58.66
N PRO C 21 -13.78 -9.94 59.83
CA PRO C 21 -14.82 -8.90 59.84
C PRO C 21 -14.29 -7.60 59.23
N MET C 22 -15.13 -6.89 58.48
CA MET C 22 -14.74 -5.65 57.84
C MET C 22 -14.54 -4.56 58.90
N PRO C 23 -13.39 -3.88 58.93
CA PRO C 23 -13.18 -2.84 59.95
C PRO C 23 -14.16 -1.69 59.77
N ALA C 24 -14.65 -1.14 60.90
CA ALA C 24 -15.62 -0.05 60.88
C ALA C 24 -15.04 1.19 60.22
N GLY C 25 -15.87 1.88 59.48
CA GLY C 25 -15.46 3.08 58.77
C GLY C 25 -14.68 2.83 57.49
N VAL C 26 -14.45 1.56 57.12
CA VAL C 26 -13.71 1.25 55.90
C VAL C 26 -14.69 0.82 54.79
N ASN C 27 -14.58 1.47 53.64
CA ASN C 27 -15.41 1.24 52.48
C ASN C 27 -14.87 0.04 51.65
N PRO C 28 -15.73 -0.95 51.36
CA PRO C 28 -15.27 -2.15 50.62
C PRO C 28 -14.52 -1.88 49.32
N ALA C 29 -14.97 -0.93 48.48
CA ALA C 29 -14.29 -0.60 47.22
C ALA C 29 -12.85 -0.14 47.48
N ASP C 30 -12.65 0.68 48.53
CA ASP C 30 -11.34 1.23 48.88
C ASP C 30 -10.40 0.12 49.38
N LEU C 31 -10.89 -0.73 50.28
CA LEU C 31 -10.09 -1.83 50.80
C LEU C 31 -9.73 -2.84 49.70
N ALA C 32 -10.70 -3.19 48.83
CA ALA C 32 -10.47 -4.14 47.74
C ALA C 32 -9.41 -3.63 46.77
N ALA C 33 -9.47 -2.34 46.41
CA ALA C 33 -8.49 -1.76 45.50
C ALA C 33 -7.11 -1.65 46.18
N GLU C 34 -7.05 -1.34 47.48
CA GLU C 34 -5.80 -1.28 48.23
C GLU C 34 -5.17 -2.66 48.30
N LEU C 35 -5.99 -3.72 48.47
CA LEU C 35 -5.51 -5.09 48.50
C LEU C 35 -4.90 -5.46 47.15
N ALA C 36 -5.57 -5.11 46.05
CA ALA C 36 -5.04 -5.36 44.71
C ALA C 36 -3.69 -4.62 44.51
N ALA C 37 -3.61 -3.35 44.96
CA ALA C 37 -2.39 -2.57 44.79
C ALA C 37 -1.22 -3.09 45.66
N VAL C 38 -1.40 -3.26 46.98
CA VAL C 38 -0.31 -3.60 47.86
C VAL C 38 -0.01 -5.09 47.88
N VAL C 39 -1.04 -5.94 48.01
CA VAL C 39 -0.78 -7.38 48.12
C VAL C 39 -0.21 -7.93 46.82
N THR C 40 -0.85 -7.67 45.68
CA THR C 40 -0.37 -8.21 44.42
C THR C 40 0.97 -7.60 44.03
N GLU C 41 1.28 -6.35 44.42
CA GLU C 41 2.59 -5.76 44.12
C GLU C 41 3.69 -6.44 44.92
N SER C 42 3.43 -6.75 46.21
CA SER C 42 4.42 -7.41 47.05
C SER C 42 4.79 -8.79 46.48
N VAL C 43 3.87 -9.47 45.78
CA VAL C 43 4.19 -10.78 45.18
C VAL C 43 4.35 -10.71 43.64
N ASP C 44 4.22 -9.50 43.04
CA ASP C 44 4.40 -9.21 41.63
C ASP C 44 3.52 -10.10 40.74
N GLU C 45 2.21 -10.18 41.04
CA GLU C 45 1.31 -11.04 40.28
C GLU C 45 0.24 -10.27 39.52
N ASP C 46 -0.32 -10.90 38.50
CA ASP C 46 -1.44 -10.35 37.79
C ASP C 46 -2.73 -10.54 38.63
N TYR C 47 -3.78 -9.80 38.29
CA TYR C 47 -5.02 -9.85 39.01
C TYR C 47 -6.18 -9.21 38.22
N LEU C 48 -7.38 -9.49 38.68
CA LEU C 48 -8.61 -8.90 38.16
C LEU C 48 -9.57 -8.76 39.34
N LEU C 49 -9.93 -7.54 39.63
CA LEU C 49 -10.87 -7.16 40.67
C LEU C 49 -12.21 -6.92 39.99
N TYR C 50 -13.25 -7.65 40.37
CA TYR C 50 -14.58 -7.52 39.77
C TYR C 50 -15.63 -7.23 40.86
N GLU C 51 -16.37 -6.15 40.71
CA GLU C 51 -17.44 -5.79 41.63
C GLU C 51 -18.78 -6.29 41.07
N CYS C 52 -19.43 -7.18 41.80
CA CYS C 52 -20.70 -7.77 41.39
C CYS C 52 -21.60 -7.91 42.62
N ASP C 53 -22.72 -7.16 42.62
CA ASP C 53 -23.76 -7.14 43.65
C ASP C 53 -23.24 -7.07 45.11
N GLY C 54 -22.47 -6.04 45.41
CA GLY C 54 -21.94 -5.81 46.75
C GLY C 54 -20.72 -6.63 47.12
N GLN C 55 -20.22 -7.47 46.20
CA GLN C 55 -19.01 -8.26 46.44
C GLN C 55 -17.89 -7.78 45.52
N TRP C 56 -16.77 -7.38 46.11
CA TRP C 56 -15.58 -6.99 45.35
C TRP C 56 -14.68 -8.19 45.34
N VAL C 57 -14.71 -8.94 44.25
CA VAL C 57 -13.98 -10.19 44.11
C VAL C 57 -12.59 -9.95 43.52
N LEU C 58 -11.56 -10.09 44.34
CA LEU C 58 -10.18 -9.95 43.89
C LEU C 58 -9.66 -11.32 43.47
N ALA C 59 -9.53 -11.53 42.17
CA ALA C 59 -8.98 -12.76 41.62
C ALA C 59 -7.50 -12.52 41.46
N ALA C 60 -6.71 -13.00 42.43
CA ALA C 60 -5.28 -12.75 42.49
C ALA C 60 -4.42 -13.93 42.03
N GLY C 61 -3.54 -13.64 41.09
CA GLY C 61 -2.59 -14.61 40.55
C GLY C 61 -3.17 -15.46 39.44
N VAL C 62 -2.33 -15.83 38.47
CA VAL C 62 -2.80 -16.61 37.33
C VAL C 62 -2.40 -18.08 37.50
N GLN C 63 -3.38 -18.94 37.81
CA GLN C 63 -3.14 -20.38 37.95
C GLN C 63 -3.08 -21.00 36.54
N ALA C 64 -3.99 -20.61 35.66
CA ALA C 64 -4.03 -21.04 34.27
C ALA C 64 -4.69 -19.96 33.43
N MET C 65 -4.19 -19.71 32.22
CA MET C 65 -4.72 -18.67 31.34
C MET C 65 -5.19 -19.25 30.02
N VAL C 66 -6.40 -18.90 29.61
CA VAL C 66 -6.97 -19.23 28.30
C VAL C 66 -6.86 -17.97 27.42
N GLU C 67 -6.18 -18.08 26.31
CA GLU C 67 -6.05 -16.99 25.35
C GLU C 67 -6.70 -17.40 24.04
N LEU C 68 -7.85 -16.81 23.74
CA LEU C 68 -8.50 -17.07 22.47
C LEU C 68 -8.16 -15.93 21.54
N ASP C 69 -7.49 -16.25 20.43
CA ASP C 69 -7.17 -15.32 19.36
C ASP C 69 -7.99 -15.71 18.10
N SER C 70 -8.04 -14.83 17.10
CA SER C 70 -8.77 -15.09 15.87
C SER C 70 -8.26 -16.36 15.16
N ASP C 71 -6.96 -16.66 15.28
CA ASP C 71 -6.37 -17.81 14.57
C ASP C 71 -5.83 -18.93 15.47
N GLU C 72 -6.01 -18.83 16.79
CA GLU C 72 -5.45 -19.84 17.70
C GLU C 72 -6.07 -19.76 19.07
N LEU C 73 -6.11 -20.90 19.76
CA LEU C 73 -6.51 -21.00 21.16
C LEU C 73 -5.30 -21.50 21.96
N ARG C 74 -4.93 -20.82 23.03
CA ARG C 74 -3.81 -21.21 23.86
C ARG C 74 -4.21 -21.38 25.30
N VAL C 75 -3.70 -22.42 25.96
CA VAL C 75 -3.91 -22.63 27.38
C VAL C 75 -2.51 -22.65 28.02
N ILE C 76 -2.25 -21.71 28.90
CA ILE C 76 -0.94 -21.56 29.53
C ILE C 76 -1.05 -21.86 31.03
N ARG C 77 -0.30 -22.86 31.49
CA ARG C 77 -0.31 -23.27 32.89
C ARG C 77 1.11 -23.62 33.33
N ASP C 78 1.58 -23.05 34.45
CA ASP C 78 2.90 -23.37 35.03
C ASP C 78 4.04 -23.21 34.00
N GLY C 79 4.01 -22.15 33.20
CA GLY C 79 5.03 -21.91 32.19
C GLY C 79 4.91 -22.71 30.90
N VAL C 80 3.97 -23.65 30.84
CA VAL C 80 3.74 -24.52 29.68
C VAL C 80 2.60 -24.00 28.80
N THR C 81 2.86 -23.83 27.50
CA THR C 81 1.84 -23.33 26.59
C THR C 81 1.34 -24.44 25.67
N ARG C 82 0.04 -24.70 25.68
CA ARG C 82 -0.61 -25.66 24.81
C ARG C 82 -1.35 -24.89 23.71
N ARG C 83 -0.97 -25.10 22.44
CA ARG C 83 -1.55 -24.37 21.32
C ARG C 83 -2.46 -25.26 20.53
N GLN C 84 -3.65 -24.79 20.22
CA GLN C 84 -4.62 -25.55 19.46
C GLN C 84 -5.30 -24.66 18.42
N GLN C 85 -5.62 -25.23 17.27
CA GLN C 85 -6.38 -24.54 16.25
C GLN C 85 -7.87 -24.71 16.59
N TRP C 86 -8.69 -23.75 16.18
CA TRP C 86 -10.11 -23.85 16.42
C TRP C 86 -10.90 -23.41 15.19
N SER C 87 -12.08 -24.00 15.02
CA SER C 87 -12.96 -23.71 13.89
C SER C 87 -14.39 -23.47 14.38
N GLY C 88 -15.20 -22.80 13.58
CA GLY C 88 -16.58 -22.53 13.92
C GLY C 88 -16.76 -21.36 14.85
N ARG C 89 -17.63 -21.50 15.84
CA ARG C 89 -17.96 -20.41 16.76
C ARG C 89 -16.88 -20.18 17.82
N PRO C 90 -16.46 -18.90 18.00
CA PRO C 90 -15.47 -18.58 19.05
C PRO C 90 -15.95 -18.95 20.45
N GLY C 91 -17.25 -18.82 20.68
CA GLY C 91 -17.88 -19.16 21.94
C GLY C 91 -17.74 -20.63 22.28
N ALA C 92 -17.82 -21.51 21.27
CA ALA C 92 -17.66 -22.95 21.51
C ALA C 92 -16.19 -23.24 21.91
N ALA C 93 -15.22 -22.60 21.23
CA ALA C 93 -13.81 -22.80 21.55
C ALA C 93 -13.48 -22.27 22.95
N LEU C 94 -13.95 -21.05 23.28
CA LEU C 94 -13.70 -20.45 24.58
C LEU C 94 -14.38 -21.26 25.67
N GLY C 95 -15.63 -21.65 25.42
CA GLY C 95 -16.47 -22.41 26.34
C GLY C 95 -15.86 -23.73 26.73
N GLU C 96 -15.33 -24.48 25.75
CA GLU C 96 -14.70 -25.76 26.01
C GLU C 96 -13.48 -25.59 26.93
N ALA C 97 -12.65 -24.57 26.66
CA ALA C 97 -11.44 -24.34 27.47
C ALA C 97 -11.78 -23.83 28.87
N VAL C 98 -12.76 -22.90 28.97
CA VAL C 98 -13.19 -22.30 30.23
C VAL C 98 -13.88 -23.37 31.11
N ASP C 99 -14.65 -24.29 30.51
CA ASP C 99 -15.31 -25.36 31.27
C ASP C 99 -14.24 -26.26 31.93
N ARG C 100 -13.12 -26.52 31.22
CA ARG C 100 -12.01 -27.32 31.76
C ARG C 100 -11.37 -26.60 32.95
N LEU C 101 -11.17 -25.27 32.87
CA LEU C 101 -10.63 -24.48 33.99
C LEU C 101 -11.50 -24.61 35.23
N LEU C 102 -12.83 -24.56 35.05
CA LEU C 102 -13.80 -24.60 36.15
C LEU C 102 -13.96 -26.01 36.79
N LEU C 103 -13.35 -27.05 36.21
CA LEU C 103 -13.30 -28.36 36.86
C LEU C 103 -12.32 -28.30 38.07
N GLU C 104 -11.30 -27.42 38.01
CA GLU C 104 -10.29 -27.28 39.05
C GLU C 104 -10.60 -26.16 40.04
N THR C 105 -11.20 -25.04 39.57
CA THR C 105 -11.52 -23.91 40.45
C THR C 105 -13.01 -23.52 40.35
N ASP C 106 -13.55 -22.83 41.36
CA ASP C 106 -14.95 -22.44 41.39
C ASP C 106 -15.28 -21.29 40.44
N GLN C 107 -14.31 -20.39 40.17
CA GLN C 107 -14.56 -19.24 39.33
C GLN C 107 -13.38 -18.92 38.40
N ALA C 108 -13.71 -18.34 37.25
CA ALA C 108 -12.78 -17.88 36.23
C ALA C 108 -13.13 -16.43 35.87
N PHE C 109 -12.13 -15.63 35.55
CA PHE C 109 -12.31 -14.19 35.29
C PHE C 109 -11.55 -13.76 34.05
N GLY C 110 -11.96 -12.65 33.45
CA GLY C 110 -11.25 -12.12 32.31
C GLY C 110 -12.00 -11.07 31.53
N TRP C 111 -11.69 -11.02 30.24
CA TRP C 111 -12.27 -10.06 29.36
C TRP C 111 -12.45 -10.66 27.98
N VAL C 112 -13.46 -10.19 27.30
CA VAL C 112 -13.84 -10.55 25.95
C VAL C 112 -13.77 -9.30 25.09
N ALA C 113 -13.06 -9.36 23.96
CA ALA C 113 -12.91 -8.22 23.08
C ALA C 113 -14.19 -7.95 22.28
N PHE C 114 -14.36 -6.72 21.74
CA PHE C 114 -15.45 -6.40 20.81
C PHE C 114 -15.42 -7.39 19.61
N GLU C 115 -14.21 -7.71 19.15
CA GLU C 115 -13.91 -8.59 18.01
C GLU C 115 -14.46 -10.02 18.18
N PHE C 116 -14.72 -10.47 19.40
CA PHE C 116 -15.35 -11.76 19.65
C PHE C 116 -16.77 -11.85 19.01
N GLY C 117 -17.47 -10.72 18.94
CA GLY C 117 -18.83 -10.66 18.40
C GLY C 117 -19.02 -10.51 16.89
N VAL C 118 -17.91 -10.42 16.11
CA VAL C 118 -18.04 -10.17 14.67
C VAL C 118 -18.28 -11.45 13.84
N HIS C 119 -17.85 -12.64 14.36
CA HIS C 119 -17.97 -13.91 13.63
C HIS C 119 -19.44 -14.23 13.31
N ARG C 120 -20.32 -13.92 14.26
CA ARG C 120 -21.75 -14.15 14.11
C ARG C 120 -22.33 -13.39 12.87
N TYR C 121 -21.69 -12.27 12.48
CA TYR C 121 -22.16 -11.45 11.38
C TYR C 121 -21.31 -11.58 10.10
N GLY C 122 -20.66 -12.72 9.92
CA GLY C 122 -19.87 -13.00 8.73
C GLY C 122 -18.69 -12.07 8.48
N LEU C 123 -18.08 -11.52 9.55
CA LEU C 123 -16.96 -10.59 9.40
C LEU C 123 -15.62 -11.15 9.90
N GLN C 124 -15.54 -12.47 10.21
CA GLN C 124 -14.30 -13.08 10.70
C GLN C 124 -13.08 -12.78 9.78
N GLN C 125 -13.31 -12.71 8.44
CA GLN C 125 -12.28 -12.46 7.43
C GLN C 125 -11.64 -11.07 7.56
N ARG C 126 -12.37 -10.09 8.11
CA ARG C 126 -11.88 -8.72 8.28
C ARG C 126 -10.88 -8.58 9.44
N LEU C 127 -10.76 -9.60 10.32
CA LEU C 127 -9.83 -9.54 11.42
C LEU C 127 -8.40 -9.88 10.99
N ALA C 128 -7.44 -9.13 11.50
CA ALA C 128 -6.03 -9.37 11.22
C ALA C 128 -5.56 -10.64 11.95
N PRO C 129 -4.43 -11.26 11.52
CA PRO C 129 -3.92 -12.42 12.28
C PRO C 129 -3.56 -12.04 13.71
N HIS C 130 -3.70 -12.99 14.64
CA HIS C 130 -3.38 -12.81 16.06
C HIS C 130 -4.27 -11.75 16.74
N THR C 131 -5.51 -11.54 16.24
CA THR C 131 -6.40 -10.56 16.89
C THR C 131 -6.93 -11.16 18.17
N PRO C 132 -6.71 -10.53 19.34
CA PRO C 132 -7.24 -11.08 20.59
C PRO C 132 -8.78 -11.09 20.63
N LEU C 133 -9.36 -12.20 21.08
CA LEU C 133 -10.81 -12.33 21.20
C LEU C 133 -11.23 -12.41 22.66
N ALA C 134 -10.45 -13.12 23.50
CA ALA C 134 -10.75 -13.28 24.92
C ALA C 134 -9.52 -13.74 25.70
N ARG C 135 -9.48 -13.38 26.98
CA ARG C 135 -8.44 -13.74 27.95
C ARG C 135 -9.18 -14.14 29.22
N VAL C 136 -9.19 -15.42 29.58
CA VAL C 136 -9.93 -15.88 30.76
C VAL C 136 -8.99 -16.75 31.60
N PHE C 137 -8.87 -16.46 32.90
CA PHE C 137 -7.94 -17.19 33.76
C PHE C 137 -8.61 -17.70 35.03
N SER C 138 -8.03 -18.76 35.58
CA SER C 138 -8.43 -19.26 36.87
C SER C 138 -7.45 -18.65 37.88
N PRO C 139 -7.97 -17.98 38.92
CA PRO C 139 -7.06 -17.36 39.89
C PRO C 139 -6.47 -18.37 40.87
N ARG C 140 -5.31 -18.04 41.41
CA ARG C 140 -4.70 -18.85 42.47
C ARG C 140 -5.42 -18.62 43.80
N THR C 141 -5.83 -17.37 44.03
CA THR C 141 -6.47 -16.94 45.26
C THR C 141 -7.62 -16.00 44.96
N ARG C 142 -8.66 -16.04 45.79
CA ARG C 142 -9.76 -15.10 45.66
C ARG C 142 -9.99 -14.43 47.00
N ILE C 143 -10.03 -13.11 47.02
CA ILE C 143 -10.33 -12.34 48.22
C ILE C 143 -11.64 -11.59 47.95
N MET C 144 -12.72 -11.90 48.67
CA MET C 144 -14.00 -11.24 48.44
C MET C 144 -14.27 -10.22 49.54
N VAL C 145 -14.36 -8.96 49.17
CA VAL C 145 -14.59 -7.88 50.11
C VAL C 145 -16.02 -7.36 49.98
N SER C 146 -16.73 -7.32 51.09
CA SER C 146 -18.09 -6.79 51.16
C SER C 146 -18.21 -5.85 52.38
N GLU C 147 -19.35 -5.19 52.52
CA GLU C 147 -19.59 -4.31 53.66
C GLU C 147 -19.50 -5.07 55.00
N LYS C 148 -19.81 -6.38 54.99
CA LYS C 148 -19.81 -7.17 56.21
C LYS C 148 -18.47 -7.84 56.52
N GLU C 149 -17.76 -8.38 55.51
CA GLU C 149 -16.52 -9.11 55.78
C GLU C 149 -15.60 -9.27 54.56
N ILE C 150 -14.40 -9.82 54.81
CA ILE C 150 -13.39 -10.19 53.85
C ILE C 150 -13.30 -11.71 53.87
N ARG C 151 -13.60 -12.38 52.74
CA ARG C 151 -13.54 -13.83 52.69
C ARG C 151 -12.34 -14.25 51.88
N LEU C 152 -11.57 -15.21 52.40
CA LEU C 152 -10.36 -15.66 51.75
C LEU C 152 -10.53 -17.06 51.20
N PHE C 153 -10.25 -17.24 49.90
CA PHE C 153 -10.32 -18.53 49.24
C PHE C 153 -8.93 -18.89 48.70
N ASP C 154 -8.36 -20.00 49.17
CA ASP C 154 -7.04 -20.50 48.74
C ASP C 154 -5.93 -19.46 48.93
N ALA C 155 -5.97 -18.70 50.04
CA ALA C 155 -4.96 -17.69 50.30
C ALA C 155 -3.82 -18.27 51.10
N GLY C 156 -2.62 -18.26 50.54
CA GLY C 156 -1.43 -18.79 51.20
C GLY C 156 -0.94 -17.90 52.33
N ILE C 157 -0.01 -18.40 53.15
CA ILE C 157 0.55 -17.68 54.30
C ILE C 157 1.11 -16.32 53.87
N ARG C 158 1.84 -16.27 52.73
CA ARG C 158 2.41 -15.02 52.23
C ARG C 158 1.33 -13.97 51.94
N HIS C 159 0.25 -14.36 51.24
CA HIS C 159 -0.87 -13.46 50.92
C HIS C 159 -1.62 -13.04 52.18
N ARG C 160 -1.82 -13.98 53.12
CA ARG C 160 -2.54 -13.70 54.37
C ARG C 160 -1.79 -12.65 55.18
N GLU C 161 -0.46 -12.80 55.28
CA GLU C 161 0.41 -11.87 56.00
C GLU C 161 0.36 -10.49 55.35
N ALA C 162 0.34 -10.44 54.01
CA ALA C 162 0.27 -9.19 53.26
C ALA C 162 -1.08 -8.48 53.51
N ILE C 163 -2.18 -9.25 53.59
CA ILE C 163 -3.53 -8.75 53.89
C ILE C 163 -3.56 -8.14 55.30
N ASP C 164 -2.97 -8.84 56.28
CA ASP C 164 -2.93 -8.38 57.66
C ASP C 164 -2.15 -7.08 57.77
N ARG C 165 -1.01 -6.96 57.08
CA ARG C 165 -0.22 -5.72 57.11
C ARG C 165 -1.04 -4.55 56.55
N LEU C 166 -1.83 -4.80 55.51
CA LEU C 166 -2.68 -3.76 54.92
C LEU C 166 -3.73 -3.30 55.94
N LEU C 167 -4.42 -4.25 56.60
CA LEU C 167 -5.42 -3.92 57.60
C LEU C 167 -4.83 -3.19 58.82
N ALA C 168 -3.54 -3.39 59.11
CA ALA C 168 -2.87 -2.73 60.22
C ALA C 168 -2.50 -1.27 59.91
N THR C 169 -2.27 -0.95 58.63
CA THR C 169 -1.91 0.41 58.24
C THR C 169 -3.08 1.26 57.76
N GLY C 170 -4.13 0.61 57.25
CA GLY C 170 -5.29 1.31 56.71
C GLY C 170 -5.07 1.67 55.25
N VAL C 171 -6.14 2.15 54.59
CA VAL C 171 -6.05 2.53 53.19
C VAL C 171 -5.32 3.88 53.04
N ARG C 172 -4.56 4.04 51.96
CA ARG C 172 -3.85 5.28 51.68
C ARG C 172 -4.79 6.42 51.38
N GLU C 173 -4.38 7.65 51.66
CA GLU C 173 -5.17 8.82 51.27
C GLU C 173 -5.04 8.94 49.74
N VAL C 174 -6.14 9.20 49.02
CA VAL C 174 -6.09 9.33 47.57
C VAL C 174 -5.56 10.73 47.23
N PRO C 175 -4.45 10.80 46.47
CA PRO C 175 -3.91 12.12 46.12
C PRO C 175 -4.83 12.94 45.21
N GLN C 176 -4.50 14.24 45.03
CA GLN C 176 -5.26 15.08 44.10
C GLN C 176 -5.09 14.53 42.67
N SER C 177 -6.15 14.59 41.89
CA SER C 177 -6.13 14.09 40.52
C SER C 177 -5.38 15.06 39.57
N ARG C 178 -5.10 14.62 38.36
CA ARG C 178 -4.42 15.43 37.35
C ARG C 178 -5.33 15.47 36.12
N SER C 179 -5.59 16.67 35.63
CA SER C 179 -6.55 16.86 34.58
C SER C 179 -6.05 16.44 33.19
N VAL C 180 -7.03 16.12 32.32
CA VAL C 180 -6.83 15.82 30.91
C VAL C 180 -7.85 16.64 30.10
N ASP C 181 -7.43 17.17 28.97
CA ASP C 181 -8.33 17.94 28.11
C ASP C 181 -8.96 17.01 27.08
N VAL C 182 -10.31 16.89 27.07
CA VAL C 182 -11.01 16.05 26.10
C VAL C 182 -11.75 16.89 25.02
N SER C 183 -11.59 18.23 25.03
CA SER C 183 -12.28 19.10 24.06
C SER C 183 -11.69 19.02 22.63
N ASP C 184 -10.44 18.57 22.48
CA ASP C 184 -9.82 18.46 21.16
C ASP C 184 -10.30 17.17 20.46
N ASP C 185 -10.26 17.17 19.13
CA ASP C 185 -10.78 16.06 18.33
C ASP C 185 -9.74 15.60 17.30
N PRO C 186 -8.62 15.00 17.73
CA PRO C 186 -7.59 14.59 16.76
C PRO C 186 -8.03 13.48 15.82
N SER C 187 -8.98 12.61 16.24
CA SER C 187 -9.42 11.52 15.36
C SER C 187 -10.62 11.91 14.46
N GLY C 188 -11.03 13.17 14.47
CA GLY C 188 -12.14 13.62 13.64
C GLY C 188 -13.48 12.95 13.91
N PHE C 189 -13.83 12.78 15.18
CA PHE C 189 -15.11 12.22 15.61
C PHE C 189 -16.30 12.94 14.96
N ARG C 190 -16.32 14.29 14.97
CA ARG C 190 -17.39 15.06 14.34
C ARG C 190 -17.51 14.76 12.85
N ARG C 191 -16.37 14.65 12.15
CA ARG C 191 -16.36 14.33 10.74
C ARG C 191 -16.90 12.92 10.49
N ARG C 192 -16.44 11.94 11.31
CA ARG C 192 -16.84 10.54 11.17
C ARG C 192 -18.33 10.38 11.46
N VAL C 193 -18.88 11.16 12.42
CA VAL C 193 -20.32 11.16 12.69
C VAL C 193 -21.08 11.63 11.43
N ALA C 194 -20.63 12.73 10.78
CA ALA C 194 -21.26 13.23 9.56
C ALA C 194 -21.21 12.18 8.43
N VAL C 195 -20.11 11.41 8.29
CA VAL C 195 -20.01 10.32 7.31
C VAL C 195 -21.08 9.26 7.61
N ALA C 196 -21.18 8.84 8.88
CA ALA C 196 -22.15 7.85 9.32
C ALA C 196 -23.58 8.33 9.06
N VAL C 197 -23.90 9.62 9.36
CA VAL C 197 -25.22 10.23 9.11
C VAL C 197 -25.56 10.16 7.61
N ASP C 198 -24.57 10.40 6.72
CA ASP C 198 -24.78 10.31 5.28
C ASP C 198 -25.07 8.88 4.85
N GLU C 199 -24.37 7.90 5.45
CA GLU C 199 -24.59 6.49 5.14
C GLU C 199 -25.99 6.06 5.60
N ILE C 200 -26.42 6.52 6.80
CA ILE C 200 -27.74 6.21 7.33
C ILE C 200 -28.81 6.84 6.42
N ALA C 201 -28.60 8.10 6.01
CA ALA C 201 -29.54 8.79 5.10
C ALA C 201 -29.65 8.05 3.76
N ALA C 202 -28.55 7.42 3.30
CA ALA C 202 -28.56 6.63 2.07
C ALA C 202 -29.18 5.21 2.27
N GLY C 203 -29.55 4.85 3.50
CA GLY C 203 -30.18 3.58 3.82
C GLY C 203 -29.24 2.42 4.10
N ARG C 204 -27.94 2.68 4.34
CA ARG C 204 -26.96 1.61 4.59
C ARG C 204 -27.25 0.86 5.90
N TYR C 205 -27.74 1.57 6.91
CA TYR C 205 -28.09 1.06 8.23
C TYR C 205 -28.91 2.13 9.00
N HIS C 206 -29.47 1.75 10.15
CA HIS C 206 -30.32 2.63 10.93
C HIS C 206 -29.55 3.34 12.03
N LYS C 207 -28.56 2.66 12.64
CA LYS C 207 -27.79 3.23 13.74
C LYS C 207 -26.39 2.62 13.81
N VAL C 208 -25.41 3.44 14.20
CA VAL C 208 -24.02 3.03 14.44
C VAL C 208 -23.45 3.80 15.62
N ILE C 209 -22.73 3.11 16.52
CA ILE C 209 -22.06 3.74 17.64
C ILE C 209 -20.62 3.98 17.21
N LEU C 210 -20.21 5.23 17.15
CA LEU C 210 -18.82 5.55 16.84
C LEU C 210 -18.20 6.10 18.10
N SER C 211 -16.90 5.94 18.24
CA SER C 211 -16.18 6.33 19.43
C SER C 211 -14.92 7.13 19.10
N ARG C 212 -14.29 7.67 20.14
CA ARG C 212 -13.04 8.36 19.99
C ARG C 212 -12.17 8.06 21.19
N CYS C 213 -10.88 7.86 20.93
CA CYS C 213 -9.88 7.68 21.98
C CYS C 213 -9.40 9.03 22.47
N VAL C 214 -9.06 9.13 23.75
CA VAL C 214 -8.45 10.33 24.31
C VAL C 214 -7.19 9.85 24.99
N GLU C 215 -6.02 10.26 24.49
CA GLU C 215 -4.75 9.85 25.08
C GLU C 215 -4.51 10.55 26.42
N VAL C 216 -4.03 9.82 27.42
CA VAL C 216 -3.70 10.39 28.73
C VAL C 216 -2.18 10.57 28.69
N PRO C 217 -1.68 11.81 28.65
CA PRO C 217 -0.23 12.02 28.45
C PRO C 217 0.69 11.68 29.63
N PHE C 218 0.14 11.08 30.68
CA PHE C 218 0.93 10.69 31.84
C PHE C 218 0.52 9.30 32.32
N ALA C 219 1.42 8.59 33.00
CA ALA C 219 1.09 7.27 33.54
C ALA C 219 0.20 7.46 34.77
N ILE C 220 -0.85 6.64 34.87
CA ILE C 220 -1.76 6.77 36.01
C ILE C 220 -1.61 5.60 36.97
N ASP C 221 -1.96 5.83 38.22
CA ASP C 221 -2.02 4.80 39.22
C ASP C 221 -3.41 4.19 39.11
N PHE C 222 -3.51 2.99 38.51
CA PHE C 222 -4.79 2.34 38.29
C PHE C 222 -5.57 2.10 39.62
N PRO C 223 -5.02 1.49 40.70
CA PRO C 223 -5.83 1.30 41.91
C PRO C 223 -6.31 2.60 42.57
N LEU C 224 -5.46 3.65 42.61
CA LEU C 224 -5.87 4.92 43.23
C LEU C 224 -6.93 5.64 42.36
N THR C 225 -6.78 5.57 41.03
CA THR C 225 -7.76 6.15 40.10
C THR C 225 -9.09 5.43 40.25
N TYR C 226 -9.05 4.07 40.35
CA TYR C 226 -10.20 3.23 40.55
C TYR C 226 -11.00 3.70 41.79
N ARG C 227 -10.31 3.85 42.93
CA ARG C 227 -10.91 4.27 44.18
C ARG C 227 -11.58 5.65 44.03
N LEU C 228 -10.86 6.61 43.45
CA LEU C 228 -11.35 7.97 43.32
C LEU C 228 -12.61 8.05 42.44
N GLY C 229 -12.57 7.40 41.28
CA GLY C 229 -13.72 7.36 40.37
C GLY C 229 -14.90 6.58 40.92
N ARG C 230 -14.63 5.50 41.69
CA ARG C 230 -15.71 4.67 42.24
C ARG C 230 -16.61 5.47 43.21
N ARG C 231 -16.00 6.39 43.95
CA ARG C 231 -16.66 7.30 44.89
C ARG C 231 -17.66 8.25 44.20
N HIS C 232 -17.49 8.48 42.89
CA HIS C 232 -18.35 9.40 42.15
C HIS C 232 -19.16 8.71 41.04
N ASN C 233 -19.38 7.39 41.16
CA ASN C 233 -20.10 6.65 40.14
C ASN C 233 -21.03 5.60 40.76
N THR C 234 -22.04 5.16 40.02
CA THR C 234 -22.98 4.13 40.46
C THR C 234 -23.16 3.14 39.32
N PRO C 235 -22.10 2.39 39.01
CA PRO C 235 -22.20 1.46 37.88
C PRO C 235 -22.91 0.17 38.26
N VAL C 236 -23.31 -0.63 37.27
CA VAL C 236 -23.95 -1.92 37.55
C VAL C 236 -22.86 -2.94 37.98
N ARG C 237 -21.65 -2.79 37.45
CA ARG C 237 -20.43 -3.56 37.75
C ARG C 237 -19.23 -2.61 37.66
N SER C 238 -18.12 -3.01 38.26
CA SER C 238 -16.88 -2.25 38.09
C SER C 238 -15.72 -3.24 38.09
N PHE C 239 -14.58 -2.78 37.57
CA PHE C 239 -13.41 -3.65 37.51
C PHE C 239 -12.12 -2.83 37.59
N LEU C 240 -11.04 -3.53 37.93
CA LEU C 240 -9.67 -3.05 38.02
C LEU C 240 -8.81 -4.26 37.75
N LEU C 241 -7.95 -4.22 36.73
CA LEU C 241 -7.14 -5.37 36.38
C LEU C 241 -5.70 -5.02 35.91
N GLN C 242 -4.82 -6.02 36.00
CA GLN C 242 -3.44 -6.03 35.53
C GLN C 242 -3.25 -7.45 35.04
N LEU C 243 -3.35 -7.63 33.74
CA LEU C 243 -3.37 -8.96 33.16
C LEU C 243 -2.66 -9.02 31.81
N GLY C 244 -1.60 -9.83 31.74
CA GLY C 244 -0.83 -10.00 30.52
C GLY C 244 -0.35 -8.72 29.85
N GLY C 245 0.14 -7.79 30.64
CA GLY C 245 0.64 -6.52 30.10
C GLY C 245 -0.43 -5.45 29.87
N ILE C 246 -1.70 -5.76 30.20
CA ILE C 246 -2.77 -4.79 30.08
C ILE C 246 -3.18 -4.31 31.47
N ARG C 247 -3.20 -3.00 31.70
CA ARG C 247 -3.83 -2.47 32.90
C ARG C 247 -5.15 -1.86 32.44
N ALA C 248 -6.22 -2.03 33.21
CA ALA C 248 -7.51 -1.45 32.87
C ALA C 248 -8.38 -1.27 34.09
N LEU C 249 -9.30 -0.30 34.05
CA LEU C 249 -10.30 -0.05 35.08
C LEU C 249 -11.55 0.50 34.42
N GLY C 250 -12.70 0.34 35.04
CA GLY C 250 -13.95 0.82 34.47
C GLY C 250 -15.15 0.74 35.38
N TYR C 251 -16.16 1.56 35.07
CA TYR C 251 -17.42 1.60 35.81
C TYR C 251 -18.49 1.22 34.78
N SER C 252 -18.70 -0.08 34.57
CA SER C 252 -19.62 -0.57 33.56
C SER C 252 -21.05 -0.07 33.79
N PRO C 253 -21.62 0.60 32.78
CA PRO C 253 -22.99 1.10 32.93
C PRO C 253 -24.09 0.05 32.67
N GLU C 254 -23.77 -1.11 32.06
CA GLU C 254 -24.80 -2.12 31.80
C GLU C 254 -24.27 -3.55 31.63
N LEU C 255 -25.15 -4.54 31.95
CA LEU C 255 -24.86 -5.95 31.75
C LEU C 255 -25.19 -6.27 30.31
N VAL C 256 -24.23 -6.78 29.57
CA VAL C 256 -24.51 -7.25 28.23
C VAL C 256 -25.12 -8.68 28.34
N THR C 257 -24.65 -9.50 29.30
CA THR C 257 -25.22 -10.83 29.52
C THR C 257 -24.95 -11.32 30.93
N ALA C 258 -25.95 -11.88 31.55
CA ALA C 258 -25.80 -12.57 32.82
C ALA C 258 -26.59 -13.87 32.69
N VAL C 259 -25.94 -14.99 32.96
CA VAL C 259 -26.57 -16.32 32.95
C VAL C 259 -26.45 -16.85 34.36
N ARG C 260 -27.56 -17.20 34.98
CA ARG C 260 -27.58 -17.72 36.34
C ARG C 260 -27.53 -19.26 36.31
N ALA C 261 -27.16 -19.87 37.45
CA ALA C 261 -27.11 -21.33 37.56
C ALA C 261 -28.49 -21.97 37.26
N ASP C 262 -29.59 -21.28 37.62
CA ASP C 262 -30.94 -21.80 37.38
C ASP C 262 -31.43 -21.63 35.93
N GLY C 263 -30.57 -21.15 35.02
CA GLY C 263 -30.95 -20.97 33.63
C GLY C 263 -31.46 -19.61 33.23
N VAL C 264 -31.71 -18.72 34.19
CA VAL C 264 -32.23 -17.39 33.86
C VAL C 264 -31.13 -16.55 33.15
N VAL C 265 -31.47 -15.97 31.99
CA VAL C 265 -30.58 -15.13 31.19
C VAL C 265 -31.08 -13.69 31.22
N ILE C 266 -30.19 -12.72 31.41
CA ILE C 266 -30.50 -11.30 31.47
C ILE C 266 -29.58 -10.48 30.55
N THR C 267 -30.15 -9.46 29.90
CA THR C 267 -29.43 -8.46 29.12
C THR C 267 -30.03 -7.09 29.46
N GLU C 268 -29.22 -6.03 29.52
CA GLU C 268 -29.70 -4.69 29.92
C GLU C 268 -29.32 -3.57 28.95
N PRO C 269 -30.07 -3.42 27.86
CA PRO C 269 -29.75 -2.35 26.92
C PRO C 269 -30.08 -0.95 27.45
N LEU C 270 -29.12 -0.01 27.31
CA LEU C 270 -29.25 1.40 27.68
C LEU C 270 -29.06 2.21 26.42
N ALA C 271 -30.03 3.04 26.08
CA ALA C 271 -29.95 3.90 24.89
C ALA C 271 -30.77 5.16 25.18
N GLY C 272 -30.22 6.32 24.88
CA GLY C 272 -30.85 7.60 25.18
C GLY C 272 -30.06 8.14 26.33
N THR C 273 -29.37 9.28 26.16
CA THR C 273 -28.45 9.77 27.20
C THR C 273 -28.53 11.27 27.44
N ARG C 274 -28.42 11.66 28.71
CA ARG C 274 -28.30 13.05 29.16
C ARG C 274 -27.19 13.14 30.19
N ALA C 275 -26.64 14.36 30.40
CA ALA C 275 -25.65 14.53 31.46
C ALA C 275 -26.32 14.34 32.83
N LEU C 276 -25.49 14.01 33.82
CA LEU C 276 -25.79 13.84 35.23
C LEU C 276 -24.61 14.40 36.04
N GLY C 277 -24.86 14.75 37.29
CA GLY C 277 -23.83 15.32 38.16
C GLY C 277 -23.59 16.79 37.96
N ARG C 278 -24.55 17.51 37.38
CA ARG C 278 -24.44 18.96 37.15
C ARG C 278 -25.25 19.81 38.12
N GLY C 279 -25.78 19.20 39.19
CA GLY C 279 -26.62 19.91 40.14
C GLY C 279 -27.99 19.25 40.18
N PRO C 280 -28.59 19.12 41.36
CA PRO C 280 -29.89 18.43 41.46
C PRO C 280 -31.01 18.96 40.54
N ALA C 281 -31.26 20.29 40.52
CA ALA C 281 -32.30 20.86 39.64
C ALA C 281 -31.94 20.73 38.14
N ILE C 282 -30.64 20.92 37.79
CA ILE C 282 -30.21 20.77 36.38
C ILE C 282 -30.34 19.29 35.93
N ASP C 283 -29.97 18.35 36.82
CA ASP C 283 -30.09 16.92 36.52
C ASP C 283 -31.58 16.54 36.34
N ARG C 284 -32.47 17.10 37.17
CA ARG C 284 -33.90 16.80 37.08
C ARG C 284 -34.49 17.31 35.75
N LEU C 285 -34.06 18.50 35.29
CA LEU C 285 -34.52 19.01 34.00
C LEU C 285 -34.10 18.07 32.86
N ALA C 286 -32.84 17.58 32.92
CA ALA C 286 -32.30 16.66 31.91
C ALA C 286 -33.06 15.32 31.95
N ARG C 287 -33.38 14.83 33.18
CA ARG C 287 -34.12 13.58 33.41
C ARG C 287 -35.52 13.68 32.80
N ASP C 288 -36.22 14.80 33.04
CA ASP C 288 -37.57 15.04 32.52
C ASP C 288 -37.54 15.14 30.99
N ASP C 289 -36.49 15.76 30.43
CA ASP C 289 -36.35 15.84 28.99
C ASP C 289 -36.14 14.41 28.41
N LEU C 290 -35.23 13.64 28.99
CA LEU C 290 -34.90 12.28 28.56
C LEU C 290 -36.15 11.36 28.52
N GLU C 291 -36.94 11.36 29.61
CA GLU C 291 -38.13 10.51 29.72
C GLU C 291 -39.30 10.90 28.82
N SER C 292 -39.33 12.13 28.34
CA SER C 292 -40.42 12.56 27.45
C SER C 292 -39.93 12.89 26.04
N ASN C 293 -38.65 12.64 25.72
CA ASN C 293 -38.09 13.00 24.42
C ASN C 293 -38.43 11.95 23.40
N SER C 294 -39.17 12.36 22.35
CA SER C 294 -39.60 11.42 21.31
C SER C 294 -38.44 10.68 20.65
N LYS C 295 -37.35 11.38 20.26
CA LYS C 295 -36.21 10.70 19.61
C LYS C 295 -35.59 9.63 20.50
N GLU C 296 -35.42 9.93 21.80
CA GLU C 296 -34.83 8.98 22.75
C GLU C 296 -35.76 7.81 23.01
N ILE C 297 -37.08 8.08 23.11
CA ILE C 297 -38.08 7.02 23.33
C ILE C 297 -38.06 6.07 22.13
N VAL C 298 -38.10 6.60 20.91
CA VAL C 298 -38.09 5.77 19.70
C VAL C 298 -36.83 4.90 19.63
N GLU C 299 -35.63 5.49 19.77
CA GLU C 299 -34.41 4.69 19.66
C GLU C 299 -34.31 3.68 20.81
N HIS C 300 -34.84 3.99 22.00
CA HIS C 300 -34.82 3.02 23.09
C HIS C 300 -35.75 1.85 22.77
N ALA C 301 -36.96 2.13 22.26
CA ALA C 301 -37.90 1.07 21.95
C ALA C 301 -37.33 0.16 20.86
N ILE C 302 -36.64 0.75 19.86
CA ILE C 302 -36.03 -0.02 18.76
C ILE C 302 -34.87 -0.89 19.29
N SER C 303 -34.10 -0.39 20.29
CA SER C 303 -33.01 -1.20 20.87
C SER C 303 -33.58 -2.38 21.67
N VAL C 304 -34.69 -2.18 22.42
CA VAL C 304 -35.36 -3.24 23.17
C VAL C 304 -35.86 -4.33 22.19
N ARG C 305 -36.44 -3.92 21.06
CA ARG C 305 -36.90 -4.87 20.03
C ARG C 305 -35.70 -5.71 19.52
N SER C 306 -34.54 -5.07 19.25
CA SER C 306 -33.33 -5.78 18.80
C SER C 306 -32.82 -6.77 19.89
N SER C 307 -32.75 -6.33 21.15
CA SER C 307 -32.31 -7.20 22.25
C SER C 307 -33.22 -8.40 22.43
N LEU C 308 -34.54 -8.20 22.31
CA LEU C 308 -35.51 -9.29 22.43
C LEU C 308 -35.31 -10.30 21.30
N GLU C 309 -35.08 -9.81 20.08
CA GLU C 309 -34.83 -10.70 18.94
C GLU C 309 -33.59 -11.58 19.19
N GLU C 310 -32.52 -10.96 19.72
CA GLU C 310 -31.28 -11.67 20.01
C GLU C 310 -31.43 -12.73 21.12
N ILE C 311 -32.03 -12.37 22.27
CA ILE C 311 -32.17 -13.33 23.36
C ILE C 311 -33.07 -14.50 22.95
N THR C 312 -34.02 -14.29 22.00
CA THR C 312 -34.94 -15.34 21.52
C THR C 312 -34.16 -16.45 20.79
N ASP C 313 -33.02 -16.11 20.15
CA ASP C 313 -32.18 -17.12 19.47
C ASP C 313 -31.64 -18.21 20.42
N ILE C 314 -31.52 -17.91 21.73
CA ILE C 314 -30.97 -18.88 22.69
C ILE C 314 -31.97 -19.25 23.81
N ALA C 315 -33.19 -18.71 23.78
CA ALA C 315 -34.15 -18.91 24.84
C ALA C 315 -35.16 -20.03 24.58
N GLU C 316 -35.73 -20.59 25.68
CA GLU C 316 -36.85 -21.52 25.62
C GLU C 316 -38.01 -20.78 24.96
N PRO C 317 -38.71 -21.40 24.00
CA PRO C 317 -39.80 -20.68 23.30
C PRO C 317 -40.80 -19.98 24.25
N GLY C 318 -41.07 -18.71 23.97
CA GLY C 318 -41.99 -17.89 24.74
C GLY C 318 -41.49 -17.40 26.10
N SER C 319 -40.19 -17.61 26.42
CA SER C 319 -39.65 -17.20 27.73
C SER C 319 -39.06 -15.79 27.73
N ALA C 320 -38.85 -15.18 26.55
CA ALA C 320 -38.27 -13.84 26.47
C ALA C 320 -39.27 -12.77 26.88
N ALA C 321 -38.84 -11.86 27.78
CA ALA C 321 -39.70 -10.83 28.35
C ALA C 321 -38.93 -9.58 28.78
N VAL C 322 -39.62 -8.43 28.76
CA VAL C 322 -39.05 -7.17 29.25
C VAL C 322 -39.54 -7.01 30.67
N ILE C 323 -38.67 -7.22 31.66
CA ILE C 323 -39.10 -7.13 33.06
C ILE C 323 -38.95 -5.72 33.67
N ASP C 324 -38.30 -4.81 32.97
CA ASP C 324 -38.16 -3.41 33.39
C ASP C 324 -38.05 -2.63 32.11
N PHE C 325 -39.01 -1.73 31.84
CA PHE C 325 -39.03 -1.04 30.55
C PHE C 325 -38.81 0.46 30.61
N MET C 326 -37.79 0.92 29.88
CA MET C 326 -37.47 2.33 29.65
C MET C 326 -37.44 3.18 30.94
N THR C 327 -36.66 2.75 31.93
CA THR C 327 -36.53 3.52 33.18
C THR C 327 -35.16 4.22 33.20
N VAL C 328 -35.07 5.39 33.86
CA VAL C 328 -33.80 6.12 33.91
C VAL C 328 -32.80 5.38 34.82
N ARG C 329 -31.61 5.09 34.27
CA ARG C 329 -30.46 4.47 34.93
C ARG C 329 -29.39 5.56 35.14
N GLU C 330 -29.12 5.92 36.40
CA GLU C 330 -28.13 6.94 36.74
C GLU C 330 -26.74 6.31 36.79
N ARG C 331 -25.81 6.87 35.99
CA ARG C 331 -24.45 6.36 35.84
C ARG C 331 -23.38 7.48 35.94
N GLY C 332 -23.36 8.17 37.09
CA GLY C 332 -22.39 9.20 37.44
C GLY C 332 -22.48 10.49 36.66
N SER C 333 -21.70 10.58 35.57
CA SER C 333 -21.66 11.77 34.74
C SER C 333 -22.76 11.77 33.65
N VAL C 334 -23.51 10.67 33.50
CA VAL C 334 -24.59 10.51 32.52
C VAL C 334 -25.75 9.70 33.12
N GLN C 335 -26.94 9.88 32.55
CA GLN C 335 -28.15 9.14 32.88
C GLN C 335 -28.73 8.63 31.56
N HIS C 336 -29.23 7.39 31.55
CA HIS C 336 -29.72 6.77 30.33
C HIS C 336 -31.09 6.13 30.48
N LEU C 337 -31.79 5.92 29.35
CA LEU C 337 -32.99 5.11 29.37
C LEU C 337 -32.51 3.67 29.30
N GLY C 338 -32.92 2.86 30.24
CA GLY C 338 -32.53 1.45 30.28
C GLY C 338 -33.68 0.49 30.43
N SER C 339 -33.53 -0.70 29.83
CA SER C 339 -34.49 -1.78 29.98
C SER C 339 -33.78 -3.07 30.42
N THR C 340 -34.53 -4.00 31.05
CA THR C 340 -34.02 -5.29 31.49
C THR C 340 -34.81 -6.39 30.78
N ILE C 341 -34.14 -7.14 29.90
CA ILE C 341 -34.70 -8.24 29.11
C ILE C 341 -34.22 -9.58 29.71
N ARG C 342 -35.17 -10.47 30.01
CA ARG C 342 -34.92 -11.77 30.62
C ARG C 342 -35.44 -12.89 29.74
N ALA C 343 -34.80 -14.04 29.82
CA ALA C 343 -35.19 -15.25 29.11
C ALA C 343 -34.73 -16.49 29.89
N ARG C 344 -35.23 -17.69 29.55
CA ARG C 344 -34.73 -18.92 30.14
C ARG C 344 -33.82 -19.56 29.10
N LEU C 345 -32.60 -19.92 29.48
CA LEU C 345 -31.65 -20.55 28.56
C LEU C 345 -32.20 -21.88 28.06
N ASP C 346 -32.33 -22.04 26.75
CA ASP C 346 -32.85 -23.28 26.18
C ASP C 346 -31.88 -24.44 26.49
N PRO C 347 -32.40 -25.65 26.77
CA PRO C 347 -31.50 -26.79 27.06
C PRO C 347 -30.52 -27.09 25.92
N SER C 348 -30.87 -26.73 24.67
CA SER C 348 -29.96 -26.93 23.52
C SER C 348 -28.87 -25.84 23.42
N SER C 349 -28.99 -24.78 24.20
CA SER C 349 -28.05 -23.66 24.20
C SER C 349 -27.10 -23.73 25.43
N ASP C 350 -26.17 -22.77 25.55
CA ASP C 350 -25.23 -22.71 26.67
C ASP C 350 -24.83 -21.24 26.95
N ARG C 351 -24.15 -20.98 28.08
CA ARG C 351 -23.80 -19.61 28.49
C ARG C 351 -22.97 -18.88 27.42
N MET C 352 -22.06 -19.57 26.70
CA MET C 352 -21.27 -18.89 25.66
C MET C 352 -22.10 -18.54 24.44
N ALA C 353 -23.03 -19.41 24.07
CA ALA C 353 -23.95 -19.13 22.98
C ALA C 353 -24.84 -17.93 23.34
N ALA C 354 -25.22 -17.80 24.63
CA ALA C 354 -26.03 -16.67 25.07
C ALA C 354 -25.21 -15.36 24.91
N LEU C 355 -23.92 -15.41 25.29
CA LEU C 355 -23.02 -14.26 25.15
C LEU C 355 -22.88 -13.88 23.66
N GLU C 356 -22.66 -14.87 22.80
CA GLU C 356 -22.53 -14.66 21.35
C GLU C 356 -23.81 -14.04 20.75
N ALA C 357 -24.98 -14.56 21.16
CA ALA C 357 -26.27 -14.04 20.67
C ALA C 357 -26.45 -12.54 20.95
N LEU C 358 -25.93 -12.07 22.09
CA LEU C 358 -26.07 -10.69 22.51
C LEU C 358 -24.81 -9.82 22.25
N PHE C 359 -23.81 -10.36 21.52
CA PHE C 359 -22.55 -9.70 21.27
C PHE C 359 -22.33 -9.29 19.79
N PRO C 360 -21.63 -8.17 19.57
CA PRO C 360 -21.35 -7.11 20.55
C PRO C 360 -22.68 -6.51 21.02
N ALA C 361 -22.72 -5.85 22.19
CA ALA C 361 -23.97 -5.24 22.69
C ALA C 361 -24.61 -4.35 21.61
N VAL C 362 -25.90 -4.60 21.27
CA VAL C 362 -26.61 -3.79 20.25
C VAL C 362 -26.46 -2.28 20.54
N THR C 363 -26.49 -1.89 21.81
CA THR C 363 -26.39 -0.47 22.19
C THR C 363 -24.97 0.09 22.10
N ALA C 364 -23.96 -0.74 21.79
CA ALA C 364 -22.57 -0.30 21.59
C ALA C 364 -22.02 -0.63 20.17
N SER C 365 -22.91 -1.02 19.26
CA SER C 365 -22.50 -1.42 17.92
C SER C 365 -23.41 -0.76 16.89
N GLY C 366 -24.58 -1.36 16.59
CA GLY C 366 -25.48 -0.78 15.62
C GLY C 366 -26.63 -1.68 15.18
N ILE C 367 -27.53 -1.08 14.37
CA ILE C 367 -28.73 -1.72 13.86
C ILE C 367 -28.89 -1.45 12.37
N PRO C 368 -29.11 -2.47 11.51
CA PRO C 368 -28.98 -3.92 11.78
C PRO C 368 -27.54 -4.22 12.19
N LYS C 369 -27.36 -5.29 12.98
CA LYS C 369 -26.06 -5.65 13.50
C LYS C 369 -24.98 -5.88 12.44
N ALA C 370 -25.21 -6.71 11.39
CA ALA C 370 -24.12 -6.97 10.42
C ALA C 370 -23.62 -5.65 9.77
N ALA C 371 -24.54 -4.83 9.22
CA ALA C 371 -24.18 -3.54 8.60
C ALA C 371 -23.58 -2.55 9.62
N GLY C 372 -24.09 -2.54 10.84
CA GLY C 372 -23.60 -1.63 11.89
C GLY C 372 -22.20 -1.93 12.38
N VAL C 373 -21.92 -3.21 12.70
CA VAL C 373 -20.60 -3.67 13.15
C VAL C 373 -19.58 -3.46 12.01
N GLU C 374 -19.97 -3.75 10.74
CA GLU C 374 -19.12 -3.56 9.57
C GLU C 374 -18.74 -2.06 9.41
N ALA C 375 -19.69 -1.17 9.69
CA ALA C 375 -19.43 0.28 9.62
C ALA C 375 -18.37 0.70 10.67
N ILE C 376 -18.30 0.01 11.82
CA ILE C 376 -17.32 0.27 12.87
C ILE C 376 -15.90 -0.07 12.36
N PHE C 377 -15.75 -1.15 11.57
CA PHE C 377 -14.47 -1.50 10.95
C PHE C 377 -13.95 -0.36 10.05
N ARG C 378 -14.86 0.34 9.37
CA ARG C 378 -14.48 1.39 8.44
C ARG C 378 -14.39 2.80 9.03
N LEU C 379 -15.24 3.12 10.00
CA LEU C 379 -15.35 4.48 10.54
C LEU C 379 -14.82 4.67 11.95
N ASP C 380 -14.35 3.60 12.59
CA ASP C 380 -13.80 3.67 13.95
C ASP C 380 -12.37 3.11 13.98
N GLU C 381 -11.58 3.45 15.02
CA GLU C 381 -10.25 2.86 15.17
C GLU C 381 -10.37 1.38 15.64
N CYS C 382 -9.90 0.45 14.80
CA CYS C 382 -10.02 -0.98 15.09
C CYS C 382 -8.63 -1.65 15.14
N PRO C 383 -8.45 -2.75 15.90
CA PRO C 383 -9.46 -3.41 16.73
C PRO C 383 -9.79 -2.61 17.98
N ARG C 384 -11.04 -2.67 18.39
CA ARG C 384 -11.48 -1.99 19.60
C ARG C 384 -10.90 -2.68 20.86
N GLY C 385 -10.72 -4.01 20.80
CA GLY C 385 -10.20 -4.79 21.92
C GLY C 385 -11.15 -4.74 23.11
N LEU C 386 -10.64 -4.29 24.27
CA LEU C 386 -11.44 -4.21 25.48
C LEU C 386 -12.65 -3.30 25.35
N TYR C 387 -12.49 -2.13 24.69
CA TYR C 387 -13.59 -1.18 24.58
C TYR C 387 -14.79 -1.76 23.82
N SER C 388 -15.97 -1.67 24.45
CA SER C 388 -17.28 -2.18 24.03
C SER C 388 -17.32 -3.73 23.96
N GLY C 389 -16.29 -4.38 24.52
CA GLY C 389 -16.29 -5.79 24.78
C GLY C 389 -16.89 -5.98 26.16
N ALA C 390 -16.47 -7.03 26.88
CA ALA C 390 -16.98 -7.26 28.23
C ALA C 390 -15.88 -7.72 29.19
N VAL C 391 -16.07 -7.44 30.47
CA VAL C 391 -15.26 -8.00 31.55
C VAL C 391 -16.15 -9.07 32.15
N VAL C 392 -15.64 -10.30 32.28
CA VAL C 392 -16.47 -11.45 32.66
C VAL C 392 -16.01 -12.16 33.94
N MET C 393 -16.98 -12.78 34.60
CA MET C 393 -16.82 -13.65 35.72
C MET C 393 -17.68 -14.90 35.45
N LEU C 394 -17.05 -16.05 35.39
CA LEU C 394 -17.70 -17.33 35.12
C LEU C 394 -17.60 -18.22 36.33
N SER C 395 -18.63 -19.05 36.54
CA SER C 395 -18.66 -19.92 37.71
C SER C 395 -18.87 -21.37 37.32
N ALA C 396 -18.28 -22.28 38.11
CA ALA C 396 -18.37 -23.73 37.91
C ALA C 396 -19.84 -24.22 37.82
N ASP C 397 -20.79 -23.56 38.52
CA ASP C 397 -22.20 -23.98 38.49
C ASP C 397 -22.97 -23.52 37.22
N GLY C 398 -22.27 -22.97 36.23
CA GLY C 398 -22.91 -22.52 35.01
C GLY C 398 -23.07 -21.00 34.87
N GLY C 399 -22.76 -20.27 35.94
CA GLY C 399 -22.92 -18.83 35.92
C GLY C 399 -22.00 -18.11 34.95
N LEU C 400 -22.50 -16.99 34.44
CA LEU C 400 -21.74 -16.07 33.58
C LEU C 400 -22.23 -14.66 33.90
N ASP C 401 -21.30 -13.74 34.14
CA ASP C 401 -21.65 -12.36 34.39
C ASP C 401 -20.75 -11.50 33.53
N ALA C 402 -21.34 -10.76 32.58
CA ALA C 402 -20.58 -10.02 31.61
C ALA C 402 -20.99 -8.56 31.58
N ALA C 403 -20.10 -7.71 32.13
CA ALA C 403 -20.24 -6.27 32.20
C ALA C 403 -19.73 -5.62 30.90
N LEU C 404 -20.56 -4.81 30.25
CA LEU C 404 -20.20 -4.09 29.04
C LEU C 404 -19.10 -3.09 29.37
N THR C 405 -17.98 -3.20 28.66
CA THR C 405 -16.79 -2.40 28.92
C THR C 405 -16.87 -1.07 28.23
N LEU C 406 -17.51 -0.16 28.91
CA LEU C 406 -17.62 1.23 28.57
C LEU C 406 -17.22 1.99 29.86
N ARG C 407 -16.92 3.27 29.75
CA ARG C 407 -16.55 4.11 30.90
C ARG C 407 -15.26 3.55 31.55
N ALA C 408 -14.30 3.18 30.69
CA ALA C 408 -13.07 2.53 31.13
C ALA C 408 -11.77 3.25 30.67
N ALA C 409 -10.65 3.02 31.39
CA ALA C 409 -9.30 3.50 31.06
C ALA C 409 -8.38 2.30 30.82
N TYR C 410 -7.40 2.45 29.93
CA TYR C 410 -6.51 1.38 29.52
C TYR C 410 -5.05 1.80 29.49
N GLN C 411 -4.15 0.86 29.71
CA GLN C 411 -2.71 1.05 29.61
C GLN C 411 -2.08 -0.19 29.01
N VAL C 412 -1.53 -0.04 27.80
CA VAL C 412 -0.87 -1.12 27.07
C VAL C 412 0.41 -0.56 26.46
N GLY C 413 1.53 -1.21 26.78
CA GLY C 413 2.87 -0.79 26.39
C GLY C 413 3.14 0.46 27.20
N GLY C 414 3.42 1.52 26.51
CA GLY C 414 3.62 2.80 27.15
C GLY C 414 2.47 3.75 26.89
N ARG C 415 1.33 3.25 26.38
CA ARG C 415 0.21 4.10 26.02
C ARG C 415 -0.96 3.99 27.01
N THR C 416 -1.42 5.13 27.53
CA THR C 416 -2.57 5.21 28.44
C THR C 416 -3.68 5.96 27.74
N TRP C 417 -4.93 5.44 27.74
CA TRP C 417 -6.00 6.15 27.06
C TRP C 417 -7.39 5.83 27.61
N LEU C 418 -8.32 6.73 27.29
CA LEU C 418 -9.74 6.65 27.55
C LEU C 418 -10.47 6.46 26.21
N ARG C 419 -11.75 6.03 26.23
CA ARG C 419 -12.51 5.87 25.00
C ARG C 419 -13.99 5.96 25.29
N ALA C 420 -14.70 6.80 24.51
CA ALA C 420 -16.16 6.95 24.67
C ALA C 420 -16.84 7.12 23.33
N GLY C 421 -18.09 6.68 23.25
CA GLY C 421 -18.86 6.74 22.01
C GLY C 421 -20.28 7.27 22.13
N ALA C 422 -20.97 7.33 20.99
CA ALA C 422 -22.35 7.81 20.95
C ALA C 422 -23.14 7.11 19.83
N GLY C 423 -24.43 6.88 20.06
CA GLY C 423 -25.32 6.24 19.10
C GLY C 423 -25.75 7.24 18.04
N ILE C 424 -25.40 6.97 16.78
CA ILE C 424 -25.68 7.87 15.66
C ILE C 424 -26.85 7.35 14.85
N ILE C 425 -27.89 8.19 14.71
CA ILE C 425 -29.06 7.86 13.89
C ILE C 425 -29.19 8.97 12.79
N GLU C 426 -30.19 8.85 11.88
CA GLU C 426 -30.33 9.81 10.77
C GLU C 426 -30.39 11.26 11.23
N GLU C 427 -31.08 11.53 12.36
CA GLU C 427 -31.25 12.90 12.85
C GLU C 427 -30.10 13.40 13.74
N SER C 428 -29.01 12.62 13.89
CA SER C 428 -27.90 13.01 14.74
C SER C 428 -27.14 14.21 14.22
N GLU C 429 -26.64 15.02 15.17
CA GLU C 429 -25.85 16.22 14.88
C GLU C 429 -24.46 16.04 15.46
N PRO C 430 -23.41 16.18 14.61
CA PRO C 430 -22.03 15.95 15.10
C PRO C 430 -21.67 16.68 16.39
N GLU C 431 -22.09 17.94 16.55
CA GLU C 431 -21.77 18.71 17.75
C GLU C 431 -22.37 18.07 19.01
N ARG C 432 -23.67 17.70 18.98
CA ARG C 432 -24.32 17.06 20.13
C ARG C 432 -23.69 15.70 20.43
N GLU C 433 -23.38 14.89 19.41
CA GLU C 433 -22.76 13.58 19.66
C GLU C 433 -21.37 13.74 20.28
N PHE C 434 -20.58 14.73 19.81
CA PHE C 434 -19.28 14.99 20.41
C PHE C 434 -19.45 15.39 21.89
N GLU C 435 -20.44 16.25 22.18
CA GLU C 435 -20.73 16.68 23.56
C GLU C 435 -21.14 15.46 24.42
N GLU C 436 -21.88 14.52 23.83
CA GLU C 436 -22.29 13.31 24.53
C GLU C 436 -21.06 12.49 24.96
N THR C 437 -20.05 12.39 24.07
CA THR C 437 -18.83 11.66 24.42
C THR C 437 -18.11 12.37 25.57
N CYS C 438 -18.16 13.73 25.63
CA CYS C 438 -17.55 14.50 26.74
C CYS C 438 -18.26 14.14 28.04
N GLU C 439 -19.61 14.10 28.05
CA GLU C 439 -20.37 13.71 29.23
C GLU C 439 -19.97 12.30 29.71
N LYS C 440 -19.84 11.35 28.76
CA LYS C 440 -19.45 9.99 29.08
C LYS C 440 -17.96 9.90 29.57
N LEU C 441 -17.01 10.62 28.95
CA LEU C 441 -15.61 10.61 29.39
C LEU C 441 -15.46 11.20 30.81
N SER C 442 -16.37 12.14 31.18
CA SER C 442 -16.43 12.78 32.50
C SER C 442 -16.67 11.79 33.64
N THR C 443 -17.03 10.53 33.34
CA THR C 443 -17.14 9.47 34.32
C THR C 443 -15.71 9.23 34.93
N LEU C 444 -14.63 9.46 34.15
CA LEU C 444 -13.24 9.21 34.51
C LEU C 444 -12.31 10.43 34.55
N THR C 445 -12.44 11.37 33.60
CA THR C 445 -11.53 12.49 33.44
C THR C 445 -11.29 13.34 34.72
N PRO C 446 -12.26 13.57 35.64
CA PRO C 446 -11.92 14.36 36.86
C PRO C 446 -11.22 13.51 37.94
N TYR C 447 -11.03 12.21 37.72
CA TYR C 447 -10.54 11.33 38.77
C TYR C 447 -9.23 10.58 38.44
N LEU C 448 -8.42 11.08 37.49
CA LEU C 448 -7.17 10.41 37.13
C LEU C 448 -6.02 10.72 38.13
N VAL C 449 -5.55 9.70 38.85
CA VAL C 449 -4.43 9.86 39.78
C VAL C 449 -3.13 9.51 39.06
N ALA C 450 -2.21 10.46 38.98
CA ALA C 450 -0.92 10.21 38.32
C ALA C 450 -0.08 9.23 39.12
N ARG C 451 0.60 8.28 38.46
CA ARG C 451 1.45 7.32 39.17
C ARG C 451 2.67 8.03 39.75
N GLN C 452 2.98 7.77 41.03
CA GLN C 452 4.15 8.37 41.67
C GLN C 452 5.34 7.40 41.67
N THR D 15 37.61 -7.17 -37.02
CA THR D 15 38.32 -6.36 -36.02
C THR D 15 37.78 -4.91 -35.96
N ALA D 16 37.22 -4.39 -37.07
CA ALA D 16 36.73 -3.00 -37.10
C ALA D 16 35.39 -2.85 -36.36
N SER D 17 35.24 -1.73 -35.63
CA SER D 17 34.02 -1.49 -34.86
C SER D 17 33.58 -0.03 -34.86
N SER D 18 32.26 0.19 -34.83
CA SER D 18 31.67 1.52 -34.71
C SER D 18 31.69 1.90 -33.24
N SER D 19 31.99 3.17 -32.90
CA SER D 19 32.08 3.56 -31.51
C SER D 19 31.19 4.75 -31.15
N ILE D 20 30.79 4.80 -29.88
CA ILE D 20 29.99 5.85 -29.27
C ILE D 20 30.73 6.33 -28.03
N PRO D 21 30.98 7.63 -27.86
CA PRO D 21 31.66 8.08 -26.62
C PRO D 21 30.79 7.80 -25.40
N MET D 22 31.44 7.39 -24.31
CA MET D 22 30.75 7.09 -23.06
C MET D 22 30.18 8.37 -22.47
N PRO D 23 28.87 8.43 -22.17
CA PRO D 23 28.31 9.66 -21.59
C PRO D 23 28.91 9.96 -20.22
N ALA D 24 29.10 11.26 -19.93
CA ALA D 24 29.69 11.70 -18.66
C ALA D 24 28.81 11.28 -17.49
N GLY D 25 29.46 10.89 -16.41
CA GLY D 25 28.75 10.46 -15.21
C GLY D 25 28.17 9.06 -15.26
N VAL D 26 28.36 8.33 -16.39
CA VAL D 26 27.84 6.98 -16.50
C VAL D 26 28.96 5.95 -16.31
N ASN D 27 28.73 5.01 -15.41
CA ASN D 27 29.66 3.97 -15.05
C ASN D 27 29.49 2.76 -16.01
N PRO D 28 30.62 2.25 -16.57
CA PRO D 28 30.52 1.17 -17.55
C PRO D 28 29.76 -0.07 -17.08
N ALA D 29 29.98 -0.50 -15.83
CA ALA D 29 29.28 -1.68 -15.30
C ALA D 29 27.75 -1.50 -15.37
N ASP D 30 27.25 -0.30 -14.99
CA ASP D 30 25.83 0.00 -15.01
C ASP D 30 25.29 0.02 -16.43
N LEU D 31 25.95 0.73 -17.35
CA LEU D 31 25.50 0.79 -18.74
C LEU D 31 25.51 -0.60 -19.39
N ALA D 32 26.58 -1.38 -19.18
CA ALA D 32 26.70 -2.73 -19.75
C ALA D 32 25.56 -3.65 -19.25
N ALA D 33 25.27 -3.61 -17.94
CA ALA D 33 24.20 -4.44 -17.37
C ALA D 33 22.81 -3.96 -17.86
N GLU D 34 22.60 -2.63 -18.01
CA GLU D 34 21.34 -2.08 -18.55
C GLU D 34 21.14 -2.54 -19.99
N LEU D 35 22.23 -2.52 -20.79
CA LEU D 35 22.20 -2.97 -22.18
C LEU D 35 21.85 -4.47 -22.24
N ALA D 36 22.43 -5.26 -21.33
CA ALA D 36 22.14 -6.69 -21.27
C ALA D 36 20.68 -6.95 -20.86
N ALA D 37 20.12 -6.12 -19.97
CA ALA D 37 18.74 -6.31 -19.52
C ALA D 37 17.71 -5.87 -20.60
N VAL D 38 17.87 -4.67 -21.17
CA VAL D 38 16.87 -4.10 -22.06
C VAL D 38 17.06 -4.49 -23.53
N VAL D 39 18.28 -4.34 -24.05
CA VAL D 39 18.55 -4.56 -25.48
C VAL D 39 18.35 -6.02 -25.86
N THR D 40 19.00 -6.97 -25.15
CA THR D 40 18.90 -8.40 -25.46
C THR D 40 17.45 -8.91 -25.39
N GLU D 41 16.66 -8.46 -24.38
CA GLU D 41 15.28 -8.92 -24.26
C GLU D 41 14.44 -8.41 -25.44
N SER D 42 14.67 -7.15 -25.87
CA SER D 42 13.90 -6.58 -26.98
C SER D 42 14.19 -7.28 -28.32
N VAL D 43 15.39 -7.87 -28.46
CA VAL D 43 15.72 -8.59 -29.69
C VAL D 43 15.69 -10.13 -29.51
N ASP D 44 15.17 -10.63 -28.36
CA ASP D 44 14.97 -12.06 -28.11
C ASP D 44 16.30 -12.84 -28.18
N GLU D 45 17.28 -12.41 -27.38
CA GLU D 45 18.58 -13.07 -27.39
C GLU D 45 19.05 -13.48 -26.00
N ASP D 46 19.65 -14.65 -25.94
CA ASP D 46 20.43 -15.09 -24.79
C ASP D 46 21.72 -14.23 -24.79
N TYR D 47 22.44 -14.19 -23.68
CA TYR D 47 23.66 -13.39 -23.62
C TYR D 47 24.59 -13.81 -22.51
N LEU D 48 25.80 -13.26 -22.59
CA LEU D 48 26.82 -13.43 -21.57
C LEU D 48 27.63 -12.14 -21.54
N LEU D 49 27.60 -11.46 -20.41
CA LEU D 49 28.33 -10.23 -20.15
C LEU D 49 29.56 -10.60 -19.35
N TYR D 50 30.75 -10.28 -19.86
CA TYR D 50 32.01 -10.61 -19.18
C TYR D 50 32.87 -9.37 -18.98
N GLU D 51 33.25 -9.09 -17.74
CA GLU D 51 34.12 -7.97 -17.41
C GLU D 51 35.58 -8.47 -17.31
N CYS D 52 36.44 -7.92 -18.16
CA CYS D 52 37.84 -8.28 -18.21
C CYS D 52 38.69 -7.03 -18.45
N ASP D 53 39.51 -6.66 -17.45
CA ASP D 53 40.44 -5.53 -17.46
C ASP D 53 39.85 -4.21 -18.03
N GLY D 54 38.78 -3.73 -17.41
CA GLY D 54 38.15 -2.49 -17.79
C GLY D 54 37.22 -2.54 -18.99
N GLN D 55 37.05 -3.73 -19.58
CA GLN D 55 36.14 -3.89 -20.71
C GLN D 55 34.97 -4.79 -20.30
N TRP D 56 33.74 -4.27 -20.44
CA TRP D 56 32.53 -5.05 -20.19
C TRP D 56 32.05 -5.52 -21.54
N VAL D 57 32.33 -6.77 -21.87
CA VAL D 57 32.01 -7.35 -23.16
C VAL D 57 30.67 -8.06 -23.11
N LEU D 58 29.67 -7.47 -23.78
CA LEU D 58 28.34 -8.06 -23.88
C LEU D 58 28.28 -8.93 -25.13
N ALA D 59 28.27 -10.24 -24.95
CA ALA D 59 28.17 -11.19 -26.05
C ALA D 59 26.68 -11.56 -26.18
N ALA D 60 26.02 -11.07 -27.22
CA ALA D 60 24.58 -11.27 -27.37
C ALA D 60 24.21 -12.09 -28.60
N GLY D 61 23.24 -12.97 -28.40
CA GLY D 61 22.72 -13.81 -29.46
C GLY D 61 23.58 -15.03 -29.66
N VAL D 62 22.93 -16.18 -29.67
CA VAL D 62 23.66 -17.42 -29.88
C VAL D 62 23.74 -17.72 -31.37
N GLN D 63 24.90 -17.50 -32.00
CA GLN D 63 25.10 -17.81 -33.41
C GLN D 63 25.35 -19.34 -33.57
N ALA D 64 26.14 -19.90 -32.67
CA ALA D 64 26.42 -21.35 -32.63
C ALA D 64 26.73 -21.74 -31.20
N MET D 65 26.25 -22.91 -30.74
CA MET D 65 26.46 -23.36 -29.38
C MET D 65 27.17 -24.72 -29.35
N VAL D 66 28.22 -24.81 -28.55
CA VAL D 66 28.93 -26.05 -28.26
C VAL D 66 28.50 -26.54 -26.88
N GLU D 67 27.91 -27.72 -26.83
CA GLU D 67 27.50 -28.32 -25.56
C GLU D 67 28.32 -29.58 -25.31
N LEU D 68 29.23 -29.52 -24.36
CA LEU D 68 30.00 -30.70 -24.00
C LEU D 68 29.38 -31.29 -22.75
N ASP D 69 28.91 -32.53 -22.86
CA ASP D 69 28.40 -33.33 -21.73
C ASP D 69 29.39 -34.48 -21.44
N SER D 70 29.24 -35.17 -20.30
CA SER D 70 30.12 -36.28 -19.94
C SER D 70 30.04 -37.40 -20.98
N ASP D 71 28.86 -37.62 -21.62
CA ASP D 71 28.67 -38.70 -22.57
C ASP D 71 28.37 -38.28 -23.99
N GLU D 72 28.48 -36.99 -24.32
CA GLU D 72 28.14 -36.53 -25.66
C GLU D 72 28.64 -35.12 -25.91
N LEU D 73 28.98 -34.81 -27.16
CA LEU D 73 29.33 -33.49 -27.62
C LEU D 73 28.28 -33.06 -28.65
N ARG D 74 27.70 -31.88 -28.49
CA ARG D 74 26.71 -31.37 -29.42
C ARG D 74 27.12 -30.00 -29.96
N VAL D 75 26.92 -29.79 -31.24
CA VAL D 75 27.14 -28.48 -31.86
C VAL D 75 25.81 -28.08 -32.49
N ILE D 76 25.22 -26.99 -32.00
CA ILE D 76 23.93 -26.51 -32.49
C ILE D 76 24.10 -25.18 -33.20
N ARG D 77 23.72 -25.14 -34.46
CA ARG D 77 23.84 -23.92 -35.25
C ARG D 77 22.52 -23.74 -35.98
N ASP D 78 21.73 -22.80 -35.40
CA ASP D 78 20.36 -22.43 -35.77
C ASP D 78 19.49 -23.71 -35.65
N GLY D 79 19.05 -24.26 -36.77
CA GLY D 79 18.19 -25.42 -36.77
C GLY D 79 18.88 -26.77 -36.83
N VAL D 80 20.23 -26.80 -36.95
CA VAL D 80 20.91 -28.09 -37.05
C VAL D 80 21.63 -28.48 -35.76
N THR D 81 21.27 -29.64 -35.20
CA THR D 81 21.97 -30.19 -34.04
C THR D 81 22.82 -31.38 -34.46
N ARG D 82 24.13 -31.28 -34.23
CA ARG D 82 25.06 -32.36 -34.57
C ARG D 82 25.48 -33.04 -33.28
N ARG D 83 25.16 -34.33 -33.13
CA ARG D 83 25.48 -35.07 -31.90
C ARG D 83 26.60 -36.06 -32.14
N GLN D 84 27.59 -36.14 -31.22
CA GLN D 84 28.64 -37.13 -31.34
C GLN D 84 29.20 -37.60 -30.03
N GLN D 85 29.74 -38.81 -30.06
CA GLN D 85 30.47 -39.37 -28.94
C GLN D 85 31.88 -38.79 -28.97
N TRP D 86 32.48 -38.67 -27.80
CA TRP D 86 33.86 -38.18 -27.69
C TRP D 86 34.65 -39.06 -26.67
N SER D 87 35.97 -39.18 -26.86
CA SER D 87 36.81 -39.98 -25.98
C SER D 87 38.07 -39.20 -25.57
N GLY D 88 38.73 -39.63 -24.50
CA GLY D 88 39.95 -38.97 -24.05
C GLY D 88 39.71 -37.69 -23.28
N ARG D 89 40.49 -36.66 -23.57
CA ARG D 89 40.45 -35.40 -22.83
C ARG D 89 39.25 -34.52 -23.20
N PRO D 90 38.50 -34.02 -22.19
CA PRO D 90 37.37 -33.11 -22.47
C PRO D 90 37.83 -31.82 -23.16
N GLY D 91 39.04 -31.36 -22.83
CA GLY D 91 39.67 -30.18 -23.40
C GLY D 91 39.94 -30.34 -24.89
N ALA D 92 40.26 -31.56 -25.36
CA ALA D 92 40.45 -31.81 -26.78
C ALA D 92 39.11 -31.72 -27.50
N ALA D 93 38.05 -32.31 -26.94
CA ALA D 93 36.74 -32.28 -27.57
C ALA D 93 36.19 -30.83 -27.63
N LEU D 94 36.27 -30.12 -26.50
CA LEU D 94 35.79 -28.75 -26.44
C LEU D 94 36.62 -27.82 -27.33
N GLY D 95 37.93 -27.98 -27.28
CA GLY D 95 38.90 -27.20 -28.01
C GLY D 95 38.73 -27.30 -29.51
N GLU D 96 38.53 -28.54 -30.01
CA GLU D 96 38.34 -28.74 -31.44
C GLU D 96 37.06 -28.01 -31.92
N ALA D 97 35.97 -28.13 -31.17
CA ALA D 97 34.70 -27.49 -31.54
C ALA D 97 34.77 -25.96 -31.44
N VAL D 98 35.37 -25.42 -30.36
CA VAL D 98 35.50 -23.98 -30.15
C VAL D 98 36.44 -23.37 -31.20
N ASP D 99 37.54 -24.06 -31.56
CA ASP D 99 38.46 -23.56 -32.58
C ASP D 99 37.71 -23.38 -33.92
N ARG D 100 36.79 -24.31 -34.26
CA ARG D 100 35.98 -24.19 -35.47
C ARG D 100 35.10 -22.94 -35.43
N LEU D 101 34.47 -22.64 -34.29
CA LEU D 101 33.65 -21.44 -34.15
C LEU D 101 34.51 -20.18 -34.37
N LEU D 102 35.74 -20.16 -33.84
CA LEU D 102 36.64 -19.02 -33.93
C LEU D 102 37.25 -18.81 -35.34
N LEU D 103 37.00 -19.72 -36.28
CA LEU D 103 37.37 -19.49 -37.68
C LEU D 103 36.42 -18.44 -38.28
N GLU D 104 35.16 -18.37 -37.81
CA GLU D 104 34.12 -17.47 -38.32
C GLU D 104 33.99 -16.18 -37.52
N THR D 105 34.20 -16.23 -36.18
CA THR D 105 34.04 -15.07 -35.31
C THR D 105 35.31 -14.82 -34.47
N ASP D 106 35.50 -13.59 -33.99
CA ASP D 106 36.71 -13.24 -33.24
C ASP D 106 36.72 -13.78 -31.81
N GLN D 107 35.53 -13.94 -31.19
CA GLN D 107 35.46 -14.38 -29.80
C GLN D 107 34.32 -15.35 -29.52
N ALA D 108 34.51 -16.22 -28.53
CA ALA D 108 33.55 -17.20 -28.02
C ALA D 108 33.48 -17.08 -26.49
N PHE D 109 32.30 -17.32 -25.93
CA PHE D 109 32.05 -17.12 -24.51
C PHE D 109 31.25 -18.28 -23.92
N GLY D 110 31.34 -18.46 -22.62
CA GLY D 110 30.56 -19.50 -21.96
C GLY D 110 30.97 -19.85 -20.56
N TRP D 111 30.62 -21.07 -20.16
CA TRP D 111 30.93 -21.56 -18.85
C TRP D 111 31.43 -23.00 -18.94
N VAL D 112 32.29 -23.35 -18.00
CA VAL D 112 32.87 -24.64 -17.83
C VAL D 112 32.50 -25.11 -16.43
N ALA D 113 31.89 -26.29 -16.32
CA ALA D 113 31.48 -26.85 -15.05
C ALA D 113 32.70 -27.35 -14.23
N PHE D 114 32.51 -27.47 -12.90
CA PHE D 114 33.53 -28.09 -12.03
C PHE D 114 33.90 -29.50 -12.56
N GLU D 115 32.88 -30.24 -13.03
CA GLU D 115 32.96 -31.61 -13.54
C GLU D 115 33.91 -31.75 -14.75
N PHE D 116 34.18 -30.65 -15.47
CA PHE D 116 35.15 -30.68 -16.59
C PHE D 116 36.57 -31.08 -16.11
N GLY D 117 36.92 -30.72 -14.86
CA GLY D 117 38.24 -31.00 -14.30
C GLY D 117 38.50 -32.38 -13.70
N VAL D 118 37.51 -33.29 -13.69
CA VAL D 118 37.68 -34.59 -13.04
C VAL D 118 38.40 -35.63 -13.95
N HIS D 119 38.36 -35.45 -15.27
CA HIS D 119 38.93 -36.39 -16.26
C HIS D 119 40.43 -36.49 -16.12
N ARG D 120 41.10 -35.35 -15.83
CA ARG D 120 42.53 -35.31 -15.61
C ARG D 120 42.96 -36.26 -14.46
N TYR D 121 42.06 -36.55 -13.52
CA TYR D 121 42.32 -37.42 -12.37
C TYR D 121 41.64 -38.80 -12.53
N GLY D 122 41.23 -39.16 -13.75
CA GLY D 122 40.60 -40.44 -14.04
C GLY D 122 39.32 -40.73 -13.28
N LEU D 123 38.60 -39.69 -12.82
CA LEU D 123 37.36 -39.85 -12.04
C LEU D 123 36.05 -39.67 -12.82
N GLN D 124 36.12 -39.63 -14.17
CA GLN D 124 34.95 -39.38 -15.01
C GLN D 124 33.88 -40.49 -14.93
N GLN D 125 34.25 -41.75 -14.61
CA GLN D 125 33.25 -42.82 -14.45
C GLN D 125 32.30 -42.55 -13.26
N ARG D 126 32.70 -41.70 -12.32
CA ARG D 126 31.86 -41.33 -11.19
C ARG D 126 30.77 -40.31 -11.59
N LEU D 127 30.85 -39.71 -12.80
CA LEU D 127 29.88 -38.74 -13.25
C LEU D 127 28.61 -39.44 -13.68
N ALA D 128 27.45 -38.85 -13.36
CA ALA D 128 26.17 -39.39 -13.83
C ALA D 128 26.02 -39.17 -15.34
N PRO D 129 25.17 -39.96 -16.04
CA PRO D 129 24.95 -39.69 -17.47
C PRO D 129 24.40 -38.28 -17.70
N HIS D 130 24.74 -37.67 -18.84
CA HIS D 130 24.29 -36.34 -19.27
C HIS D 130 24.78 -35.23 -18.32
N THR D 131 25.92 -35.42 -17.66
CA THR D 131 26.45 -34.38 -16.79
C THR D 131 27.03 -33.26 -17.64
N PRO D 132 26.54 -32.01 -17.51
CA PRO D 132 27.12 -30.91 -18.30
C PRO D 132 28.58 -30.63 -17.91
N LEU D 133 29.42 -30.43 -18.93
CA LEU D 133 30.84 -30.11 -18.70
C LEU D 133 31.16 -28.69 -19.15
N ALA D 134 30.56 -28.23 -20.25
CA ALA D 134 30.80 -26.89 -20.79
C ALA D 134 29.72 -26.49 -21.77
N ARG D 135 29.49 -25.18 -21.87
CA ARG D 135 28.58 -24.53 -22.80
C ARG D 135 29.34 -23.33 -23.35
N VAL D 136 29.73 -23.35 -24.63
CA VAL D 136 30.50 -22.25 -25.21
C VAL D 136 29.83 -21.85 -26.52
N PHE D 137 29.59 -20.55 -26.72
CA PHE D 137 28.90 -20.09 -27.91
C PHE D 137 29.62 -18.94 -28.61
N SER D 138 29.37 -18.82 -29.92
CA SER D 138 29.84 -17.66 -30.67
C SER D 138 28.66 -16.68 -30.70
N PRO D 139 28.89 -15.42 -30.32
CA PRO D 139 27.78 -14.45 -30.28
C PRO D 139 27.43 -13.89 -31.67
N ARG D 140 26.18 -13.46 -31.82
CA ARG D 140 25.76 -12.79 -33.05
C ARG D 140 26.29 -11.33 -33.05
N THR D 141 26.32 -10.70 -31.87
CA THR D 141 26.74 -9.32 -31.70
C THR D 141 27.60 -9.18 -30.44
N ARG D 142 28.55 -8.24 -30.44
CA ARG D 142 29.32 -7.92 -29.26
C ARG D 142 29.28 -6.42 -29.01
N ILE D 143 28.97 -6.02 -27.78
CA ILE D 143 28.97 -4.61 -27.38
C ILE D 143 30.01 -4.47 -26.27
N MET D 144 31.08 -3.69 -26.49
CA MET D 144 32.12 -3.55 -25.46
C MET D 144 32.03 -2.18 -24.81
N VAL D 145 31.79 -2.16 -23.51
CA VAL D 145 31.64 -0.94 -22.76
C VAL D 145 32.84 -0.72 -21.86
N SER D 146 33.44 0.46 -21.95
CA SER D 146 34.57 0.84 -21.11
C SER D 146 34.33 2.26 -20.56
N GLU D 147 35.25 2.75 -19.70
CA GLU D 147 35.13 4.09 -19.15
C GLU D 147 35.17 5.16 -20.25
N LYS D 148 35.86 4.87 -21.36
CA LYS D 148 36.00 5.82 -22.46
C LYS D 148 34.91 5.72 -23.54
N GLU D 149 34.48 4.49 -23.92
CA GLU D 149 33.57 4.35 -25.04
C GLU D 149 32.71 3.06 -25.05
N ILE D 150 31.79 2.97 -26.02
CA ILE D 150 30.97 1.81 -26.35
C ILE D 150 31.35 1.39 -27.76
N ARG D 151 31.85 0.16 -27.95
CA ARG D 151 32.23 -0.31 -29.28
C ARG D 151 31.23 -1.37 -29.73
N LEU D 152 30.77 -1.26 -30.97
CA LEU D 152 29.77 -2.18 -31.50
C LEU D 152 30.36 -3.09 -32.58
N PHE D 153 30.19 -4.40 -32.40
CA PHE D 153 30.67 -5.40 -33.34
C PHE D 153 29.49 -6.21 -33.88
N ASP D 154 29.24 -6.16 -35.19
CA ASP D 154 28.16 -6.90 -35.86
C ASP D 154 26.78 -6.58 -35.24
N ALA D 155 26.56 -5.32 -34.89
CA ALA D 155 25.29 -4.88 -34.31
C ALA D 155 24.37 -4.39 -35.42
N GLY D 156 23.24 -5.07 -35.57
CA GLY D 156 22.27 -4.70 -36.58
C GLY D 156 21.45 -3.46 -36.25
N ILE D 157 20.56 -3.05 -37.17
CA ILE D 157 19.68 -1.89 -37.01
C ILE D 157 18.87 -1.99 -35.70
N ARG D 158 18.30 -3.18 -35.43
CA ARG D 158 17.50 -3.45 -34.22
C ARG D 158 18.31 -3.16 -32.95
N HIS D 159 19.55 -3.64 -32.85
CA HIS D 159 20.38 -3.39 -31.67
C HIS D 159 20.77 -1.92 -31.57
N ARG D 160 21.12 -1.28 -32.69
CA ARG D 160 21.51 0.12 -32.68
C ARG D 160 20.36 1.01 -32.17
N GLU D 161 19.12 0.74 -32.64
CA GLU D 161 17.94 1.48 -32.21
C GLU D 161 17.63 1.26 -30.73
N ALA D 162 17.94 0.05 -30.21
CA ALA D 162 17.73 -0.28 -28.80
C ALA D 162 18.75 0.43 -27.91
N ILE D 163 20.04 0.46 -28.32
CA ILE D 163 21.12 1.12 -27.59
C ILE D 163 20.88 2.64 -27.55
N ASP D 164 20.39 3.21 -28.67
CA ASP D 164 20.08 4.64 -28.78
C ASP D 164 18.99 5.06 -27.78
N ARG D 165 17.90 4.27 -27.71
CA ARG D 165 16.80 4.56 -26.78
C ARG D 165 17.28 4.50 -25.33
N LEU D 166 18.17 3.52 -24.99
CA LEU D 166 18.72 3.36 -23.64
C LEU D 166 19.61 4.55 -23.27
N LEU D 167 20.51 4.98 -24.17
CA LEU D 167 21.38 6.13 -23.94
C LEU D 167 20.57 7.45 -23.79
N ALA D 168 19.37 7.52 -24.38
CA ALA D 168 18.51 8.69 -24.29
C ALA D 168 17.83 8.80 -22.93
N THR D 169 17.57 7.68 -22.26
CA THR D 169 16.88 7.68 -20.97
C THR D 169 17.82 7.57 -19.76
N GLY D 170 19.01 6.99 -19.95
CA GLY D 170 19.94 6.79 -18.86
C GLY D 170 19.67 5.49 -18.12
N VAL D 171 20.56 5.11 -17.20
CA VAL D 171 20.40 3.87 -16.45
C VAL D 171 19.31 4.01 -15.38
N ARG D 172 18.57 2.92 -15.12
CA ARG D 172 17.51 2.89 -14.11
C ARG D 172 18.07 3.04 -12.71
N GLU D 173 17.27 3.59 -11.78
CA GLU D 173 17.67 3.63 -10.39
C GLU D 173 17.57 2.20 -9.84
N VAL D 174 18.57 1.75 -9.07
CA VAL D 174 18.53 0.40 -8.51
C VAL D 174 17.63 0.39 -7.29
N PRO D 175 16.60 -0.47 -7.27
CA PRO D 175 15.70 -0.52 -6.11
C PRO D 175 16.40 -1.01 -4.83
N GLN D 176 15.72 -0.87 -3.68
CA GLN D 176 16.26 -1.37 -2.42
C GLN D 176 16.35 -2.89 -2.47
N SER D 177 17.39 -3.44 -1.87
CA SER D 177 17.60 -4.88 -1.85
C SER D 177 16.71 -5.58 -0.81
N ARG D 178 16.57 -6.90 -0.92
CA ARG D 178 15.79 -7.73 -0.02
C ARG D 178 16.71 -8.75 0.64
N SER D 179 16.67 -8.82 1.97
CA SER D 179 17.58 -9.67 2.73
C SER D 179 17.27 -11.17 2.66
N VAL D 180 18.30 -12.00 2.90
CA VAL D 180 18.22 -13.45 2.96
C VAL D 180 18.93 -13.94 4.22
N ASP D 181 18.42 -15.00 4.83
CA ASP D 181 19.02 -15.59 6.02
C ASP D 181 19.97 -16.72 5.60
N VAL D 182 21.27 -16.60 5.93
CA VAL D 182 22.26 -17.64 5.61
C VAL D 182 22.73 -18.42 6.87
N SER D 183 22.13 -18.17 8.05
CA SER D 183 22.54 -18.80 9.30
C SER D 183 22.14 -20.29 9.41
N ASP D 184 21.13 -20.73 8.67
CA ASP D 184 20.68 -22.12 8.75
C ASP D 184 21.65 -23.05 7.98
N ASP D 185 21.74 -24.32 8.41
CA ASP D 185 22.63 -25.30 7.80
C ASP D 185 21.85 -26.58 7.40
N PRO D 186 20.91 -26.51 6.42
CA PRO D 186 20.12 -27.71 6.08
C PRO D 186 20.91 -28.82 5.38
N SER D 187 22.04 -28.49 4.74
CA SER D 187 22.86 -29.54 4.09
C SER D 187 23.94 -30.13 5.04
N GLY D 188 23.94 -29.75 6.30
CA GLY D 188 24.90 -30.26 7.28
C GLY D 188 26.36 -29.96 6.97
N PHE D 189 26.66 -28.73 6.51
CA PHE D 189 28.02 -28.27 6.23
C PHE D 189 28.95 -28.51 7.42
N ARG D 190 28.54 -28.14 8.65
CA ARG D 190 29.38 -28.33 9.84
C ARG D 190 29.71 -29.82 10.06
N ARG D 191 28.72 -30.71 9.89
CA ARG D 191 28.92 -32.14 10.03
C ARG D 191 29.90 -32.66 8.95
N ARG D 192 29.70 -32.23 7.68
CA ARG D 192 30.53 -32.64 6.55
C ARG D 192 31.97 -32.14 6.72
N VAL D 193 32.16 -30.93 7.29
CA VAL D 193 33.50 -30.40 7.56
C VAL D 193 34.20 -31.31 8.58
N ALA D 194 33.50 -31.72 9.64
CA ALA D 194 34.07 -32.63 10.67
C ALA D 194 34.48 -33.98 10.06
N VAL D 195 33.69 -34.50 9.10
CA VAL D 195 34.03 -35.74 8.39
C VAL D 195 35.33 -35.54 7.62
N ALA D 196 35.44 -34.43 6.88
CA ALA D 196 36.64 -34.12 6.10
C ALA D 196 37.88 -34.00 7.01
N VAL D 197 37.75 -33.32 8.18
CA VAL D 197 38.84 -33.17 9.16
C VAL D 197 39.32 -34.56 9.65
N ASP D 198 38.37 -35.49 9.88
CA ASP D 198 38.71 -36.84 10.30
C ASP D 198 39.47 -37.58 9.19
N GLU D 199 39.05 -37.41 7.93
CA GLU D 199 39.70 -38.05 6.80
C GLU D 199 41.11 -37.51 6.61
N ILE D 200 41.30 -36.18 6.79
CA ILE D 200 42.62 -35.55 6.70
C ILE D 200 43.52 -36.08 7.82
N ALA D 201 42.98 -36.17 9.05
CA ALA D 201 43.73 -36.70 10.20
C ALA D 201 44.17 -38.14 9.94
N ALA D 202 43.33 -38.94 9.24
CA ALA D 202 43.65 -40.32 8.87
C ALA D 202 44.63 -40.42 7.66
N GLY D 203 45.00 -39.30 7.06
CA GLY D 203 45.95 -39.27 5.95
C GLY D 203 45.38 -39.47 4.57
N ARG D 204 44.05 -39.35 4.40
CA ARG D 204 43.42 -39.55 3.09
C ARG D 204 43.83 -38.46 2.08
N TYR D 205 44.03 -37.22 2.58
CA TYR D 205 44.42 -36.04 1.80
C TYR D 205 44.81 -34.90 2.76
N HIS D 206 45.34 -33.80 2.25
CA HIS D 206 45.82 -32.69 3.06
C HIS D 206 44.81 -31.55 3.16
N LYS D 207 44.04 -31.32 2.10
CA LYS D 207 43.05 -30.24 2.07
C LYS D 207 41.89 -30.56 1.11
N VAL D 208 40.68 -30.11 1.45
CA VAL D 208 39.51 -30.26 0.59
C VAL D 208 38.61 -29.03 0.77
N ILE D 209 37.99 -28.58 -0.31
CA ILE D 209 37.07 -27.47 -0.26
C ILE D 209 35.66 -28.04 -0.28
N LEU D 210 34.90 -27.79 0.79
CA LEU D 210 33.50 -28.20 0.82
C LEU D 210 32.66 -26.93 0.77
N SER D 211 31.41 -27.04 0.35
CA SER D 211 30.54 -25.89 0.14
C SER D 211 29.09 -26.15 0.61
N ARG D 212 28.27 -25.10 0.61
CA ARG D 212 26.86 -25.22 0.93
C ARG D 212 26.04 -24.27 0.07
N CYS D 213 24.86 -24.72 -0.34
CA CYS D 213 23.92 -23.89 -1.09
C CYS D 213 23.05 -23.12 -0.11
N VAL D 214 22.65 -21.91 -0.48
CA VAL D 214 21.73 -21.11 0.28
C VAL D 214 20.60 -20.74 -0.67
N GLU D 215 19.40 -21.24 -0.43
CA GLU D 215 18.27 -20.94 -1.32
C GLU D 215 17.80 -19.49 -1.13
N VAL D 216 17.53 -18.80 -2.24
CA VAL D 216 16.98 -17.45 -2.20
C VAL D 216 15.49 -17.65 -2.38
N PRO D 217 14.66 -17.43 -1.33
CA PRO D 217 13.22 -17.78 -1.44
C PRO D 217 12.37 -16.87 -2.33
N PHE D 218 12.98 -15.94 -3.05
CA PHE D 218 12.26 -15.04 -3.96
C PHE D 218 13.03 -14.93 -5.29
N ALA D 219 12.32 -14.60 -6.37
CA ALA D 219 12.96 -14.42 -7.67
C ALA D 219 13.71 -13.09 -7.65
N ILE D 220 14.92 -13.06 -8.22
CA ILE D 220 15.70 -11.83 -8.24
C ILE D 220 15.84 -11.31 -9.67
N ASP D 221 16.07 -10.01 -9.76
CA ASP D 221 16.36 -9.38 -11.03
C ASP D 221 17.88 -9.47 -11.21
N PHE D 222 18.34 -10.35 -12.09
CA PHE D 222 19.78 -10.57 -12.27
C PHE D 222 20.54 -9.29 -12.71
N PRO D 223 20.16 -8.54 -13.77
CA PRO D 223 20.93 -7.32 -14.12
C PRO D 223 20.96 -6.28 -13.01
N LEU D 224 19.85 -6.05 -12.28
CA LEU D 224 19.83 -5.05 -11.21
C LEU D 224 20.67 -5.50 -10.01
N THR D 225 20.60 -6.80 -9.67
CA THR D 225 21.41 -7.38 -8.59
C THR D 225 22.89 -7.27 -8.94
N TYR D 226 23.23 -7.55 -10.22
CA TYR D 226 24.58 -7.45 -10.76
C TYR D 226 25.13 -6.04 -10.53
N ARG D 227 24.38 -5.03 -10.92
CA ARG D 227 24.76 -3.63 -10.76
C ARG D 227 24.99 -3.27 -9.30
N LEU D 228 24.06 -3.64 -8.42
CA LEU D 228 24.14 -3.31 -7.01
C LEU D 228 25.36 -3.94 -6.34
N GLY D 229 25.57 -5.22 -6.56
CA GLY D 229 26.71 -5.92 -6.00
C GLY D 229 28.03 -5.46 -6.58
N ARG D 230 28.06 -5.09 -7.88
CA ARG D 230 29.30 -4.66 -8.53
C ARG D 230 29.87 -3.40 -7.90
N ARG D 231 28.98 -2.49 -7.49
CA ARG D 231 29.28 -1.23 -6.80
C ARG D 231 29.99 -1.44 -5.45
N HIS D 232 29.83 -2.61 -4.83
CA HIS D 232 30.41 -2.90 -3.52
C HIS D 232 31.44 -4.05 -3.55
N ASN D 233 32.01 -4.32 -4.71
CA ASN D 233 32.97 -5.40 -4.85
C ASN D 233 34.14 -4.99 -5.76
N THR D 234 35.26 -5.69 -5.63
CA THR D 234 36.45 -5.46 -6.45
C THR D 234 36.95 -6.81 -6.92
N PRO D 235 36.16 -7.48 -7.80
CA PRO D 235 36.57 -8.80 -8.27
C PRO D 235 37.63 -8.70 -9.36
N VAL D 236 38.31 -9.83 -9.66
CA VAL D 236 39.31 -9.84 -10.73
C VAL D 236 38.58 -9.87 -12.11
N ARG D 237 37.40 -10.49 -12.15
CA ARG D 237 36.49 -10.59 -13.29
C ARG D 237 35.06 -10.60 -12.76
N SER D 238 34.10 -10.32 -13.62
CA SER D 238 32.69 -10.43 -13.23
C SER D 238 31.89 -10.87 -14.43
N PHE D 239 30.68 -11.37 -14.18
CA PHE D 239 29.83 -11.83 -15.26
C PHE D 239 28.35 -11.71 -14.91
N LEU D 240 27.52 -11.75 -15.94
CA LEU D 240 26.07 -11.72 -15.90
C LEU D 240 25.62 -12.44 -17.15
N LEU D 241 24.83 -13.50 -17.01
CA LEU D 241 24.42 -14.27 -18.19
C LEU D 241 22.97 -14.80 -18.10
N GLN D 242 22.42 -15.08 -19.27
CA GLN D 242 21.14 -15.75 -19.50
C GLN D 242 21.42 -16.63 -20.68
N LEU D 243 21.59 -17.92 -20.44
CA LEU D 243 22.01 -18.85 -21.49
C LEU D 243 21.40 -20.21 -21.29
N GLY D 244 20.63 -20.64 -22.28
CA GLY D 244 19.96 -21.94 -22.28
C GLY D 244 19.15 -22.26 -21.04
N GLY D 245 18.37 -21.30 -20.56
CA GLY D 245 17.54 -21.51 -19.38
C GLY D 245 18.22 -21.29 -18.04
N ILE D 246 19.50 -20.88 -18.07
CA ILE D 246 20.23 -20.58 -16.85
C ILE D 246 20.45 -19.09 -16.75
N ARG D 247 20.11 -18.49 -15.60
CA ARG D 247 20.54 -17.12 -15.32
C ARG D 247 21.64 -17.23 -14.26
N ALA D 248 22.68 -16.41 -14.37
CA ALA D 248 23.76 -16.42 -13.38
C ALA D 248 24.49 -15.09 -13.37
N LEU D 249 25.07 -14.74 -12.23
CA LEU D 249 25.91 -13.54 -12.07
C LEU D 249 26.96 -13.84 -11.03
N GLY D 250 28.08 -13.12 -11.06
CA GLY D 250 29.14 -13.36 -10.08
C GLY D 250 30.25 -12.35 -10.12
N TYR D 251 30.95 -12.25 -8.98
CA TYR D 251 32.10 -11.36 -8.83
C TYR D 251 33.25 -12.29 -8.56
N SER D 252 33.82 -12.84 -9.63
N SER D 252 33.82 -12.85 -9.64
CA SER D 252 34.90 -13.82 -9.53
CA SER D 252 34.90 -13.82 -9.53
C SER D 252 36.10 -13.29 -8.77
C SER D 252 36.10 -13.29 -8.77
N PRO D 253 36.45 -13.94 -7.66
CA PRO D 253 37.61 -13.46 -6.88
C PRO D 253 38.94 -13.94 -7.46
N GLU D 254 38.92 -14.98 -8.33
CA GLU D 254 40.16 -15.58 -8.77
C GLU D 254 40.19 -15.85 -10.26
N LEU D 255 41.35 -15.58 -10.88
CA LEU D 255 41.62 -15.90 -12.27
C LEU D 255 42.27 -17.27 -12.29
N VAL D 256 41.52 -18.33 -12.68
CA VAL D 256 42.08 -19.68 -12.64
C VAL D 256 43.06 -19.87 -13.82
N THR D 257 42.79 -19.29 -14.99
CA THR D 257 43.70 -19.38 -16.13
C THR D 257 43.50 -18.24 -17.08
N ALA D 258 44.57 -17.62 -17.50
CA ALA D 258 44.55 -16.67 -18.60
C ALA D 258 45.70 -17.03 -19.52
N VAL D 259 45.41 -17.16 -20.81
CA VAL D 259 46.40 -17.44 -21.84
C VAL D 259 46.34 -16.27 -22.82
N ARG D 260 47.43 -15.56 -23.01
CA ARG D 260 47.47 -14.42 -23.92
C ARG D 260 47.92 -14.87 -25.31
N ALA D 261 47.65 -14.04 -26.35
CA ALA D 261 48.07 -14.36 -27.71
C ALA D 261 49.58 -14.51 -27.82
N ASP D 262 50.36 -13.75 -27.01
CA ASP D 262 51.83 -13.85 -27.03
C ASP D 262 52.39 -15.09 -26.27
N GLY D 263 51.52 -15.97 -25.79
CA GLY D 263 51.94 -17.19 -25.12
C GLY D 263 52.02 -17.11 -23.60
N VAL D 264 51.89 -15.91 -23.01
CA VAL D 264 51.99 -15.77 -21.56
C VAL D 264 50.77 -16.43 -20.89
N VAL D 265 51.02 -17.31 -19.89
CA VAL D 265 50.00 -18.02 -19.13
C VAL D 265 50.04 -17.51 -17.69
N ILE D 266 48.87 -17.23 -17.11
CA ILE D 266 48.72 -16.75 -15.75
C ILE D 266 47.69 -17.57 -14.97
N THR D 267 47.99 -17.85 -13.71
CA THR D 267 47.06 -18.43 -12.75
C THR D 267 47.27 -17.63 -11.45
N GLU D 268 46.18 -17.31 -10.75
CA GLU D 268 46.29 -16.45 -9.57
C GLU D 268 45.50 -17.00 -8.40
N PRO D 269 46.01 -18.05 -7.74
CA PRO D 269 45.27 -18.68 -6.63
C PRO D 269 45.12 -17.78 -5.41
N LEU D 270 43.89 -17.77 -4.86
CA LEU D 270 43.56 -17.06 -3.63
C LEU D 270 43.08 -18.08 -2.61
N ALA D 271 43.75 -18.13 -1.47
CA ALA D 271 43.45 -19.07 -0.37
C ALA D 271 44.00 -18.47 0.91
N GLY D 272 43.24 -18.60 1.98
CA GLY D 272 43.55 -17.92 3.24
C GLY D 272 42.58 -16.75 3.24
N THR D 273 41.67 -16.68 4.22
CA THR D 273 40.59 -15.70 4.18
C THR D 273 40.26 -15.05 5.53
N ARG D 274 39.97 -13.74 5.48
CA ARG D 274 39.48 -12.93 6.59
C ARG D 274 38.38 -12.01 6.10
N ALA D 275 37.55 -11.50 7.01
CA ALA D 275 36.48 -10.58 6.64
C ALA D 275 37.05 -9.23 6.19
N LEU D 276 36.28 -8.54 5.34
CA LEU D 276 36.56 -7.21 4.82
C LEU D 276 35.22 -6.40 4.79
N GLY D 277 35.32 -5.08 4.73
CA GLY D 277 34.16 -4.21 4.68
C GLY D 277 33.55 -3.89 6.03
N ARG D 278 34.33 -4.05 7.10
CA ARG D 278 33.84 -3.80 8.46
C ARG D 278 34.42 -2.52 9.10
N GLY D 279 35.01 -1.63 8.30
CA GLY D 279 35.61 -0.41 8.79
C GLY D 279 37.12 -0.43 8.62
N PRO D 280 37.74 0.74 8.46
CA PRO D 280 39.19 0.78 8.20
C PRO D 280 40.08 0.09 9.27
N ALA D 281 39.91 0.43 10.56
CA ALA D 281 40.73 -0.14 11.62
C ALA D 281 40.46 -1.64 11.81
N ILE D 282 39.19 -2.07 11.75
CA ILE D 282 38.85 -3.49 11.91
C ILE D 282 39.41 -4.30 10.72
N ASP D 283 39.33 -3.76 9.50
CA ASP D 283 39.87 -4.44 8.32
C ASP D 283 41.40 -4.54 8.38
N ARG D 284 42.07 -3.52 8.92
CA ARG D 284 43.52 -3.51 9.06
C ARG D 284 43.95 -4.60 10.08
N LEU D 285 43.20 -4.75 11.19
CA LEU D 285 43.50 -5.80 12.18
C LEU D 285 43.33 -7.18 11.52
N ALA D 286 42.28 -7.35 10.70
CA ALA D 286 42.01 -8.61 9.99
C ALA D 286 43.09 -8.89 8.94
N ARG D 287 43.59 -7.84 8.27
CA ARG D 287 44.66 -7.94 7.27
C ARG D 287 45.96 -8.40 7.94
N ASP D 288 46.31 -7.79 9.09
CA ASP D 288 47.52 -8.15 9.85
C ASP D 288 47.41 -9.59 10.38
N ASP D 289 46.20 -9.99 10.80
CA ASP D 289 45.96 -11.35 11.28
C ASP D 289 46.14 -12.34 10.13
N LEU D 290 45.54 -12.07 8.98
CA LEU D 290 45.63 -12.90 7.78
C LEU D 290 47.09 -13.15 7.34
N GLU D 291 47.92 -12.09 7.27
CA GLU D 291 49.31 -12.19 6.83
C GLU D 291 50.22 -12.93 7.82
N SER D 292 49.83 -13.04 9.08
CA SER D 292 50.66 -13.72 10.08
C SER D 292 50.00 -14.97 10.68
N ASN D 293 48.83 -15.38 10.16
CA ASN D 293 48.11 -16.52 10.71
C ASN D 293 48.61 -17.81 10.14
N SER D 294 49.09 -18.72 11.00
CA SER D 294 49.65 -20.00 10.57
C SER D 294 48.69 -20.84 9.73
N LYS D 295 47.41 -21.00 10.17
CA LYS D 295 46.46 -21.81 9.40
C LYS D 295 46.23 -21.22 7.99
N GLU D 296 46.09 -19.89 7.90
CA GLU D 296 45.86 -19.26 6.61
C GLU D 296 47.10 -19.35 5.70
N ILE D 297 48.31 -19.22 6.29
CA ILE D 297 49.57 -19.33 5.56
C ILE D 297 49.68 -20.75 4.99
N VAL D 298 49.37 -21.78 5.80
CA VAL D 298 49.43 -23.17 5.31
C VAL D 298 48.43 -23.38 4.12
N GLU D 299 47.15 -22.95 4.29
CA GLU D 299 46.17 -23.08 3.21
C GLU D 299 46.64 -22.37 1.92
N HIS D 300 47.34 -21.24 2.06
CA HIS D 300 47.84 -20.53 0.89
C HIS D 300 49.07 -21.23 0.29
N ALA D 301 50.12 -21.49 1.10
CA ALA D 301 51.40 -22.07 0.66
C ALA D 301 51.21 -23.39 -0.09
N ILE D 302 50.43 -24.33 0.45
CA ILE D 302 50.23 -25.62 -0.21
C ILE D 302 49.49 -25.42 -1.57
N SER D 303 48.61 -24.40 -1.66
CA SER D 303 47.90 -24.10 -2.89
C SER D 303 48.89 -23.56 -3.94
N VAL D 304 49.82 -22.66 -3.53
CA VAL D 304 50.82 -22.11 -4.45
C VAL D 304 51.71 -23.24 -4.98
N ARG D 305 52.12 -24.15 -4.11
CA ARG D 305 52.97 -25.28 -4.52
C ARG D 305 52.25 -26.13 -5.58
N SER D 306 50.96 -26.41 -5.35
CA SER D 306 50.17 -27.19 -6.28
C SER D 306 50.01 -26.44 -7.62
N SER D 307 49.68 -25.13 -7.59
CA SER D 307 49.52 -24.33 -8.81
C SER D 307 50.81 -24.29 -9.64
N LEU D 308 51.97 -24.16 -8.99
CA LEU D 308 53.25 -24.12 -9.68
C LEU D 308 53.51 -25.45 -10.37
N GLU D 309 53.21 -26.57 -9.68
CA GLU D 309 53.38 -27.91 -10.26
C GLU D 309 52.51 -28.07 -11.51
N GLU D 310 51.24 -27.60 -11.43
CA GLU D 310 50.29 -27.68 -12.53
C GLU D 310 50.70 -26.86 -13.74
N ILE D 311 51.06 -25.57 -13.55
CA ILE D 311 51.42 -24.74 -14.69
C ILE D 311 52.71 -25.26 -15.39
N THR D 312 53.60 -25.95 -14.64
CA THR D 312 54.85 -26.51 -15.19
C THR D 312 54.53 -27.61 -16.23
N ASP D 313 53.41 -28.35 -16.06
CA ASP D 313 53.01 -29.39 -17.01
C ASP D 313 52.75 -28.86 -18.43
N ILE D 314 52.41 -27.57 -18.57
CA ILE D 314 52.12 -27.00 -19.89
C ILE D 314 53.09 -25.86 -20.29
N ALA D 315 54.07 -25.52 -19.44
CA ALA D 315 54.96 -24.41 -19.69
C ALA D 315 56.28 -24.79 -20.38
N GLU D 316 56.91 -23.81 -21.07
CA GLU D 316 58.26 -23.92 -21.60
C GLU D 316 59.19 -24.15 -20.42
N PRO D 317 60.10 -25.13 -20.50
CA PRO D 317 60.97 -25.42 -19.33
C PRO D 317 61.63 -24.17 -18.73
N GLY D 318 61.54 -24.04 -17.42
CA GLY D 318 62.13 -22.91 -16.69
C GLY D 318 61.40 -21.57 -16.80
N SER D 319 60.22 -21.52 -17.44
CA SER D 319 59.48 -20.26 -17.59
C SER D 319 58.49 -20.00 -16.44
N ALA D 320 58.16 -21.02 -15.63
CA ALA D 320 57.18 -20.87 -14.55
C ALA D 320 57.78 -20.14 -13.38
N ALA D 321 57.03 -19.17 -12.86
CA ALA D 321 57.49 -18.37 -11.74
C ALA D 321 56.33 -17.76 -10.93
N VAL D 322 56.55 -17.59 -9.62
CA VAL D 322 55.60 -16.88 -8.77
C VAL D 322 56.07 -15.43 -8.75
N ILE D 323 55.36 -14.55 -9.50
CA ILE D 323 55.80 -13.15 -9.63
C ILE D 323 55.24 -12.25 -8.52
N ASP D 324 54.29 -12.75 -7.72
CA ASP D 324 53.72 -12.03 -6.61
C ASP D 324 53.36 -13.09 -5.61
N PHE D 325 53.98 -13.11 -4.42
CA PHE D 325 53.77 -14.21 -3.49
C PHE D 325 53.08 -13.80 -2.19
N MET D 326 51.96 -14.48 -1.90
CA MET D 326 51.18 -14.39 -0.66
C MET D 326 50.91 -12.95 -0.22
N THR D 327 50.37 -12.11 -1.11
CA THR D 327 50.00 -10.74 -0.78
C THR D 327 48.47 -10.65 -0.65
N VAL D 328 47.98 -9.73 0.19
CA VAL D 328 46.55 -9.58 0.42
C VAL D 328 45.81 -9.02 -0.81
N ARG D 329 44.75 -9.72 -1.22
CA ARG D 329 43.89 -9.34 -2.35
C ARG D 329 42.51 -9.04 -1.76
N GLU D 330 42.05 -7.80 -1.90
CA GLU D 330 40.76 -7.38 -1.33
C GLU D 330 39.58 -7.74 -2.26
N ARG D 331 38.56 -8.41 -1.70
CA ARG D 331 37.41 -8.92 -2.47
C ARG D 331 36.05 -8.66 -1.79
N GLY D 332 35.75 -7.38 -1.57
CA GLY D 332 34.49 -6.92 -1.02
C GLY D 332 34.24 -7.28 0.44
N SER D 333 33.57 -8.42 0.65
CA SER D 333 33.22 -8.92 1.98
C SER D 333 34.34 -9.75 2.62
N VAL D 334 35.36 -10.14 1.84
CA VAL D 334 36.48 -10.93 2.32
C VAL D 334 37.78 -10.42 1.70
N GLN D 335 38.88 -10.70 2.36
CA GLN D 335 40.22 -10.42 1.86
C GLN D 335 41.01 -11.73 1.91
N HIS D 336 41.79 -11.99 0.86
CA HIS D 336 42.49 -13.25 0.77
C HIS D 336 43.97 -13.13 0.53
N LEU D 337 44.73 -14.19 0.86
CA LEU D 337 46.13 -14.26 0.48
C LEU D 337 46.11 -14.72 -0.97
N GLY D 338 46.82 -14.00 -1.83
CA GLY D 338 46.86 -14.34 -3.25
C GLY D 338 48.27 -14.39 -3.79
N SER D 339 48.51 -15.26 -4.74
CA SER D 339 49.79 -15.33 -5.44
C SER D 339 49.55 -15.32 -6.94
N THR D 340 50.41 -14.66 -7.70
CA THR D 340 50.32 -14.58 -9.15
C THR D 340 51.42 -15.42 -9.76
N ILE D 341 51.03 -16.46 -10.48
CA ILE D 341 51.95 -17.38 -11.12
C ILE D 341 51.89 -17.17 -12.64
N ARG D 342 53.05 -17.01 -13.25
CA ARG D 342 53.17 -16.78 -14.67
C ARG D 342 54.08 -17.80 -15.32
N ALA D 343 53.84 -18.07 -16.59
CA ALA D 343 54.63 -19.04 -17.35
C ALA D 343 54.50 -18.74 -18.88
N ARG D 344 55.28 -19.43 -19.72
CA ARG D 344 55.11 -19.30 -21.16
C ARG D 344 54.52 -20.61 -21.66
N LEU D 345 53.44 -20.56 -22.44
CA LEU D 345 52.81 -21.76 -22.97
C LEU D 345 53.77 -22.48 -23.91
N ASP D 346 54.05 -23.77 -23.63
CA ASP D 346 54.96 -24.54 -24.46
C ASP D 346 54.38 -24.71 -25.87
N PRO D 347 55.20 -24.65 -26.93
CA PRO D 347 54.66 -24.81 -28.30
C PRO D 347 53.94 -26.16 -28.50
N SER D 348 54.29 -27.19 -27.72
CA SER D 348 53.61 -28.50 -27.83
C SER D 348 52.26 -28.53 -27.07
N SER D 349 51.96 -27.50 -26.26
CA SER D 349 50.73 -27.40 -25.49
C SER D 349 49.74 -26.41 -26.17
N ASP D 350 48.55 -26.21 -25.58
CA ASP D 350 47.55 -25.31 -26.12
C ASP D 350 46.68 -24.74 -24.97
N ARG D 351 45.88 -23.71 -25.26
CA ARG D 351 45.07 -23.06 -24.23
C ARG D 351 44.12 -24.03 -23.48
N MET D 352 43.55 -25.07 -24.14
CA MET D 352 42.64 -26.00 -23.43
C MET D 352 43.44 -26.91 -22.50
N ALA D 353 44.64 -27.31 -22.92
CA ALA D 353 45.53 -28.10 -22.08
C ALA D 353 45.94 -27.27 -20.85
N ALA D 354 46.17 -25.95 -21.03
CA ALA D 354 46.52 -25.07 -19.91
C ALA D 354 45.35 -25.02 -18.92
N LEU D 355 44.11 -24.86 -19.43
CA LEU D 355 42.91 -24.85 -18.59
C LEU D 355 42.75 -26.19 -17.84
N GLU D 356 42.90 -27.32 -18.54
CA GLU D 356 42.82 -28.65 -17.93
C GLU D 356 43.90 -28.83 -16.84
N ALA D 357 45.13 -28.37 -17.11
CA ALA D 357 46.23 -28.48 -16.14
C ALA D 357 45.89 -27.77 -14.82
N LEU D 358 45.17 -26.65 -14.88
CA LEU D 358 44.82 -25.87 -13.69
C LEU D 358 43.38 -26.11 -13.15
N PHE D 359 42.67 -27.10 -13.71
CA PHE D 359 41.29 -27.40 -13.38
C PHE D 359 41.06 -28.73 -12.63
N PRO D 360 40.06 -28.77 -11.72
CA PRO D 360 39.38 -27.60 -11.14
C PRO D 360 40.39 -26.77 -10.37
N ALA D 361 40.12 -25.48 -10.12
CA ALA D 361 41.06 -24.62 -9.37
C ALA D 361 41.46 -25.30 -8.06
N VAL D 362 42.76 -25.45 -7.81
CA VAL D 362 43.24 -26.09 -6.59
C VAL D 362 42.64 -25.41 -5.33
N THR D 363 42.41 -24.09 -5.39
CA THR D 363 41.84 -23.34 -4.25
C THR D 363 40.33 -23.63 -4.05
N ALA D 364 39.69 -24.33 -4.98
CA ALA D 364 38.27 -24.69 -4.89
C ALA D 364 38.07 -26.23 -4.94
N SER D 365 39.17 -27.04 -4.87
CA SER D 365 39.03 -28.52 -4.91
C SER D 365 39.80 -29.19 -3.74
N GLY D 366 41.12 -29.35 -3.85
CA GLY D 366 41.90 -29.96 -2.77
C GLY D 366 43.29 -30.38 -3.13
N ILE D 367 44.00 -30.90 -2.11
CA ILE D 367 45.38 -31.34 -2.23
C ILE D 367 45.57 -32.66 -1.50
N PRO D 368 46.11 -33.72 -2.15
CA PRO D 368 46.37 -33.85 -3.59
C PRO D 368 45.04 -33.68 -4.32
N LYS D 369 45.05 -33.06 -5.49
CA LYS D 369 43.82 -32.75 -6.20
C LYS D 369 42.98 -33.99 -6.51
N ALA D 370 43.61 -35.09 -6.93
CA ALA D 370 42.86 -36.32 -7.22
C ALA D 370 42.03 -36.80 -6.01
N ALA D 371 42.66 -36.82 -4.80
CA ALA D 371 41.98 -37.25 -3.58
C ALA D 371 40.91 -36.22 -3.13
N GLY D 372 41.19 -34.93 -3.33
CA GLY D 372 40.27 -33.86 -2.97
C GLY D 372 39.01 -33.87 -3.81
N VAL D 373 39.17 -34.11 -5.14
CA VAL D 373 38.03 -34.18 -6.05
C VAL D 373 37.19 -35.39 -5.69
N GLU D 374 37.84 -36.54 -5.42
CA GLU D 374 37.11 -37.75 -5.02
C GLU D 374 36.32 -37.49 -3.72
N ALA D 375 36.93 -36.76 -2.75
CA ALA D 375 36.25 -36.38 -1.51
C ALA D 375 35.02 -35.48 -1.78
N ILE D 376 35.11 -34.53 -2.72
CA ILE D 376 33.97 -33.65 -3.06
C ILE D 376 32.79 -34.49 -3.61
N PHE D 377 33.06 -35.57 -4.38
CA PHE D 377 31.98 -36.44 -4.85
C PHE D 377 31.19 -37.07 -3.70
N ARG D 378 31.88 -37.37 -2.59
CA ARG D 378 31.25 -38.01 -1.45
C ARG D 378 30.70 -37.03 -0.40
N LEU D 379 31.38 -35.89 -0.21
CA LEU D 379 31.07 -34.97 0.88
C LEU D 379 30.47 -33.63 0.45
N ASP D 380 30.26 -33.40 -0.83
CA ASP D 380 29.64 -32.16 -1.31
C ASP D 380 28.43 -32.50 -2.20
N GLU D 381 27.49 -31.56 -2.34
CA GLU D 381 26.33 -31.77 -3.24
C GLU D 381 26.82 -31.73 -4.69
N CYS D 382 26.73 -32.86 -5.39
CA CYS D 382 27.23 -32.99 -6.77
C CYS D 382 26.09 -33.34 -7.74
N PRO D 383 26.18 -32.93 -9.03
CA PRO D 383 27.27 -32.14 -9.63
C PRO D 383 27.23 -30.68 -9.17
N ARG D 384 28.40 -30.09 -9.04
CA ARG D 384 28.51 -28.68 -8.67
C ARG D 384 28.08 -27.78 -9.84
N GLY D 385 28.32 -28.22 -11.08
CA GLY D 385 27.94 -27.45 -12.26
C GLY D 385 28.74 -26.16 -12.38
N LEU D 386 28.03 -25.01 -12.53
CA LEU D 386 28.71 -23.72 -12.65
C LEU D 386 29.60 -23.42 -11.44
N TYR D 387 29.09 -23.68 -10.24
CA TYR D 387 29.85 -23.37 -9.02
C TYR D 387 31.24 -24.07 -8.99
N SER D 388 32.28 -23.26 -8.76
CA SER D 388 33.71 -23.61 -8.71
C SER D 388 34.24 -24.11 -10.10
N GLY D 389 33.43 -23.90 -11.15
CA GLY D 389 33.87 -24.07 -12.51
C GLY D 389 34.41 -22.71 -12.94
N ALA D 390 34.29 -22.39 -14.23
CA ALA D 390 34.77 -21.11 -14.72
C ALA D 390 33.83 -20.50 -15.75
N VAL D 391 33.85 -19.18 -15.85
CA VAL D 391 33.19 -18.45 -16.91
C VAL D 391 34.33 -18.06 -17.83
N VAL D 392 34.21 -18.35 -19.14
CA VAL D 392 35.31 -18.17 -20.05
C VAL D 392 35.03 -17.24 -21.23
N MET D 393 36.11 -16.64 -21.72
CA MET D 393 36.15 -15.82 -22.92
C MET D 393 37.36 -16.29 -23.73
N LEU D 394 37.11 -16.75 -24.93
CA LEU D 394 38.11 -17.27 -25.84
C LEU D 394 38.23 -16.39 -27.06
N SER D 395 39.44 -16.25 -27.62
CA SER D 395 39.66 -15.40 -28.79
C SER D 395 40.34 -16.14 -29.93
N ALA D 396 40.02 -15.74 -31.17
CA ALA D 396 40.58 -16.34 -32.38
C ALA D 396 42.13 -16.29 -32.41
N ASP D 397 42.75 -15.29 -31.76
CA ASP D 397 44.22 -15.18 -31.74
C ASP D 397 44.90 -16.11 -30.71
N GLY D 398 44.16 -17.01 -30.10
CA GLY D 398 44.71 -17.94 -29.10
C GLY D 398 44.42 -17.59 -27.66
N GLY D 399 43.80 -16.45 -27.42
CA GLY D 399 43.48 -16.00 -26.07
C GLY D 399 42.48 -16.87 -25.35
N LEU D 400 42.63 -16.94 -24.03
CA LEU D 400 41.71 -17.63 -23.12
C LEU D 400 41.71 -16.86 -21.81
N ASP D 401 40.53 -16.57 -21.28
CA ASP D 401 40.42 -15.92 -19.99
C ASP D 401 39.36 -16.68 -19.21
N ALA D 402 39.74 -17.25 -18.07
CA ALA D 402 38.84 -18.09 -17.29
C ALA D 402 38.77 -17.65 -15.85
N ALA D 403 37.62 -17.09 -15.49
CA ALA D 403 37.32 -16.59 -14.14
C ALA D 403 36.70 -17.69 -13.28
N LEU D 404 37.24 -17.92 -12.10
CA LEU D 404 36.73 -18.93 -11.19
C LEU D 404 35.36 -18.54 -10.70
N THR D 405 34.38 -19.42 -10.91
CA THR D 405 32.99 -19.11 -10.59
C THR D 405 32.69 -19.36 -9.14
N LEU D 406 32.98 -18.34 -8.35
CA LEU D 406 32.71 -18.22 -6.94
C LEU D 406 32.05 -16.86 -6.72
N ARG D 407 31.39 -16.68 -5.57
CA ARG D 407 30.72 -15.41 -5.24
C ARG D 407 29.65 -15.12 -6.30
N ALA D 408 28.89 -16.16 -6.65
CA ALA D 408 27.91 -16.11 -7.73
C ALA D 408 26.50 -16.55 -7.28
N ALA D 409 25.47 -16.09 -8.02
CA ALA D 409 24.08 -16.46 -7.83
C ALA D 409 23.57 -17.16 -9.10
N TYR D 410 22.62 -18.10 -8.93
CA TYR D 410 22.12 -18.92 -10.03
C TYR D 410 20.61 -19.01 -10.00
N GLN D 411 20.00 -19.18 -11.18
CA GLN D 411 18.58 -19.41 -11.33
C GLN D 411 18.36 -20.41 -12.45
N VAL D 412 17.87 -21.59 -12.08
CA VAL D 412 17.58 -22.67 -13.02
C VAL D 412 16.27 -23.33 -12.60
N GLY D 413 15.34 -23.48 -13.53
CA GLY D 413 14.05 -24.12 -13.32
C GLY D 413 13.27 -23.75 -12.07
N GLY D 414 13.05 -22.45 -11.86
CA GLY D 414 12.28 -21.96 -10.71
C GLY D 414 13.04 -21.83 -9.41
N ARG D 415 14.29 -22.33 -9.37
CA ARG D 415 15.11 -22.30 -8.17
C ARG D 415 16.21 -21.23 -8.27
N THR D 416 16.30 -20.35 -7.27
CA THR D 416 17.34 -19.32 -7.18
C THR D 416 18.22 -19.63 -5.98
N TRP D 417 19.56 -19.63 -6.14
CA TRP D 417 20.41 -19.95 -5.00
C TRP D 417 21.81 -19.35 -5.09
N LEU D 418 22.44 -19.26 -3.94
CA LEU D 418 23.82 -18.86 -3.74
C LEU D 418 24.61 -20.12 -3.33
N ARG D 419 25.96 -20.06 -3.41
CA ARG D 419 26.79 -21.19 -3.01
C ARG D 419 28.17 -20.70 -2.63
N ALA D 420 28.63 -21.08 -1.44
CA ALA D 420 29.97 -20.68 -0.99
C ALA D 420 30.65 -21.82 -0.25
N GLY D 421 31.98 -21.84 -0.32
CA GLY D 421 32.77 -22.90 0.30
C GLY D 421 33.94 -22.44 1.14
N ALA D 422 34.65 -23.40 1.70
CA ALA D 422 35.80 -23.11 2.55
C ALA D 422 36.82 -24.24 2.45
N GLY D 423 38.10 -23.87 2.45
CA GLY D 423 39.19 -24.82 2.43
C GLY D 423 39.33 -25.44 3.80
N ILE D 424 39.37 -26.76 3.86
CA ILE D 424 39.46 -27.50 5.11
C ILE D 424 40.81 -28.21 5.21
N ILE D 425 41.55 -27.95 6.30
CA ILE D 425 42.81 -28.63 6.56
C ILE D 425 42.69 -29.36 7.95
N GLU D 426 43.73 -30.09 8.39
CA GLU D 426 43.66 -30.87 9.64
C GLU D 426 43.23 -30.02 10.85
N GLU D 427 43.70 -28.78 10.93
CA GLU D 427 43.40 -27.91 12.07
C GLU D 427 42.07 -27.14 11.96
N SER D 428 41.28 -27.38 10.89
CA SER D 428 40.01 -26.67 10.69
C SER D 428 38.95 -27.01 11.74
N GLU D 429 38.13 -26.00 12.07
CA GLU D 429 37.04 -26.13 13.02
C GLU D 429 35.73 -25.86 12.28
N PRO D 430 34.75 -26.79 12.37
CA PRO D 430 33.48 -26.60 11.64
C PRO D 430 32.81 -25.24 11.82
N GLU D 431 32.81 -24.71 13.07
CA GLU D 431 32.16 -23.42 13.31
C GLU D 431 32.85 -22.29 12.55
N ARG D 432 34.19 -22.20 12.60
CA ARG D 432 34.91 -21.16 11.88
C ARG D 432 34.73 -21.32 10.37
N GLU D 433 34.73 -22.57 9.86
CA GLU D 433 34.55 -22.79 8.42
C GLU D 433 33.15 -22.36 7.97
N PHE D 434 32.12 -22.61 8.80
CA PHE D 434 30.77 -22.17 8.50
C PHE D 434 30.72 -20.63 8.48
N GLU D 435 31.38 -19.98 9.45
CA GLU D 435 31.44 -18.52 9.50
C GLU D 435 32.16 -17.96 8.26
N GLU D 436 33.20 -18.65 7.79
CA GLU D 436 33.91 -18.23 6.57
C GLU D 436 32.96 -18.22 5.36
N THR D 437 32.07 -19.24 5.26
CA THR D 437 31.10 -19.26 4.15
C THR D 437 30.15 -18.07 4.27
N CYS D 438 29.78 -17.65 5.51
CA CYS D 438 28.91 -16.48 5.72
C CYS D 438 29.61 -15.23 5.23
N GLU D 439 30.92 -15.07 5.57
CA GLU D 439 31.72 -13.94 5.12
C GLU D 439 31.77 -13.88 3.58
N LYS D 440 31.96 -15.02 2.92
CA LYS D 440 32.01 -15.07 1.45
C LYS D 440 30.62 -14.82 0.83
N LEU D 441 29.53 -15.33 1.47
CA LEU D 441 28.15 -15.11 1.01
C LEU D 441 27.77 -13.62 1.08
N SER D 442 28.36 -12.87 2.04
CA SER D 442 28.15 -11.43 2.21
C SER D 442 28.63 -10.61 1.01
N THR D 443 29.32 -11.24 0.02
CA THR D 443 29.67 -10.56 -1.22
C THR D 443 28.35 -10.26 -2.01
N LEU D 444 27.31 -11.10 -1.84
CA LEU D 444 26.03 -11.00 -2.54
C LEU D 444 24.81 -10.73 -1.66
N THR D 445 24.71 -11.37 -0.47
CA THR D 445 23.52 -11.30 0.37
C THR D 445 23.00 -9.86 0.67
N PRO D 446 23.81 -8.79 0.84
CA PRO D 446 23.20 -7.45 1.07
C PRO D 446 22.72 -6.77 -0.23
N TYR D 447 22.93 -7.41 -1.41
CA TYR D 447 22.65 -6.74 -2.68
C TYR D 447 21.66 -7.46 -3.60
N LEU D 448 20.78 -8.31 -3.06
CA LEU D 448 19.80 -9.03 -3.88
C LEU D 448 18.57 -8.16 -4.19
N VAL D 449 18.38 -7.81 -5.46
CA VAL D 449 17.24 -7.01 -5.89
C VAL D 449 16.13 -7.95 -6.33
N ALA D 450 14.97 -7.92 -5.65
CA ALA D 450 13.84 -8.78 -5.99
C ALA D 450 13.26 -8.42 -7.36
N ARG D 451 12.78 -9.44 -8.09
CA ARG D 451 12.19 -9.24 -9.41
C ARG D 451 10.83 -8.61 -9.28
C1 GOL E . 0.01 -24.18 -0.90
O1 GOL E . -1.27 -23.62 -1.22
C2 GOL E . 0.72 -24.70 -2.13
O2 GOL E . 1.14 -23.61 -2.95
C3 GOL E . 1.92 -25.52 -1.73
O3 GOL E . 2.86 -24.72 -1.02
P PO4 F . -26.31 -19.26 -9.57
O1 PO4 F . -25.60 -19.43 -8.15
O2 PO4 F . -25.47 -20.00 -10.65
O3 PO4 F . -26.36 -17.70 -9.95
O4 PO4 F . -27.78 -19.86 -9.43
CL CL G . -17.90 -19.91 -9.60
C1 GOL H . 15.30 43.86 -4.94
O1 GOL H . 13.94 43.79 -5.38
C2 GOL H . 15.39 43.69 -3.44
O2 GOL H . 15.06 42.35 -3.07
C3 GOL H . 16.77 44.05 -2.93
O3 GOL H . 17.76 43.20 -3.50
BA BA I . -11.24 50.35 -13.59
P PO4 J . -11.67 47.42 -10.76
O1 PO4 J . -10.84 46.50 -9.87
O2 PO4 J . -12.45 48.50 -9.87
O3 PO4 J . -10.75 48.31 -11.71
O4 PO4 J . -12.75 46.59 -11.61
CL CL K . -4.75 44.73 -7.21
CL CL L . 1.96 46.53 -26.01
C1 GOL M . 1.18 7.81 27.40
O1 GOL M . -0.15 7.68 26.92
C2 GOL M . 1.26 7.58 28.89
O2 GOL M . 1.25 6.17 29.18
C3 GOL M . 2.48 8.22 29.50
O3 GOL M . 3.68 7.74 28.92
P PO4 N . -26.60 6.61 23.17
O1 PO4 N . -25.72 6.08 24.41
O2 PO4 N . -26.98 5.44 22.21
O3 PO4 N . -27.92 7.31 23.74
O4 PO4 N . -25.79 7.72 22.36
CL CL O . -19.02 4.94 25.83
C1 GOL P . 13.18 -20.05 -5.31
O1 GOL P . 14.54 -20.29 -4.94
C2 GOL P . 13.05 -18.69 -5.97
O2 GOL P . 13.45 -18.77 -7.34
C3 GOL P . 11.64 -18.14 -5.89
O3 GOL P . 10.79 -18.72 -6.86
BA BA Q . 39.63 -22.25 5.78
P PO4 R . 40.13 -20.72 2.07
O1 PO4 R . 41.35 -21.74 1.83
O2 PO4 R . 40.65 -19.33 2.67
O3 PO4 R . 39.37 -20.45 0.69
O4 PO4 R . 39.12 -21.39 3.12
CL CL S . 33.20 -19.16 -2.23
#